data_8YIH
#
_entry.id   8YIH
#
_cell.length_a   1.00
_cell.length_b   1.00
_cell.length_c   1.00
_cell.angle_alpha   90.00
_cell.angle_beta   90.00
_cell.angle_gamma   90.00
#
_symmetry.space_group_name_H-M   'P 1'
#
loop_
_entity.id
_entity.type
_entity.pdbx_description
1 polymer 'Isoform PD of Protein Loquacious'
2 polymer 'Dicer-2, isoform A'
3 polymer slm1
4 non-polymer 'MAGNESIUM ION'
5 non-polymer "ADENOSINE-5'-DIPHOSPHATE"
#
loop_
_entity_poly.entity_id
_entity_poly.type
_entity_poly.pdbx_seq_one_letter_code
_entity_poly.pdbx_strand_id
1 'polypeptide(L)'
;MDQENFHGSSLPQQLQNLHIQPQQASPNPVQTGFAPRRHYNNLVGLGNGNAVSGSPVKGAPLGQRHVKLKKEKISAQVAQ
LSQPGQLQLSDVGDPALAGGSGLQGGVGLMGVILPSDEALKFVSETDANGLAMKTPVSILQELLSRRGITPGYELVQIEG
AIHEPTFRFRVSFKDKDTPFTAMGAGRSKKEAKHAAARALIDKLIGAQLPESPSSSAGPSVTGLTVAGSGGDGNANATGG
GDASDKTVGNPIGWLQEMCMQRRWPPPSYETETEVGLPHERLFTIACSILNYREMGKGKSKKIAKRLAAHRMWMRLQETP
IDSGKISDSICGELEGEVSIIQDIDRYEQVSKDFEFIKI
;
B
2 'polypeptide(L)'
;EDVEIKPRGYQLRLVDHLTKSNGIVYLPTGSGKTFVAILVLKRFSQDFDKPIESGGKRALFMCNTVELARQQAMAVRRCT
NFKVGFYVGEQGVDDWTRGMWSDEIKKNQVLVGTAQVFLDMVTQTYVALSSLSVVIIDECHHGTGHHPFREFMRLFTIAN
QTKLPRVVGLTGVLIKGNEITNVATKLKELEITYRGNIITVSDTKEMENVMLYATKPTEVMVSFPHQEQVLTVTRLISAE
IEKFYVSLDLMNIGVQPIRRSKSLQCLRDPSKKSFVKQLFNDFLYQMKEYGIYAASIAIISLIVEFDIKRRQAETLSVKL
MHRTALTLCEKIRHLLVQKLQDMTYDDDDDNVNTEEVIMNFSTPKVQRFLMSLKVSFADKDPKDICCLVFVERRYTCKCI
YGLLLNYIQSTPELRNVLTPQFMVGRNNISPDFESVLERKWQKSAIQQFRDGNANLMICSSVLEEGIDVQACNHVFILDP
VKTFNMYVQSKGRARTTEAKFVLFTADKEREKTIQQIYQYRKAHNDIAEYLKDRVLEKTEPELYEIKGHFQDDIDPFTNE
NGAVLLPNNALAILHRYCQTIPTDAFGFVIPWFHVLQEDERDRIFGVSAKGKHVISINMPVNCMLRDTIYSDPMDNVKTA
KISAAFKACKVLYSLGELNERFVPKTLKERVASIADVHFEHWNKYGDSVTATVNKADKSKDRTYKTECPLEFYDALPRVG
EICYAYEIFLEPQFESCEYTEHMYLNLQTPRNYAILLRNKLPRLAEMPLFSNQGKLHVRVANAPLEVIIQNSEQLELLHQ
FHGMVFRDILKIWHPFFVLDRRSKENSYLVVPLILGAGEQKCFDWELMTNFRRLPQSHGSNVQQREQQPAPRPEDFEGKI
VTQWYANYDKPMLVTKVHRELTPLSYMEKNQQDKTYYEFTMSKYGNRIGDVVHKDKFMIEVRDLTEQLTFYVHNRGKFNA
KSKAKMKVILIPELCFNFNFPGDLWLKLIFLPSILNRMYFLLHAEALRKRFNTYLNLHLLPFNGTDYMPRPLEIDYSLKR
NVDPLGNVIPTEDIEEPKSLLEPMPTKSIEASVANLEITEFENPWQKYMEPVDLSRNLLSTYPVELDYYYHFSVGNVCEM
NEMDFEDKEYWAKNQFHMPTGNIYGNRTPAKTNANVPALMPSKPTVRGKVKPLLILQKTVSKEHITPAEQGEFLAAITAS
SAADVFDMERLEILGNSFLKLSATLYLASKYSDWNEGTLTEVKSKLVSNRNLLFCLIDADIPKTLNTIQFTPRYTWLPPG
ISLPHNVLALWRENPEFAKIIGPHNLRDLALGDEESLVKGNCSDINYNRFVEGCRANGQSFYAGADFSSEVNFCVGLVTI
PNKVIADTLEALLGVIVKNYGLQHAFKMLEYFKICRADIDKPLTQLLNLELGGKKMRANVNTTEIDGFLINHYYLEKNLG
YTFKDRRYLLQALTHPSYPTNRITGSYQELEFIGNAILDFLISAYIFENNTKMNPGALTDLRSALVNNTTLACICVRHRL
HFFILAENAKLSEIISKFVNFQESQGHRVTNYVRILLEEADVQPTPLDLDDELDMTELPHANKCISQEAEKGVPPKGEFN
MSTNVDVPKALGDVLEALIAAVYLDCRDLQRTWEVIFNLFEPELQEFTRKVPINHIRQLVEHKHAKPVFSSPIVEGETVM
VSCQFTCMEKTIKVYGFGSNKDQAKLSAAKHALQQLSKCDA
;
A
3 'polyribonucleotide'
;GUAGCAUGAUCAUCCGAAUCCUCUACAACGAUUUUUUCCCCAUUAUUGAAUAAUGGCAAAAAAUCCUUGUAGUGGAUUCG
GAUGAUAAUGCUACUG
;
C
#
loop_
_chem_comp.id
_chem_comp.type
_chem_comp.name
_chem_comp.formula
A RNA linking ADENOSINE-5'-MONOPHOSPHATE 'C10 H14 N5 O7 P'
ADP non-polymer ADENOSINE-5'-DIPHOSPHATE 'C10 H15 N5 O10 P2'
C RNA linking CYTIDINE-5'-MONOPHOSPHATE 'C9 H14 N3 O8 P'
G RNA linking GUANOSINE-5'-MONOPHOSPHATE 'C10 H14 N5 O8 P'
MG non-polymer 'MAGNESIUM ION' 'Mg 2'
U RNA linking URIDINE-5'-MONOPHOSPHATE 'C9 H13 N2 O9 P'
#
# COMPACT_ATOMS: atom_id res chain seq x y z
N ILE A 344 -52.13 -31.61 -34.18
CA ILE A 344 -52.02 -33.06 -34.15
C ILE A 344 -51.96 -33.54 -32.70
N ASP A 345 -51.75 -32.58 -31.80
CA ASP A 345 -51.73 -32.83 -30.35
C ASP A 345 -50.63 -33.80 -29.95
N ARG A 346 -50.72 -35.04 -30.41
CA ARG A 346 -49.78 -36.10 -30.03
C ARG A 346 -48.84 -36.38 -31.20
N TYR A 347 -47.55 -36.39 -30.92
CA TYR A 347 -46.56 -36.73 -31.94
C TYR A 347 -46.68 -38.19 -32.34
N GLU A 348 -46.47 -38.45 -33.62
CA GLU A 348 -46.56 -39.82 -34.13
C GLU A 348 -45.40 -40.65 -33.59
N GLN A 349 -45.59 -41.97 -33.60
CA GLN A 349 -44.53 -42.89 -33.21
C GLN A 349 -43.73 -43.28 -34.44
N VAL A 350 -42.43 -43.03 -34.40
CA VAL A 350 -41.52 -43.45 -35.46
C VAL A 350 -41.40 -44.96 -35.40
N SER A 351 -40.80 -45.56 -36.43
CA SER A 351 -40.71 -47.01 -36.49
C SER A 351 -40.03 -47.55 -35.23
N LYS A 352 -40.80 -48.24 -34.40
CA LYS A 352 -40.23 -48.84 -33.19
C LYS A 352 -39.16 -49.85 -33.54
N ASP A 353 -39.43 -50.68 -34.55
CA ASP A 353 -38.43 -51.59 -35.09
C ASP A 353 -37.74 -50.91 -36.27
N PHE A 354 -36.45 -50.62 -36.11
CA PHE A 354 -35.69 -49.92 -37.15
C PHE A 354 -34.25 -50.36 -37.06
N GLU A 355 -33.81 -51.14 -38.05
CA GLU A 355 -32.42 -51.54 -38.18
C GLU A 355 -31.66 -50.49 -38.99
N PHE A 356 -30.42 -50.23 -38.58
CA PHE A 356 -29.64 -49.16 -39.19
C PHE A 356 -29.39 -49.43 -40.66
N ILE A 357 -29.45 -48.38 -41.47
CA ILE A 357 -29.09 -48.47 -42.88
C ILE A 357 -27.60 -48.14 -43.02
N LYS A 358 -26.97 -48.77 -44.01
CA LYS A 358 -25.56 -48.59 -44.27
C LYS A 358 -25.37 -47.87 -45.61
N ILE A 359 -24.61 -46.78 -45.60
CA ILE A 359 -24.35 -46.03 -46.80
C ILE A 359 -23.44 -46.85 -47.72
N GLU B 1 7.72 -41.04 -18.55
CA GLU B 1 8.01 -42.37 -19.08
C GLU B 1 9.52 -42.61 -19.13
N ASP B 2 9.95 -43.55 -19.96
CA ASP B 2 11.34 -43.96 -20.00
C ASP B 2 11.74 -44.14 -21.47
N VAL B 3 12.84 -44.85 -21.71
CA VAL B 3 13.43 -44.93 -23.04
C VAL B 3 12.79 -46.04 -23.85
N GLU B 4 11.81 -46.74 -23.27
CA GLU B 4 11.14 -47.80 -24.01
C GLU B 4 10.24 -47.26 -25.12
N ILE B 5 10.03 -45.95 -25.18
CA ILE B 5 9.18 -45.33 -26.19
C ILE B 5 9.95 -45.31 -27.50
N LYS B 6 9.59 -46.20 -28.42
CA LYS B 6 10.39 -46.47 -29.61
C LYS B 6 9.73 -45.91 -30.86
N PRO B 7 10.39 -45.02 -31.58
CA PRO B 7 9.81 -44.49 -32.83
C PRO B 7 9.67 -45.57 -33.90
N ARG B 8 8.68 -45.37 -34.77
CA ARG B 8 8.46 -46.26 -35.90
C ARG B 8 9.37 -45.85 -37.06
N GLY B 9 9.22 -46.55 -38.19
CA GLY B 9 10.11 -46.32 -39.32
C GLY B 9 9.90 -44.98 -39.99
N TYR B 10 8.69 -44.44 -39.97
CA TYR B 10 8.43 -43.16 -40.61
C TYR B 10 8.84 -41.98 -39.76
N GLN B 11 8.78 -42.11 -38.43
CA GLN B 11 9.16 -40.99 -37.58
C GLN B 11 10.64 -40.67 -37.73
N LEU B 12 11.48 -41.69 -37.90
CA LEU B 12 12.92 -41.45 -38.05
C LEU B 12 13.20 -40.65 -39.32
N ARG B 13 12.58 -41.03 -40.43
CA ARG B 13 12.79 -40.30 -41.67
C ARG B 13 12.17 -38.91 -41.60
N LEU B 14 11.06 -38.77 -40.88
CA LEU B 14 10.45 -37.45 -40.70
C LEU B 14 11.40 -36.53 -39.95
N VAL B 15 12.01 -37.02 -38.87
CA VAL B 15 12.96 -36.21 -38.13
C VAL B 15 14.18 -35.88 -38.98
N ASP B 16 14.70 -36.87 -39.72
CA ASP B 16 15.88 -36.63 -40.53
C ASP B 16 15.60 -35.56 -41.59
N HIS B 17 14.42 -35.62 -42.21
CA HIS B 17 14.07 -34.63 -43.22
C HIS B 17 13.85 -33.25 -42.59
N LEU B 18 13.19 -33.21 -41.42
CA LEU B 18 12.93 -31.92 -40.77
C LEU B 18 14.22 -31.26 -40.32
N THR B 19 15.22 -32.05 -39.94
CA THR B 19 16.50 -31.47 -39.57
C THR B 19 17.13 -30.72 -40.73
N LYS B 20 17.08 -31.31 -41.93
CA LYS B 20 17.73 -30.70 -43.08
C LYS B 20 16.97 -29.45 -43.54
N SER B 21 15.65 -29.47 -43.47
CA SER B 21 14.85 -28.35 -43.93
C SER B 21 13.61 -28.19 -43.06
N ASN B 22 13.11 -26.96 -43.00
CA ASN B 22 11.85 -26.69 -42.33
C ASN B 22 10.70 -27.39 -43.04
N GLY B 23 9.55 -27.45 -42.39
CA GLY B 23 8.39 -28.03 -43.01
C GLY B 23 7.27 -28.21 -42.03
N ILE B 24 6.09 -28.51 -42.58
CA ILE B 24 4.89 -28.81 -41.81
C ILE B 24 4.59 -30.30 -41.95
N VAL B 25 4.60 -31.01 -40.84
CA VAL B 25 4.25 -32.42 -40.85
C VAL B 25 2.73 -32.56 -40.86
N TYR B 26 2.24 -33.48 -41.68
CA TYR B 26 0.80 -33.71 -41.84
C TYR B 26 0.54 -35.20 -41.65
N LEU B 27 -0.06 -35.55 -40.52
CA LEU B 27 -0.43 -36.92 -40.22
C LEU B 27 -1.78 -36.93 -39.54
N PRO B 28 -2.55 -38.02 -39.67
CA PRO B 28 -3.84 -38.09 -38.96
C PRO B 28 -3.63 -38.03 -37.46
N THR B 29 -4.65 -37.51 -36.77
CA THR B 29 -4.56 -37.34 -35.32
C THR B 29 -4.36 -38.69 -34.64
N GLY B 30 -3.57 -38.67 -33.55
CA GLY B 30 -3.26 -39.89 -32.85
C GLY B 30 -2.24 -40.77 -33.53
N SER B 31 -1.41 -40.21 -34.40
CA SER B 31 -0.36 -40.96 -35.06
C SER B 31 0.97 -40.86 -34.35
N GLY B 32 1.01 -40.21 -33.19
CA GLY B 32 2.27 -40.00 -32.49
C GLY B 32 3.03 -38.77 -32.92
N LYS B 33 2.35 -37.78 -33.50
CA LYS B 33 3.06 -36.62 -34.04
C LYS B 33 3.77 -35.83 -32.94
N THR B 34 3.20 -35.79 -31.74
CA THR B 34 3.91 -35.12 -30.65
C THR B 34 5.19 -35.84 -30.30
N PHE B 35 5.21 -37.17 -30.41
CA PHE B 35 6.42 -37.93 -30.13
C PHE B 35 7.50 -37.62 -31.16
N VAL B 36 7.13 -37.57 -32.44
CA VAL B 36 8.12 -37.22 -33.45
C VAL B 36 8.55 -35.77 -33.28
N ALA B 37 7.66 -34.92 -32.76
CA ALA B 37 8.02 -33.53 -32.51
C ALA B 37 9.08 -33.41 -31.43
N ILE B 38 8.88 -34.10 -30.29
CA ILE B 38 9.89 -34.06 -29.25
C ILE B 38 11.18 -34.73 -29.73
N LEU B 39 11.06 -35.79 -30.55
CA LEU B 39 12.26 -36.40 -31.13
C LEU B 39 13.04 -35.38 -31.95
N VAL B 40 12.34 -34.57 -32.74
CA VAL B 40 13.00 -33.46 -33.43
C VAL B 40 13.65 -32.53 -32.43
N LEU B 41 12.94 -32.23 -31.33
CA LEU B 41 13.50 -31.40 -30.28
C LEU B 41 14.77 -31.98 -29.68
N LYS B 42 14.93 -33.30 -29.71
CA LYS B 42 16.17 -33.90 -29.24
C LYS B 42 17.35 -33.46 -30.10
N ARG B 43 17.14 -33.34 -31.41
CA ARG B 43 18.23 -33.01 -32.32
C ARG B 43 18.74 -31.59 -32.16
N PHE B 44 18.03 -30.74 -31.41
CA PHE B 44 18.47 -29.36 -31.18
C PHE B 44 18.91 -29.14 -29.74
N SER B 45 19.30 -30.21 -29.04
CA SER B 45 19.73 -30.12 -27.66
C SER B 45 21.16 -29.62 -27.52
N GLN B 46 21.73 -29.06 -28.58
CA GLN B 46 23.14 -28.65 -28.55
C GLN B 46 23.36 -27.39 -27.73
N ASP B 47 22.51 -26.37 -27.90
CA ASP B 47 22.72 -25.07 -27.30
C ASP B 47 21.82 -24.79 -26.10
N PHE B 48 21.09 -25.80 -25.60
CA PHE B 48 20.20 -25.56 -24.47
C PHE B 48 20.96 -25.42 -23.17
N ASP B 49 22.13 -26.06 -23.06
CA ASP B 49 22.91 -25.98 -21.83
C ASP B 49 23.44 -24.57 -21.60
N LYS B 50 24.06 -23.99 -22.62
CA LYS B 50 24.75 -22.72 -22.45
C LYS B 50 23.75 -21.57 -22.30
N PRO B 51 24.07 -20.59 -21.46
CA PRO B 51 23.22 -19.40 -21.36
C PRO B 51 23.24 -18.59 -22.65
N ILE B 52 22.38 -17.57 -22.67
CA ILE B 52 22.17 -16.79 -23.89
C ILE B 52 23.43 -16.05 -24.27
N GLU B 53 24.04 -15.35 -23.31
CA GLU B 53 25.22 -14.54 -23.62
C GLU B 53 26.43 -15.40 -23.94
N SER B 54 26.53 -16.58 -23.33
CA SER B 54 27.62 -17.50 -23.63
C SER B 54 27.52 -18.09 -25.03
N GLY B 55 26.38 -17.91 -25.70
CA GLY B 55 26.17 -18.49 -27.01
C GLY B 55 25.11 -19.56 -27.06
N GLY B 56 24.48 -19.93 -25.94
CA GLY B 56 23.44 -20.92 -25.96
C GLY B 56 22.10 -20.37 -26.39
N LYS B 57 21.15 -21.28 -26.58
CA LYS B 57 19.81 -20.94 -27.04
C LYS B 57 18.80 -21.80 -26.30
N ARG B 58 17.52 -21.60 -26.59
CA ARG B 58 16.45 -22.40 -26.02
C ARG B 58 15.45 -22.73 -27.12
N ALA B 59 14.39 -23.42 -26.74
CA ALA B 59 13.40 -23.91 -27.69
C ALA B 59 12.02 -23.36 -27.34
N LEU B 60 11.14 -23.36 -28.33
CA LEU B 60 9.79 -22.85 -28.18
C LEU B 60 8.81 -23.89 -28.68
N PHE B 61 7.93 -24.34 -27.79
CA PHE B 61 6.84 -25.25 -28.14
C PHE B 61 5.55 -24.46 -28.03
N MET B 62 4.81 -24.38 -29.13
CA MET B 62 3.73 -23.42 -29.24
C MET B 62 2.39 -24.16 -29.22
N CYS B 63 1.42 -23.57 -28.52
CA CYS B 63 0.08 -24.13 -28.47
C CYS B 63 -0.93 -22.99 -28.48
N ASN B 64 -2.15 -23.30 -28.92
CA ASN B 64 -3.19 -22.28 -29.02
C ASN B 64 -4.12 -22.25 -27.81
N THR B 65 -4.20 -23.32 -27.03
CA THR B 65 -5.08 -23.37 -25.88
C THR B 65 -4.28 -23.75 -24.64
N VAL B 66 -4.75 -23.27 -23.49
CA VAL B 66 -4.01 -23.45 -22.24
C VAL B 66 -3.92 -24.93 -21.88
N GLU B 67 -5.06 -25.63 -21.93
CA GLU B 67 -5.07 -27.02 -21.47
C GLU B 67 -4.22 -27.91 -22.35
N LEU B 68 -4.30 -27.72 -23.67
CA LEU B 68 -3.46 -28.49 -24.57
C LEU B 68 -1.99 -28.21 -24.31
N ALA B 69 -1.65 -26.94 -24.06
CA ALA B 69 -0.27 -26.59 -23.76
C ALA B 69 0.20 -27.30 -22.50
N ARG B 70 -0.64 -27.30 -21.46
CA ARG B 70 -0.27 -27.97 -20.21
C ARG B 70 -0.09 -29.47 -20.43
N GLN B 71 -0.99 -30.09 -21.20
CA GLN B 71 -0.91 -31.52 -21.45
C GLN B 71 0.38 -31.87 -22.18
N GLN B 72 0.68 -31.13 -23.26
CA GLN B 72 1.91 -31.42 -23.99
C GLN B 72 3.14 -31.08 -23.16
N ALA B 73 3.05 -30.08 -22.29
CA ALA B 73 4.17 -29.75 -21.42
C ALA B 73 4.48 -30.89 -20.47
N MET B 74 3.46 -31.43 -19.81
CA MET B 74 3.72 -32.55 -18.91
C MET B 74 4.15 -33.79 -19.69
N ALA B 75 3.62 -33.96 -20.91
CA ALA B 75 4.03 -35.09 -21.73
C ALA B 75 5.52 -35.02 -22.06
N VAL B 76 5.98 -33.87 -22.54
CA VAL B 76 7.41 -33.76 -22.87
C VAL B 76 8.25 -33.83 -21.60
N ARG B 77 7.76 -33.25 -20.50
CA ARG B 77 8.50 -33.31 -19.24
C ARG B 77 8.74 -34.76 -18.83
N ARG B 78 7.71 -35.60 -18.92
CA ARG B 78 7.88 -37.01 -18.58
C ARG B 78 8.68 -37.76 -19.63
N CYS B 79 8.70 -37.27 -20.88
CA CYS B 79 9.38 -37.98 -21.96
C CYS B 79 10.83 -37.56 -22.16
N THR B 80 11.29 -36.53 -21.47
CA THR B 80 12.70 -36.16 -21.58
C THR B 80 13.26 -35.69 -20.25
N ASN B 81 14.46 -35.12 -20.27
CA ASN B 81 15.16 -34.66 -19.08
C ASN B 81 15.52 -33.19 -19.20
N PHE B 82 14.57 -32.38 -19.68
CA PHE B 82 14.79 -30.96 -19.87
C PHE B 82 14.01 -30.17 -18.83
N LYS B 83 14.56 -29.02 -18.46
CA LYS B 83 13.87 -28.11 -17.55
C LYS B 83 12.78 -27.41 -18.34
N VAL B 84 11.54 -27.90 -18.18
CA VAL B 84 10.42 -27.44 -19.00
C VAL B 84 9.76 -26.26 -18.29
N GLY B 85 9.88 -25.09 -18.89
CA GLY B 85 9.19 -23.91 -18.38
C GLY B 85 7.77 -23.86 -18.90
N PHE B 86 6.86 -23.43 -18.04
CA PHE B 86 5.44 -23.35 -18.37
C PHE B 86 4.95 -21.95 -18.03
N TYR B 87 4.56 -21.18 -19.04
CA TYR B 87 4.11 -19.81 -18.85
C TYR B 87 2.82 -19.58 -19.61
N VAL B 88 1.79 -19.09 -18.92
CA VAL B 88 0.52 -18.75 -19.52
C VAL B 88 0.09 -17.39 -18.97
N GLY B 89 -0.88 -16.78 -19.66
CA GLY B 89 -1.37 -15.48 -19.22
C GLY B 89 -2.01 -15.53 -17.85
N GLU B 90 -2.68 -16.65 -17.53
CA GLU B 90 -3.28 -16.81 -16.22
C GLU B 90 -2.25 -16.96 -15.12
N GLN B 91 -1.06 -17.48 -15.45
CA GLN B 91 -0.05 -17.76 -14.42
C GLN B 91 0.36 -16.48 -13.69
N GLY B 92 0.44 -15.36 -14.39
CA GLY B 92 0.85 -14.11 -13.81
C GLY B 92 2.15 -13.54 -14.34
N VAL B 93 2.53 -13.86 -15.58
CA VAL B 93 3.72 -13.26 -16.18
C VAL B 93 3.45 -11.85 -16.69
N ASP B 94 2.26 -11.32 -16.47
CA ASP B 94 1.92 -9.98 -16.96
C ASP B 94 2.80 -8.92 -16.30
N ASP B 95 3.11 -9.09 -15.02
CA ASP B 95 3.93 -8.13 -14.28
C ASP B 95 5.38 -8.60 -14.11
N TRP B 96 5.78 -9.64 -14.84
CA TRP B 96 7.15 -10.13 -14.75
C TRP B 96 8.13 -9.07 -15.27
N THR B 97 9.28 -8.97 -14.62
CA THR B 97 10.28 -7.96 -14.95
C THR B 97 11.53 -8.61 -15.52
N ARG B 98 12.52 -7.77 -15.83
CA ARG B 98 13.66 -8.19 -16.65
C ARG B 98 14.47 -9.30 -15.99
N GLY B 99 14.88 -9.08 -14.74
CA GLY B 99 15.79 -10.02 -14.10
C GLY B 99 15.17 -11.39 -13.89
N MET B 100 13.95 -11.41 -13.37
CA MET B 100 13.27 -12.67 -13.10
C MET B 100 12.52 -13.21 -14.32
N TRP B 101 12.58 -12.50 -15.45
CA TRP B 101 12.33 -13.13 -16.74
C TRP B 101 13.57 -13.85 -17.23
N SER B 102 14.72 -13.18 -17.13
CA SER B 102 15.97 -13.74 -17.64
C SER B 102 16.38 -14.98 -16.86
N ASP B 103 16.20 -14.97 -15.55
CA ASP B 103 16.57 -16.16 -14.77
C ASP B 103 15.67 -17.33 -15.13
N GLU B 104 14.38 -17.06 -15.39
CA GLU B 104 13.48 -18.11 -15.87
C GLU B 104 13.92 -18.65 -17.22
N ILE B 105 14.36 -17.76 -18.12
CA ILE B 105 14.85 -18.20 -19.42
C ILE B 105 16.08 -19.09 -19.25
N LYS B 106 17.01 -18.66 -18.40
CA LYS B 106 18.25 -19.40 -18.20
C LYS B 106 18.07 -20.67 -17.36
N LYS B 107 16.93 -20.80 -16.66
CA LYS B 107 16.65 -21.98 -15.86
C LYS B 107 15.76 -22.97 -16.59
N ASN B 108 15.54 -22.77 -17.89
CA ASN B 108 14.72 -23.67 -18.67
C ASN B 108 15.37 -23.89 -20.03
N GLN B 109 15.05 -25.03 -20.64
CA GLN B 109 15.49 -25.35 -21.99
C GLN B 109 14.39 -25.29 -23.03
N VAL B 110 13.17 -25.70 -22.67
CA VAL B 110 12.04 -25.65 -23.58
C VAL B 110 10.93 -24.84 -22.92
N LEU B 111 10.23 -24.04 -23.72
CA LEU B 111 9.19 -23.16 -23.23
C LEU B 111 7.88 -23.47 -23.94
N VAL B 112 6.79 -23.48 -23.18
CA VAL B 112 5.46 -23.73 -23.70
C VAL B 112 4.52 -22.65 -23.19
N GLY B 113 3.37 -22.52 -23.84
CA GLY B 113 2.39 -21.54 -23.42
C GLY B 113 1.41 -21.24 -24.54
N THR B 114 0.75 -20.09 -24.41
CA THR B 114 -0.15 -19.58 -25.43
C THR B 114 0.58 -18.61 -26.34
N ALA B 115 0.08 -18.49 -27.57
CA ALA B 115 0.77 -17.72 -28.60
C ALA B 115 0.92 -16.26 -28.20
N GLN B 116 -0.12 -15.70 -27.57
CA GLN B 116 -0.06 -14.30 -27.16
C GLN B 116 1.08 -14.08 -26.18
N VAL B 117 1.28 -15.01 -25.24
CA VAL B 117 2.30 -14.83 -24.21
C VAL B 117 3.69 -14.80 -24.84
N PHE B 118 3.99 -15.79 -25.68
CA PHE B 118 5.31 -15.82 -26.31
C PHE B 118 5.51 -14.65 -27.25
N LEU B 119 4.46 -14.26 -27.97
CA LEU B 119 4.57 -13.10 -28.86
C LEU B 119 4.90 -11.84 -28.05
N ASP B 120 4.18 -11.64 -26.93
CA ASP B 120 4.45 -10.49 -26.09
C ASP B 120 5.87 -10.53 -25.55
N MET B 121 6.33 -11.71 -25.14
CA MET B 121 7.68 -11.83 -24.60
C MET B 121 8.72 -11.48 -25.67
N VAL B 122 8.50 -11.93 -26.91
CA VAL B 122 9.45 -11.66 -27.98
C VAL B 122 9.47 -10.18 -28.33
N THR B 123 8.29 -9.58 -28.50
CA THR B 123 8.24 -8.17 -28.86
C THR B 123 8.82 -7.27 -27.78
N GLN B 124 8.68 -7.65 -26.51
CA GLN B 124 9.27 -6.86 -25.43
C GLN B 124 10.76 -7.13 -25.23
N THR B 125 11.40 -7.76 -26.21
CA THR B 125 12.85 -7.94 -26.27
C THR B 125 13.39 -8.78 -25.12
N TYR B 126 12.54 -9.57 -24.45
CA TYR B 126 13.05 -10.44 -23.41
C TYR B 126 14.01 -11.47 -24.00
N VAL B 127 13.75 -11.91 -25.23
CA VAL B 127 14.70 -12.66 -26.02
C VAL B 127 14.73 -12.08 -27.42
N ALA B 128 15.77 -12.43 -28.16
CA ALA B 128 15.85 -12.13 -29.58
C ALA B 128 15.48 -13.38 -30.37
N LEU B 129 14.79 -13.18 -31.49
CA LEU B 129 14.39 -14.32 -32.32
C LEU B 129 15.60 -15.11 -32.77
N SER B 130 16.73 -14.44 -32.99
CA SER B 130 17.97 -15.12 -33.34
C SER B 130 18.56 -15.90 -32.19
N SER B 131 18.03 -15.72 -30.97
CA SER B 131 18.49 -16.46 -29.81
C SER B 131 17.70 -17.74 -29.60
N LEU B 132 17.01 -18.24 -30.62
CA LEU B 132 16.18 -19.42 -30.51
C LEU B 132 16.69 -20.51 -31.43
N SER B 133 16.45 -21.76 -31.05
CA SER B 133 16.88 -22.92 -31.83
C SER B 133 15.77 -23.41 -32.76
N VAL B 134 14.62 -23.77 -32.20
CA VAL B 134 13.51 -24.29 -33.00
C VAL B 134 12.20 -23.91 -32.32
N VAL B 135 11.24 -23.47 -33.12
CA VAL B 135 9.90 -23.11 -32.64
C VAL B 135 8.93 -24.14 -33.18
N ILE B 136 8.44 -25.02 -32.32
CA ILE B 136 7.46 -26.03 -32.69
C ILE B 136 6.09 -25.39 -32.66
N ILE B 137 5.36 -25.51 -33.77
CA ILE B 137 4.03 -24.97 -33.92
C ILE B 137 3.04 -26.14 -33.96
N ASP B 138 2.01 -26.07 -33.14
CA ASP B 138 0.99 -27.10 -33.10
C ASP B 138 -0.36 -26.51 -33.47
N GLU B 139 -1.22 -27.35 -34.05
CA GLU B 139 -2.50 -26.92 -34.60
C GLU B 139 -2.30 -25.76 -35.58
N CYS B 140 -1.33 -25.96 -36.48
CA CYS B 140 -0.88 -24.88 -37.36
C CYS B 140 -1.98 -24.38 -38.29
N HIS B 141 -3.02 -25.16 -38.52
CA HIS B 141 -4.08 -24.74 -39.44
C HIS B 141 -4.79 -23.49 -38.95
N HIS B 142 -4.62 -23.13 -37.68
CA HIS B 142 -5.21 -21.91 -37.16
C HIS B 142 -4.59 -20.66 -37.76
N GLY B 143 -3.43 -20.77 -38.41
CA GLY B 143 -2.68 -19.61 -38.82
C GLY B 143 -3.15 -18.94 -40.09
N THR B 144 -4.28 -18.24 -40.02
CA THR B 144 -4.77 -17.45 -41.14
C THR B 144 -5.26 -16.11 -40.62
N GLY B 145 -5.40 -15.16 -41.54
CA GLY B 145 -5.91 -13.85 -41.17
C GLY B 145 -5.01 -13.17 -40.14
N HIS B 146 -5.64 -12.72 -39.05
CA HIS B 146 -4.91 -12.11 -37.96
C HIS B 146 -4.72 -13.06 -36.78
N HIS B 147 -4.61 -14.35 -37.05
CA HIS B 147 -4.37 -15.30 -35.98
C HIS B 147 -2.99 -15.05 -35.36
N PRO B 148 -2.82 -15.28 -34.07
CA PRO B 148 -1.51 -15.04 -33.45
C PRO B 148 -0.37 -15.81 -34.08
N PHE B 149 -0.64 -16.98 -34.66
CA PHE B 149 0.44 -17.75 -35.29
C PHE B 149 1.04 -16.98 -36.46
N ARG B 150 0.19 -16.43 -37.32
CA ARG B 150 0.69 -15.67 -38.46
C ARG B 150 1.42 -14.41 -38.01
N GLU B 151 0.88 -13.72 -37.01
CA GLU B 151 1.54 -12.54 -36.49
C GLU B 151 2.93 -12.88 -35.98
N PHE B 152 3.03 -13.96 -35.19
CA PHE B 152 4.32 -14.39 -34.67
C PHE B 152 5.27 -14.74 -35.82
N MET B 153 4.75 -15.40 -36.85
CA MET B 153 5.59 -15.74 -38.00
C MET B 153 6.10 -14.50 -38.72
N ARG B 154 5.32 -13.41 -38.70
CA ARG B 154 5.76 -12.20 -39.37
C ARG B 154 7.06 -11.65 -38.77
N LEU B 155 7.26 -11.85 -37.47
CA LEU B 155 8.48 -11.37 -36.83
C LEU B 155 9.71 -11.97 -37.46
N PHE B 156 9.60 -13.19 -38.00
CA PHE B 156 10.71 -13.76 -38.76
C PHE B 156 11.03 -12.89 -39.97
N THR B 157 10.00 -12.42 -40.67
CA THR B 157 10.22 -11.51 -41.78
C THR B 157 10.87 -10.21 -41.32
N ILE B 158 10.43 -9.68 -40.18
CA ILE B 158 10.94 -8.38 -39.76
C ILE B 158 12.23 -8.47 -38.94
N ALA B 159 12.58 -9.64 -38.43
CA ALA B 159 13.80 -9.77 -37.65
C ALA B 159 14.99 -9.98 -38.59
N ASN B 160 16.15 -10.32 -38.02
CA ASN B 160 17.30 -10.64 -38.84
C ASN B 160 17.01 -11.90 -39.66
N GLN B 161 17.34 -11.84 -40.95
CA GLN B 161 17.01 -12.91 -41.87
C GLN B 161 18.05 -14.01 -41.91
N THR B 162 19.15 -13.86 -41.17
CA THR B 162 20.15 -14.91 -41.05
C THR B 162 20.12 -15.48 -39.65
N LYS B 163 20.77 -16.64 -39.50
CA LYS B 163 20.82 -17.42 -38.25
C LYS B 163 19.47 -17.38 -37.53
N LEU B 164 18.44 -17.82 -38.24
CA LEU B 164 17.04 -17.88 -37.83
C LEU B 164 16.67 -19.28 -37.37
N PRO B 165 15.85 -19.42 -36.34
CA PRO B 165 15.55 -20.76 -35.81
C PRO B 165 14.66 -21.56 -36.75
N ARG B 166 14.76 -22.89 -36.61
CA ARG B 166 13.89 -23.79 -37.36
C ARG B 166 12.45 -23.64 -36.89
N VAL B 167 11.52 -23.90 -37.80
CA VAL B 167 10.10 -23.84 -37.51
C VAL B 167 9.43 -25.08 -38.09
N VAL B 168 8.57 -25.71 -37.29
CA VAL B 168 7.81 -26.87 -37.73
C VAL B 168 6.38 -26.74 -37.21
N GLY B 169 5.42 -27.06 -38.06
CA GLY B 169 4.01 -26.98 -37.72
C GLY B 169 3.39 -28.37 -37.67
N LEU B 170 2.41 -28.53 -36.79
CA LEU B 170 1.75 -29.81 -36.59
C LEU B 170 0.25 -29.65 -36.82
N THR B 171 -0.36 -30.61 -37.49
CA THR B 171 -1.80 -30.60 -37.70
C THR B 171 -2.24 -31.95 -38.22
N GLY B 172 -3.54 -32.22 -38.06
CA GLY B 172 -4.17 -33.37 -38.69
C GLY B 172 -5.18 -32.90 -39.72
N VAL B 173 -5.42 -31.58 -39.74
CA VAL B 173 -6.33 -30.96 -40.69
C VAL B 173 -5.69 -29.66 -41.17
N LEU B 174 -5.81 -29.38 -42.46
CA LEU B 174 -5.11 -28.27 -43.07
C LEU B 174 -5.98 -27.06 -43.36
N ILE B 175 -7.31 -27.17 -43.27
CA ILE B 175 -8.21 -26.12 -43.73
C ILE B 175 -9.23 -25.83 -42.65
N LYS B 176 -9.52 -24.56 -42.43
CA LYS B 176 -10.52 -24.11 -41.47
C LYS B 176 -11.67 -23.46 -42.22
N GLY B 177 -12.86 -24.07 -42.15
CA GLY B 177 -14.04 -23.47 -42.71
C GLY B 177 -14.61 -24.18 -43.93
N ASN B 178 -15.21 -23.41 -44.83
CA ASN B 178 -15.82 -23.94 -46.06
C ASN B 178 -15.06 -23.48 -47.30
N GLU B 179 -13.74 -23.37 -47.19
CA GLU B 179 -12.88 -22.89 -48.27
C GLU B 179 -12.25 -24.04 -49.04
N ILE B 180 -13.02 -25.12 -49.23
CA ILE B 180 -12.45 -26.35 -49.78
C ILE B 180 -12.02 -26.16 -51.23
N THR B 181 -12.87 -25.54 -52.05
CA THR B 181 -12.58 -25.45 -53.47
C THR B 181 -11.25 -24.76 -53.72
N ASN B 182 -10.48 -25.30 -54.66
CA ASN B 182 -9.12 -24.83 -54.96
C ASN B 182 -8.24 -24.92 -53.71
N VAL B 183 -8.01 -26.16 -53.30
CA VAL B 183 -7.17 -26.43 -52.13
C VAL B 183 -5.77 -25.89 -52.32
N ALA B 184 -5.26 -25.92 -53.56
CA ALA B 184 -3.84 -25.69 -53.78
C ALA B 184 -3.40 -24.30 -53.33
N THR B 185 -4.23 -23.28 -53.60
CA THR B 185 -3.85 -21.93 -53.19
C THR B 185 -3.79 -21.79 -51.67
N LYS B 186 -4.76 -22.37 -50.97
CA LYS B 186 -4.73 -22.35 -49.50
C LYS B 186 -3.50 -23.07 -48.98
N LEU B 187 -3.18 -24.22 -49.58
CA LEU B 187 -2.03 -24.99 -49.14
C LEU B 187 -0.73 -24.23 -49.37
N LYS B 188 -0.63 -23.53 -50.50
CA LYS B 188 0.56 -22.73 -50.77
C LYS B 188 0.65 -21.56 -49.81
N GLU B 189 -0.49 -20.97 -49.45
CA GLU B 189 -0.50 -19.92 -48.44
C GLU B 189 0.02 -20.45 -47.11
N LEU B 190 -0.42 -21.64 -46.71
CA LEU B 190 0.11 -22.26 -45.51
C LEU B 190 1.61 -22.52 -45.63
N GLU B 191 2.05 -22.91 -46.83
CA GLU B 191 3.47 -23.13 -47.07
C GLU B 191 4.27 -21.87 -46.82
N ILE B 192 3.84 -20.76 -47.42
CA ILE B 192 4.63 -19.53 -47.37
C ILE B 192 4.55 -18.86 -46.00
N THR B 193 3.38 -18.90 -45.35
CA THR B 193 3.23 -18.22 -44.07
C THR B 193 4.14 -18.83 -43.01
N TYR B 194 4.28 -20.14 -43.01
CA TYR B 194 5.17 -20.83 -42.08
C TYR B 194 6.55 -21.08 -42.67
N ARG B 195 6.82 -20.55 -43.86
CA ARG B 195 8.08 -20.72 -44.58
C ARG B 195 8.62 -22.14 -44.44
N GLY B 196 7.79 -23.10 -44.85
CA GLY B 196 8.19 -24.49 -44.82
C GLY B 196 7.51 -25.24 -45.96
N ASN B 197 7.90 -26.50 -46.10
CA ASN B 197 7.32 -27.40 -47.09
C ASN B 197 6.67 -28.58 -46.39
N ILE B 198 5.38 -28.80 -46.68
CA ILE B 198 4.66 -29.89 -46.04
C ILE B 198 5.27 -31.22 -46.44
N ILE B 199 5.40 -32.12 -45.47
CA ILE B 199 5.92 -33.46 -45.69
C ILE B 199 4.91 -34.47 -45.17
N THR B 200 4.63 -35.49 -45.96
CA THR B 200 3.66 -36.52 -45.61
C THR B 200 4.17 -37.86 -46.14
N VAL B 201 3.67 -38.94 -45.54
CA VAL B 201 4.09 -40.28 -45.96
C VAL B 201 3.56 -40.55 -47.37
N SER B 202 4.39 -41.19 -48.17
CA SER B 202 4.02 -41.59 -49.53
C SER B 202 4.41 -43.03 -49.83
N ASP B 203 5.35 -43.59 -49.08
CA ASP B 203 5.82 -44.96 -49.28
C ASP B 203 4.75 -45.88 -48.71
N THR B 204 3.74 -46.17 -49.54
CA THR B 204 2.47 -46.69 -49.07
C THR B 204 2.56 -48.01 -48.30
N LYS B 205 2.98 -49.08 -48.98
CA LYS B 205 2.81 -50.41 -48.42
C LYS B 205 3.75 -50.68 -47.23
N GLU B 206 4.71 -49.79 -46.98
CA GLU B 206 5.62 -50.01 -45.86
C GLU B 206 5.02 -49.48 -44.56
N MET B 207 4.66 -48.20 -44.51
CA MET B 207 4.15 -47.68 -43.25
C MET B 207 2.82 -46.94 -43.32
N GLU B 208 2.19 -46.79 -44.49
CA GLU B 208 0.78 -46.38 -44.47
C GLU B 208 -0.07 -47.41 -43.75
N ASN B 209 0.15 -48.69 -44.06
CA ASN B 209 -0.53 -49.75 -43.33
C ASN B 209 -0.18 -49.70 -41.84
N VAL B 210 1.04 -49.28 -41.52
CA VAL B 210 1.47 -49.21 -40.13
C VAL B 210 0.71 -48.11 -39.40
N MET B 211 0.79 -46.88 -39.89
CA MET B 211 0.17 -45.77 -39.20
C MET B 211 -1.35 -45.80 -39.31
N LEU B 212 -1.89 -46.65 -40.19
CA LEU B 212 -3.33 -46.84 -40.17
C LEU B 212 -3.83 -47.59 -38.95
N TYR B 213 -2.96 -47.91 -37.98
CA TYR B 213 -3.46 -48.38 -36.68
C TYR B 213 -4.44 -47.40 -36.08
N ALA B 214 -4.26 -46.10 -36.36
CA ALA B 214 -5.29 -45.11 -36.11
C ALA B 214 -6.29 -45.20 -37.26
N THR B 215 -7.12 -46.23 -37.20
CA THR B 215 -7.95 -46.59 -38.34
C THR B 215 -9.09 -45.60 -38.55
N LYS B 216 -9.52 -45.49 -39.80
CA LYS B 216 -10.65 -44.63 -40.12
C LYS B 216 -11.95 -45.28 -39.64
N PRO B 217 -12.97 -44.49 -39.34
CA PRO B 217 -14.23 -45.07 -38.87
C PRO B 217 -15.16 -45.42 -40.01
N THR B 218 -16.08 -46.32 -39.73
CA THR B 218 -17.17 -46.61 -40.64
C THR B 218 -18.29 -45.59 -40.42
N GLU B 219 -18.72 -44.96 -41.49
CA GLU B 219 -19.68 -43.86 -41.41
C GLU B 219 -21.05 -44.31 -41.90
N VAL B 220 -22.05 -44.13 -41.05
CA VAL B 220 -23.43 -44.49 -41.37
C VAL B 220 -24.33 -43.29 -41.07
N MET B 221 -25.48 -43.29 -41.72
CA MET B 221 -26.43 -42.20 -41.58
C MET B 221 -27.82 -42.77 -41.29
N VAL B 222 -28.56 -42.07 -40.46
CA VAL B 222 -29.93 -42.45 -40.09
C VAL B 222 -30.81 -41.21 -40.19
N SER B 223 -31.92 -41.33 -40.90
CA SER B 223 -32.83 -40.23 -41.14
C SER B 223 -34.00 -40.26 -40.17
N PHE B 224 -34.67 -39.14 -40.05
CA PHE B 224 -35.91 -39.05 -39.28
C PHE B 224 -36.92 -38.22 -40.04
N PRO B 225 -38.20 -38.49 -39.86
CA PRO B 225 -39.23 -37.65 -40.51
C PRO B 225 -39.28 -36.26 -39.91
N HIS B 226 -39.61 -35.30 -40.76
CA HIS B 226 -39.78 -33.93 -40.30
C HIS B 226 -41.02 -33.80 -39.43
N GLN B 227 -40.99 -32.83 -38.52
CA GLN B 227 -42.17 -32.44 -37.76
C GLN B 227 -42.62 -31.07 -38.24
N GLU B 228 -43.94 -30.89 -38.35
CA GLU B 228 -44.48 -29.67 -38.92
C GLU B 228 -45.55 -29.06 -38.03
N GLN B 229 -46.27 -29.90 -37.30
CA GLN B 229 -47.37 -29.41 -36.47
C GLN B 229 -46.83 -28.58 -35.31
N VAL B 230 -47.56 -27.51 -34.98
CA VAL B 230 -47.19 -26.59 -33.91
C VAL B 230 -48.22 -26.70 -32.80
N LEU B 231 -47.76 -27.00 -31.60
CA LEU B 231 -48.66 -27.10 -30.45
C LEU B 231 -49.10 -25.72 -29.99
N THR B 232 -50.33 -25.66 -29.47
CA THR B 232 -50.85 -24.38 -28.98
C THR B 232 -50.03 -23.86 -27.80
N VAL B 233 -49.59 -24.76 -26.92
CA VAL B 233 -48.78 -24.35 -25.78
C VAL B 233 -47.54 -23.61 -26.24
N THR B 234 -46.97 -24.02 -27.38
CA THR B 234 -45.81 -23.33 -27.91
C THR B 234 -46.13 -21.88 -28.24
N ARG B 235 -47.29 -21.63 -28.86
CA ARG B 235 -47.62 -20.24 -29.19
C ARG B 235 -47.98 -19.44 -27.95
N LEU B 236 -48.55 -20.08 -26.93
CA LEU B 236 -48.73 -19.37 -25.65
C LEU B 236 -47.39 -18.94 -25.08
N ILE B 237 -46.41 -19.85 -25.09
CA ILE B 237 -45.07 -19.52 -24.62
C ILE B 237 -44.50 -18.37 -25.43
N SER B 238 -44.66 -18.42 -26.74
CA SER B 238 -44.13 -17.36 -27.60
C SER B 238 -44.77 -16.02 -27.30
N ALA B 239 -46.09 -16.00 -27.11
CA ALA B 239 -46.77 -14.75 -26.80
C ALA B 239 -46.30 -14.18 -25.47
N GLU B 240 -46.18 -15.03 -24.45
CA GLU B 240 -45.71 -14.55 -23.16
C GLU B 240 -44.28 -14.02 -23.27
N ILE B 241 -43.43 -14.72 -24.02
CA ILE B 241 -42.05 -14.30 -24.15
C ILE B 241 -41.95 -12.97 -24.88
N GLU B 242 -42.74 -12.79 -25.94
CA GLU B 242 -42.64 -11.54 -26.69
C GLU B 242 -43.20 -10.36 -25.89
N LYS B 243 -44.29 -10.57 -25.14
CA LYS B 243 -44.77 -9.48 -24.30
C LYS B 243 -43.78 -9.17 -23.18
N PHE B 244 -43.10 -10.19 -22.65
CA PHE B 244 -42.04 -9.93 -21.68
C PHE B 244 -40.90 -9.14 -22.30
N TYR B 245 -40.57 -9.45 -23.56
CA TYR B 245 -39.55 -8.68 -24.28
C TYR B 245 -39.95 -7.22 -24.38
N VAL B 246 -41.20 -6.98 -24.75
CA VAL B 246 -41.68 -5.61 -24.89
C VAL B 246 -41.60 -4.88 -23.55
N SER B 247 -42.03 -5.54 -22.48
CA SER B 247 -41.97 -4.92 -21.16
C SER B 247 -40.52 -4.65 -20.76
N LEU B 248 -39.62 -5.59 -21.04
CA LEU B 248 -38.22 -5.42 -20.67
C LEU B 248 -37.60 -4.24 -21.41
N ASP B 249 -37.90 -4.09 -22.70
CA ASP B 249 -37.43 -2.92 -23.41
C ASP B 249 -38.02 -1.64 -22.84
N LEU B 250 -39.32 -1.66 -22.50
CA LEU B 250 -39.96 -0.47 -21.97
C LEU B 250 -39.40 -0.08 -20.61
N MET B 251 -39.16 -1.07 -19.73
CA MET B 251 -38.80 -0.76 -18.35
C MET B 251 -37.41 -0.12 -18.29
N ASN B 252 -37.19 0.65 -17.23
CA ASN B 252 -36.06 1.56 -17.14
C ASN B 252 -35.08 1.11 -16.07
N ILE B 253 -33.80 1.15 -16.40
CA ILE B 253 -32.71 1.03 -15.43
C ILE B 253 -31.81 2.24 -15.58
N GLY B 254 -30.75 2.31 -14.78
CA GLY B 254 -29.83 3.42 -14.85
C GLY B 254 -29.08 3.46 -16.16
N VAL B 255 -28.37 4.58 -16.36
CA VAL B 255 -27.59 4.76 -17.59
C VAL B 255 -26.55 3.65 -17.69
N GLN B 256 -26.42 3.10 -18.89
CA GLN B 256 -25.59 1.92 -19.11
C GLN B 256 -24.63 2.18 -20.27
N PRO B 257 -23.51 1.46 -20.32
CA PRO B 257 -22.62 1.59 -21.48
C PRO B 257 -23.32 1.24 -22.77
N ILE B 258 -22.96 1.96 -23.83
CA ILE B 258 -23.63 1.84 -25.12
C ILE B 258 -22.84 0.89 -26.01
N ARG B 259 -23.52 -0.12 -26.55
CA ARG B 259 -22.94 -1.03 -27.52
C ARG B 259 -23.59 -0.78 -28.88
N ARG B 260 -22.88 -1.13 -29.95
CA ARG B 260 -23.40 -0.98 -31.29
C ARG B 260 -22.79 -2.05 -32.19
N SER B 261 -22.94 -1.88 -33.48
CA SER B 261 -22.51 -2.87 -34.46
C SER B 261 -21.01 -3.15 -34.35
N LYS B 262 -20.59 -4.25 -34.95
CA LYS B 262 -19.16 -4.53 -35.05
C LYS B 262 -18.46 -3.46 -35.87
N SER B 263 -19.09 -3.00 -36.93
CA SER B 263 -18.62 -1.85 -37.69
C SER B 263 -19.16 -0.53 -37.15
N LEU B 264 -19.91 -0.58 -36.05
CA LEU B 264 -20.44 0.60 -35.37
C LEU B 264 -21.39 1.41 -36.24
N GLN B 265 -21.93 0.81 -37.30
CA GLN B 265 -22.84 1.54 -38.17
C GLN B 265 -24.21 1.69 -37.52
N CYS B 266 -24.67 0.68 -36.79
CA CYS B 266 -26.01 0.66 -36.24
C CYS B 266 -25.94 0.42 -34.74
N LEU B 267 -26.88 1.04 -34.01
CA LEU B 267 -26.94 0.94 -32.57
C LEU B 267 -27.28 -0.50 -32.15
N ARG B 268 -27.24 -0.73 -30.84
CA ARG B 268 -27.53 -2.05 -30.29
C ARG B 268 -28.21 -1.90 -28.94
N ASP B 269 -28.75 -3.01 -28.45
CA ASP B 269 -29.40 -3.03 -27.16
C ASP B 269 -28.36 -3.06 -26.05
N PRO B 270 -28.74 -2.68 -24.82
CA PRO B 270 -27.79 -2.73 -23.71
C PRO B 270 -27.36 -4.16 -23.42
N SER B 271 -26.20 -4.27 -22.77
CA SER B 271 -25.55 -5.57 -22.63
C SER B 271 -26.40 -6.57 -21.87
N LYS B 272 -26.92 -6.18 -20.71
CA LYS B 272 -27.66 -7.13 -19.88
C LYS B 272 -29.02 -7.47 -20.49
N LYS B 273 -29.70 -6.47 -21.05
CA LYS B 273 -30.95 -6.75 -21.75
C LYS B 273 -30.72 -7.65 -22.95
N SER B 274 -29.64 -7.40 -23.70
CA SER B 274 -29.27 -8.30 -24.78
C SER B 274 -29.01 -9.70 -24.25
N PHE B 275 -28.39 -9.80 -23.08
CA PHE B 275 -28.07 -11.10 -22.50
C PHE B 275 -29.34 -11.90 -22.18
N VAL B 276 -30.28 -11.25 -21.50
CA VAL B 276 -31.51 -11.96 -21.13
C VAL B 276 -32.32 -12.31 -22.36
N LYS B 277 -32.40 -11.38 -23.32
CA LYS B 277 -33.11 -11.68 -24.57
C LYS B 277 -32.45 -12.84 -25.30
N GLN B 278 -31.12 -12.89 -25.29
CA GLN B 278 -30.39 -13.98 -25.93
C GLN B 278 -30.69 -15.31 -25.25
N LEU B 279 -30.74 -15.31 -23.91
CA LEU B 279 -31.10 -16.53 -23.21
C LEU B 279 -32.50 -17.00 -23.60
N PHE B 280 -33.45 -16.07 -23.66
CA PHE B 280 -34.81 -16.45 -24.01
C PHE B 280 -34.89 -16.97 -25.45
N ASN B 281 -34.16 -16.34 -26.37
CA ASN B 281 -34.13 -16.82 -27.74
C ASN B 281 -33.51 -18.20 -27.84
N ASP B 282 -32.44 -18.44 -27.08
CA ASP B 282 -31.84 -19.77 -27.07
C ASP B 282 -32.82 -20.80 -26.53
N PHE B 283 -33.56 -20.46 -25.49
CA PHE B 283 -34.57 -21.37 -24.95
C PHE B 283 -35.65 -21.66 -25.99
N LEU B 284 -36.10 -20.62 -26.70
CA LEU B 284 -37.12 -20.82 -27.73
C LEU B 284 -36.61 -21.72 -28.85
N TYR B 285 -35.36 -21.51 -29.28
CA TYR B 285 -34.80 -22.36 -30.31
C TYR B 285 -34.69 -23.80 -29.81
N GLN B 286 -34.28 -23.98 -28.56
CA GLN B 286 -34.21 -25.31 -27.98
C GLN B 286 -35.56 -25.99 -28.04
N MET B 287 -36.62 -25.28 -27.65
CA MET B 287 -37.92 -25.93 -27.52
C MET B 287 -38.53 -26.15 -28.90
N LYS B 288 -38.20 -25.29 -29.87
CA LYS B 288 -38.57 -25.56 -31.25
C LYS B 288 -37.86 -26.79 -31.79
N GLU B 289 -36.56 -26.90 -31.55
CA GLU B 289 -35.75 -27.96 -32.17
C GLU B 289 -36.00 -29.31 -31.53
N TYR B 290 -36.20 -29.34 -30.22
CA TYR B 290 -36.25 -30.59 -29.48
C TYR B 290 -37.62 -30.92 -28.92
N GLY B 291 -38.52 -29.96 -28.85
CA GLY B 291 -39.88 -30.26 -28.46
C GLY B 291 -40.33 -29.70 -27.13
N ILE B 292 -40.98 -30.53 -26.33
CA ILE B 292 -41.67 -30.10 -25.13
C ILE B 292 -40.94 -30.55 -23.87
N TYR B 293 -40.66 -31.84 -23.74
CA TYR B 293 -40.00 -32.36 -22.55
C TYR B 293 -38.61 -31.78 -22.40
N ALA B 294 -37.89 -31.62 -23.51
CA ALA B 294 -36.56 -31.02 -23.47
C ALA B 294 -36.63 -29.60 -22.91
N ALA B 295 -37.66 -28.85 -23.29
CA ALA B 295 -37.86 -27.53 -22.70
C ALA B 295 -38.14 -27.63 -21.21
N SER B 296 -38.86 -28.67 -20.80
CA SER B 296 -39.09 -28.89 -19.37
C SER B 296 -37.78 -29.13 -18.63
N ILE B 297 -36.82 -29.78 -19.28
CA ILE B 297 -35.51 -29.95 -18.65
C ILE B 297 -34.74 -28.64 -18.62
N ALA B 298 -34.74 -27.91 -19.74
CA ALA B 298 -33.88 -26.72 -19.85
C ALA B 298 -34.41 -25.53 -19.08
N ILE B 299 -35.71 -25.49 -18.77
CA ILE B 299 -36.23 -24.38 -18.00
C ILE B 299 -35.62 -24.36 -16.60
N ILE B 300 -35.21 -25.52 -16.09
CA ILE B 300 -34.52 -25.57 -14.81
C ILE B 300 -33.19 -24.83 -14.91
N SER B 301 -32.44 -25.06 -15.98
CA SER B 301 -31.19 -24.34 -16.18
C SER B 301 -31.43 -22.85 -16.32
N LEU B 302 -32.50 -22.48 -17.03
CA LEU B 302 -32.84 -21.07 -17.13
C LEU B 302 -33.13 -20.48 -15.74
N ILE B 303 -33.86 -21.23 -14.92
CA ILE B 303 -34.16 -20.77 -13.56
C ILE B 303 -32.88 -20.55 -12.77
N VAL B 304 -31.97 -21.52 -12.82
CA VAL B 304 -30.78 -21.42 -11.98
C VAL B 304 -29.88 -20.29 -12.46
N GLU B 305 -29.76 -20.11 -13.77
CA GLU B 305 -28.95 -19.01 -14.28
C GLU B 305 -29.55 -17.67 -13.92
N PHE B 306 -30.86 -17.52 -14.07
CA PHE B 306 -31.51 -16.26 -13.72
C PHE B 306 -31.36 -15.96 -12.23
N ASP B 307 -31.52 -16.99 -11.39
CA ASP B 307 -31.39 -16.80 -9.95
C ASP B 307 -29.97 -16.40 -9.57
N ILE B 308 -28.96 -17.04 -10.17
CA ILE B 308 -27.58 -16.67 -9.89
C ILE B 308 -27.31 -15.23 -10.33
N LYS B 309 -27.79 -14.86 -11.51
CA LYS B 309 -27.59 -13.51 -11.99
C LYS B 309 -28.26 -12.48 -11.08
N ARG B 310 -29.46 -12.79 -10.60
CA ARG B 310 -30.11 -11.90 -9.64
C ARG B 310 -29.31 -11.81 -8.35
N ARG B 311 -28.77 -12.94 -7.88
CA ARG B 311 -28.01 -12.94 -6.64
C ARG B 311 -26.78 -12.06 -6.76
N GLN B 312 -26.07 -12.14 -7.88
CA GLN B 312 -24.92 -11.28 -8.11
C GLN B 312 -25.30 -9.92 -8.67
N ALA B 313 -26.58 -9.67 -8.92
CA ALA B 313 -27.02 -8.38 -9.42
C ALA B 313 -26.85 -7.33 -8.34
N GLU B 314 -25.86 -6.46 -8.50
CA GLU B 314 -25.63 -5.41 -7.51
C GLU B 314 -26.69 -4.32 -7.61
N THR B 315 -27.01 -3.89 -8.82
CA THR B 315 -27.98 -2.82 -9.01
C THR B 315 -29.38 -3.28 -8.64
N LEU B 316 -30.14 -2.40 -8.00
CA LEU B 316 -31.51 -2.73 -7.60
C LEU B 316 -32.39 -3.00 -8.80
N SER B 317 -32.25 -2.18 -9.86
CA SER B 317 -33.05 -2.38 -11.06
C SER B 317 -32.73 -3.70 -11.74
N VAL B 318 -31.44 -4.08 -11.76
CA VAL B 318 -31.08 -5.37 -12.33
C VAL B 318 -31.69 -6.51 -11.53
N LYS B 319 -31.68 -6.38 -10.21
CA LYS B 319 -32.36 -7.37 -9.38
C LYS B 319 -33.83 -7.45 -9.71
N LEU B 320 -34.46 -6.29 -9.91
CA LEU B 320 -35.89 -6.26 -10.24
C LEU B 320 -36.17 -6.97 -11.56
N MET B 321 -35.38 -6.67 -12.58
CA MET B 321 -35.61 -7.29 -13.89
C MET B 321 -35.32 -8.79 -13.85
N HIS B 322 -34.28 -9.19 -13.12
CA HIS B 322 -34.00 -10.62 -13.00
C HIS B 322 -35.10 -11.34 -12.24
N ARG B 323 -35.68 -10.70 -11.23
CA ARG B 323 -36.82 -11.27 -10.53
C ARG B 323 -38.01 -11.41 -11.46
N THR B 324 -38.24 -10.39 -12.30
CA THR B 324 -39.34 -10.48 -13.26
C THR B 324 -39.13 -11.63 -14.24
N ALA B 325 -37.91 -11.77 -14.74
CA ALA B 325 -37.61 -12.89 -15.63
C ALA B 325 -37.77 -14.22 -14.92
N LEU B 326 -37.39 -14.27 -13.64
CA LEU B 326 -37.56 -15.50 -12.87
C LEU B 326 -39.03 -15.85 -12.73
N THR B 327 -39.88 -14.85 -12.48
CA THR B 327 -41.32 -15.11 -12.39
C THR B 327 -41.87 -15.61 -13.73
N LEU B 328 -41.45 -14.99 -14.82
CA LEU B 328 -41.90 -15.44 -16.14
C LEU B 328 -41.49 -16.89 -16.39
N CYS B 329 -40.22 -17.21 -16.12
CA CYS B 329 -39.75 -18.56 -16.34
C CYS B 329 -40.43 -19.56 -15.40
N GLU B 330 -40.77 -19.13 -14.19
CA GLU B 330 -41.51 -20.00 -13.28
C GLU B 330 -42.90 -20.29 -13.80
N LYS B 331 -43.58 -19.29 -14.36
CA LYS B 331 -44.87 -19.55 -14.98
C LYS B 331 -44.73 -20.50 -16.16
N ILE B 332 -43.67 -20.31 -16.95
CA ILE B 332 -43.43 -21.21 -18.08
C ILE B 332 -43.23 -22.63 -17.60
N ARG B 333 -42.42 -22.80 -16.54
CA ARG B 333 -42.18 -24.14 -16.02
C ARG B 333 -43.44 -24.75 -15.43
N HIS B 334 -44.29 -23.93 -14.81
CA HIS B 334 -45.55 -24.45 -14.28
C HIS B 334 -46.43 -24.97 -15.41
N LEU B 335 -46.60 -24.17 -16.46
CA LEU B 335 -47.39 -24.63 -17.60
C LEU B 335 -46.78 -25.89 -18.23
N LEU B 336 -45.45 -25.91 -18.33
CA LEU B 336 -44.77 -27.03 -18.96
C LEU B 336 -44.98 -28.32 -18.16
N VAL B 337 -44.81 -28.25 -16.84
CA VAL B 337 -45.01 -29.45 -16.02
C VAL B 337 -46.49 -29.83 -16.01
N GLN B 338 -47.39 -28.84 -16.07
CA GLN B 338 -48.82 -29.15 -16.12
C GLN B 338 -49.16 -29.94 -17.38
N LYS B 339 -48.60 -29.54 -18.52
CA LYS B 339 -48.81 -30.31 -19.74
C LYS B 339 -48.09 -31.66 -19.68
N LEU B 340 -46.94 -31.70 -19.01
CA LEU B 340 -46.20 -32.95 -18.89
C LEU B 340 -47.00 -33.99 -18.12
N GLN B 341 -47.60 -33.59 -16.99
CA GLN B 341 -48.41 -34.52 -16.21
C GLN B 341 -49.77 -34.77 -16.82
N ASP B 342 -50.16 -34.02 -17.84
CA ASP B 342 -51.49 -34.14 -18.42
C ASP B 342 -51.71 -35.50 -19.07
N MET B 343 -50.65 -36.21 -19.45
CA MET B 343 -50.77 -37.53 -20.04
C MET B 343 -50.13 -38.62 -19.19
N THR B 344 -49.77 -38.33 -17.94
CA THR B 344 -49.15 -39.32 -17.07
C THR B 344 -50.17 -40.18 -16.33
N TYR B 345 -51.47 -39.95 -16.53
CA TYR B 345 -52.48 -40.66 -15.77
C TYR B 345 -52.60 -42.12 -16.21
N ASP B 346 -52.15 -42.42 -17.43
CA ASP B 346 -52.46 -43.73 -18.03
C ASP B 346 -51.84 -44.88 -17.24
N ASP B 347 -50.54 -44.83 -16.98
CA ASP B 347 -49.86 -45.90 -16.26
C ASP B 347 -49.26 -45.37 -14.97
N ASP B 348 -49.44 -46.14 -13.89
CA ASP B 348 -49.02 -45.74 -12.56
C ASP B 348 -47.61 -46.26 -12.21
N ASP B 349 -46.97 -46.97 -13.14
CA ASP B 349 -45.61 -47.44 -12.96
C ASP B 349 -44.67 -46.35 -13.46
N ASP B 350 -43.89 -45.76 -12.56
CA ASP B 350 -43.13 -44.57 -12.88
C ASP B 350 -42.13 -44.80 -14.00
N ASN B 351 -41.49 -45.98 -14.01
CA ASN B 351 -40.45 -46.24 -15.00
C ASN B 351 -41.00 -46.17 -16.41
N VAL B 352 -41.96 -47.05 -16.73
CA VAL B 352 -42.53 -47.06 -18.07
C VAL B 352 -43.28 -45.78 -18.36
N ASN B 353 -43.89 -45.16 -17.34
CA ASN B 353 -44.59 -43.90 -17.55
C ASN B 353 -43.65 -42.82 -18.04
N THR B 354 -42.54 -42.61 -17.34
CA THR B 354 -41.57 -41.61 -17.78
C THR B 354 -40.95 -41.98 -19.10
N GLU B 355 -40.71 -43.27 -19.34
CA GLU B 355 -40.14 -43.68 -20.61
C GLU B 355 -41.06 -43.31 -21.77
N GLU B 356 -42.33 -43.70 -21.69
CA GLU B 356 -43.27 -43.41 -22.76
C GLU B 356 -43.54 -41.92 -22.87
N VAL B 357 -43.46 -41.18 -21.76
CA VAL B 357 -43.58 -39.73 -21.84
C VAL B 357 -42.41 -39.15 -22.64
N ILE B 358 -41.21 -39.67 -22.39
CA ILE B 358 -40.03 -39.22 -23.14
C ILE B 358 -40.22 -39.49 -24.62
N MET B 359 -40.68 -40.70 -24.97
CA MET B 359 -40.90 -40.99 -26.38
C MET B 359 -42.12 -40.27 -26.94
N ASN B 360 -42.97 -39.70 -26.07
CA ASN B 360 -44.20 -39.05 -26.50
C ASN B 360 -44.03 -37.54 -26.61
N PHE B 361 -43.44 -36.92 -25.59
CA PHE B 361 -43.31 -35.47 -25.51
C PHE B 361 -42.01 -34.96 -26.11
N SER B 362 -41.45 -35.65 -27.09
CA SER B 362 -40.22 -35.25 -27.73
C SER B 362 -40.38 -35.23 -29.25
N THR B 363 -39.49 -34.47 -29.90
CA THR B 363 -39.44 -34.44 -31.35
C THR B 363 -38.99 -35.80 -31.88
N PRO B 364 -39.44 -36.18 -33.09
CA PRO B 364 -39.10 -37.51 -33.61
C PRO B 364 -37.61 -37.77 -33.75
N LYS B 365 -36.81 -36.74 -34.04
CA LYS B 365 -35.38 -36.96 -34.22
C LYS B 365 -34.73 -37.47 -32.95
N VAL B 366 -35.11 -36.91 -31.79
CA VAL B 366 -34.60 -37.42 -30.52
C VAL B 366 -35.09 -38.84 -30.29
N GLN B 367 -36.32 -39.14 -30.74
CA GLN B 367 -36.82 -40.50 -30.60
C GLN B 367 -35.94 -41.49 -31.37
N ARG B 368 -35.65 -41.17 -32.64
CA ARG B 368 -34.77 -42.02 -33.43
C ARG B 368 -33.40 -42.12 -32.77
N PHE B 369 -32.93 -41.02 -32.20
CA PHE B 369 -31.66 -41.02 -31.46
C PHE B 369 -31.71 -42.05 -30.34
N LEU B 370 -32.82 -42.08 -29.60
CA LEU B 370 -32.91 -42.96 -28.44
C LEU B 370 -33.01 -44.42 -28.85
N MET B 371 -33.79 -44.72 -29.89
CA MET B 371 -33.76 -46.09 -30.41
C MET B 371 -32.38 -46.47 -30.90
N SER B 372 -31.67 -45.52 -31.53
CA SER B 372 -30.30 -45.81 -31.96
C SER B 372 -29.44 -46.21 -30.78
N LEU B 373 -29.50 -45.44 -29.70
CA LEU B 373 -28.76 -45.79 -28.49
C LEU B 373 -29.15 -47.18 -27.99
N LYS B 374 -30.45 -47.41 -27.84
CA LYS B 374 -30.92 -48.63 -27.18
C LYS B 374 -30.52 -49.86 -27.97
N VAL B 375 -30.63 -49.80 -29.30
CA VAL B 375 -30.21 -50.95 -30.10
C VAL B 375 -28.71 -50.98 -30.32
N SER B 376 -28.00 -49.88 -30.06
CA SER B 376 -26.55 -49.87 -30.23
C SER B 376 -25.85 -50.51 -29.04
N PHE B 377 -26.03 -49.94 -27.85
CA PHE B 377 -25.39 -50.52 -26.68
C PHE B 377 -26.03 -51.85 -26.29
N ALA B 378 -27.37 -51.92 -26.35
CA ALA B 378 -28.10 -53.17 -26.19
C ALA B 378 -27.72 -53.89 -24.89
N ASP B 379 -27.56 -53.11 -23.82
CA ASP B 379 -27.25 -53.63 -22.50
C ASP B 379 -25.94 -54.44 -22.51
N LYS B 380 -24.86 -53.74 -22.84
CA LYS B 380 -23.52 -54.32 -22.81
C LYS B 380 -22.82 -53.92 -21.50
N ASP B 381 -21.54 -54.27 -21.38
CA ASP B 381 -20.80 -53.87 -20.21
C ASP B 381 -20.50 -52.38 -20.25
N PRO B 382 -20.62 -51.68 -19.12
CA PRO B 382 -20.48 -50.23 -19.12
C PRO B 382 -19.04 -49.76 -19.34
N LYS B 383 -18.09 -50.48 -18.75
CA LYS B 383 -16.70 -50.04 -18.79
C LYS B 383 -16.16 -50.01 -20.22
N ASP B 384 -16.53 -51.00 -21.03
CA ASP B 384 -15.97 -51.10 -22.38
C ASP B 384 -16.46 -49.98 -23.29
N ILE B 385 -17.73 -49.62 -23.19
CA ILE B 385 -18.33 -48.67 -24.13
C ILE B 385 -17.90 -47.25 -23.78
N CYS B 386 -17.38 -46.53 -24.76
CA CYS B 386 -16.94 -45.14 -24.59
C CYS B 386 -17.33 -44.39 -25.86
N CYS B 387 -18.48 -43.72 -25.83
CA CYS B 387 -19.03 -43.05 -26.99
C CYS B 387 -18.99 -41.54 -26.81
N LEU B 388 -19.08 -40.83 -27.93
CA LEU B 388 -19.08 -39.38 -27.97
C LEU B 388 -20.30 -38.88 -28.73
N VAL B 389 -20.80 -37.72 -28.30
CA VAL B 389 -21.91 -37.06 -28.96
C VAL B 389 -21.60 -35.58 -29.08
N PHE B 390 -21.76 -35.03 -30.28
CA PHE B 390 -21.48 -33.62 -30.56
C PHE B 390 -22.77 -32.88 -30.81
N VAL B 391 -22.90 -31.69 -30.21
CA VAL B 391 -24.02 -30.80 -30.47
C VAL B 391 -23.48 -29.38 -30.56
N GLU B 392 -24.26 -28.51 -31.21
CA GLU B 392 -23.79 -27.16 -31.50
C GLU B 392 -23.94 -26.23 -30.31
N ARG B 393 -25.18 -26.02 -29.86
CA ARG B 393 -25.44 -25.04 -28.81
C ARG B 393 -24.90 -25.50 -27.47
N ARG B 394 -24.65 -24.54 -26.57
CA ARG B 394 -24.14 -24.87 -25.25
C ARG B 394 -25.25 -25.44 -24.37
N TYR B 395 -26.35 -24.70 -24.19
CA TYR B 395 -27.46 -25.16 -23.38
C TYR B 395 -28.05 -26.46 -23.91
N THR B 396 -27.86 -26.74 -25.20
CA THR B 396 -28.26 -28.03 -25.75
C THR B 396 -27.58 -29.16 -25.02
N CYS B 397 -26.30 -29.00 -24.68
CA CYS B 397 -25.57 -30.06 -24.00
C CYS B 397 -26.20 -30.38 -22.66
N LYS B 398 -26.50 -29.36 -21.85
CA LYS B 398 -27.10 -29.62 -20.55
C LYS B 398 -28.51 -30.18 -20.70
N CYS B 399 -29.27 -29.69 -21.68
CA CYS B 399 -30.62 -30.21 -21.89
C CYS B 399 -30.60 -31.68 -22.26
N ILE B 400 -29.74 -32.06 -23.20
CA ILE B 400 -29.67 -33.46 -23.60
C ILE B 400 -29.11 -34.30 -22.46
N TYR B 401 -28.24 -33.72 -21.63
CA TYR B 401 -27.79 -34.43 -20.45
C TYR B 401 -28.94 -34.76 -19.52
N GLY B 402 -29.80 -33.76 -19.24
CA GLY B 402 -30.94 -34.02 -18.39
C GLY B 402 -31.87 -35.07 -18.98
N LEU B 403 -32.15 -34.97 -20.27
CA LEU B 403 -32.99 -35.96 -20.93
C LEU B 403 -32.38 -37.34 -20.85
N LEU B 404 -31.07 -37.45 -21.06
CA LEU B 404 -30.40 -38.73 -21.03
C LEU B 404 -30.42 -39.33 -19.62
N LEU B 405 -30.23 -38.49 -18.60
CA LEU B 405 -30.31 -38.99 -17.24
C LEU B 405 -31.69 -39.53 -16.94
N ASN B 406 -32.73 -38.78 -17.33
CA ASN B 406 -34.10 -39.24 -17.07
C ASN B 406 -34.38 -40.54 -17.82
N TYR B 407 -33.96 -40.64 -19.08
CA TYR B 407 -34.18 -41.86 -19.85
C TYR B 407 -33.44 -43.04 -19.24
N ILE B 408 -32.18 -42.83 -18.86
CA ILE B 408 -31.38 -43.92 -18.29
C ILE B 408 -32.00 -44.42 -17.00
N GLN B 409 -32.45 -43.49 -16.15
CA GLN B 409 -33.17 -43.90 -14.96
C GLN B 409 -34.47 -44.60 -15.31
N SER B 410 -35.09 -44.24 -16.43
CA SER B 410 -36.32 -44.87 -16.89
C SER B 410 -36.09 -46.18 -17.63
N THR B 411 -34.83 -46.52 -17.91
CA THR B 411 -34.50 -47.77 -18.58
C THR B 411 -33.61 -48.60 -17.67
N PRO B 412 -34.15 -49.62 -16.99
CA PRO B 412 -33.31 -50.42 -16.09
C PRO B 412 -32.18 -51.11 -16.82
N GLU B 413 -32.37 -51.48 -18.08
CA GLU B 413 -31.31 -52.07 -18.86
C GLU B 413 -30.14 -51.10 -19.00
N LEU B 414 -30.43 -49.85 -19.29
CA LEU B 414 -29.40 -48.83 -19.42
C LEU B 414 -29.14 -48.08 -18.13
N ARG B 415 -29.91 -48.34 -17.07
CA ARG B 415 -29.70 -47.66 -15.80
C ARG B 415 -28.37 -48.03 -15.15
N ASN B 416 -27.71 -49.08 -15.62
CA ASN B 416 -26.44 -49.51 -15.04
C ASN B 416 -25.33 -49.66 -16.08
N VAL B 417 -25.50 -49.08 -17.27
CA VAL B 417 -24.50 -49.22 -18.32
C VAL B 417 -23.98 -47.85 -18.75
N LEU B 418 -24.82 -46.82 -18.64
CA LEU B 418 -24.49 -45.49 -19.13
C LEU B 418 -24.33 -44.54 -17.96
N THR B 419 -23.18 -43.88 -17.88
CA THR B 419 -22.88 -42.88 -16.87
C THR B 419 -22.44 -41.62 -17.60
N PRO B 420 -23.39 -40.87 -18.16
CA PRO B 420 -23.02 -39.78 -19.06
C PRO B 420 -22.44 -38.58 -18.33
N GLN B 421 -21.95 -37.63 -19.13
CA GLN B 421 -21.43 -36.36 -18.63
C GLN B 421 -21.40 -35.38 -19.79
N PHE B 422 -21.45 -34.09 -19.46
CA PHE B 422 -21.43 -33.04 -20.48
C PHE B 422 -20.42 -31.96 -20.10
N MET B 423 -19.90 -31.29 -21.12
CA MET B 423 -18.88 -30.27 -20.90
C MET B 423 -18.84 -29.33 -22.10
N VAL B 424 -18.59 -28.05 -21.82
CA VAL B 424 -18.68 -26.99 -22.82
C VAL B 424 -17.50 -26.05 -22.70
N GLY B 425 -17.51 -24.97 -23.51
CA GLY B 425 -16.42 -24.02 -23.54
C GLY B 425 -16.28 -23.15 -22.30
N ARG B 426 -15.57 -22.02 -22.43
CA ARG B 426 -15.23 -21.21 -21.27
C ARG B 426 -16.40 -20.44 -20.69
N ASN B 427 -17.39 -20.04 -21.51
CA ASN B 427 -18.53 -19.33 -20.96
C ASN B 427 -19.38 -20.36 -20.23
N ASN B 428 -18.84 -20.86 -19.12
CA ASN B 428 -19.33 -22.07 -18.49
C ASN B 428 -20.70 -21.85 -17.88
N ILE B 429 -21.51 -22.91 -17.91
CA ILE B 429 -22.84 -22.92 -17.31
C ILE B 429 -22.80 -23.93 -16.17
N SER B 430 -23.34 -23.55 -15.02
CA SER B 430 -23.27 -24.39 -13.85
C SER B 430 -23.95 -25.72 -14.13
N PRO B 431 -23.24 -26.85 -14.02
CA PRO B 431 -23.88 -28.15 -14.28
C PRO B 431 -24.97 -28.50 -13.29
N ASP B 432 -25.01 -27.85 -12.13
CA ASP B 432 -26.05 -28.12 -11.15
C ASP B 432 -27.39 -27.62 -11.67
N PHE B 433 -28.46 -28.09 -11.04
CA PHE B 433 -29.81 -27.70 -11.40
C PHE B 433 -30.56 -27.02 -10.26
N GLU B 434 -29.97 -26.92 -9.07
CA GLU B 434 -30.71 -26.50 -7.88
C GLU B 434 -30.25 -25.15 -7.33
N SER B 435 -28.97 -25.00 -7.01
CA SER B 435 -28.51 -23.80 -6.33
C SER B 435 -27.02 -23.61 -6.58
N VAL B 436 -26.55 -22.40 -6.26
CA VAL B 436 -25.15 -22.04 -6.49
C VAL B 436 -24.28 -22.65 -5.42
N LEU B 437 -23.19 -23.30 -5.84
CA LEU B 437 -22.17 -23.84 -4.95
C LEU B 437 -22.77 -24.78 -3.91
N GLU B 438 -23.58 -25.72 -4.42
CA GLU B 438 -24.16 -26.73 -3.54
C GLU B 438 -23.09 -27.59 -2.90
N ARG B 439 -22.08 -27.98 -3.67
CA ARG B 439 -20.93 -28.71 -3.14
C ARG B 439 -19.73 -28.45 -4.03
N LYS B 440 -18.55 -28.55 -3.44
CA LYS B 440 -17.31 -28.37 -4.18
C LYS B 440 -16.92 -29.66 -4.89
N TRP B 441 -16.28 -29.52 -6.05
CA TRP B 441 -15.85 -30.67 -6.84
C TRP B 441 -14.47 -30.39 -7.40
N GLN B 442 -13.71 -31.46 -7.62
CA GLN B 442 -12.33 -31.33 -8.07
C GLN B 442 -12.00 -32.12 -9.32
N LYS B 443 -12.95 -32.83 -9.91
CA LYS B 443 -12.72 -33.61 -11.12
C LYS B 443 -13.42 -32.96 -12.29
N SER B 444 -12.66 -32.63 -13.33
CA SER B 444 -13.24 -32.10 -14.55
C SER B 444 -14.06 -33.19 -15.24
N ALA B 445 -15.05 -32.76 -16.03
CA ALA B 445 -15.80 -33.70 -16.85
C ALA B 445 -14.88 -34.50 -17.74
N ILE B 446 -13.87 -33.84 -18.32
CA ILE B 446 -12.86 -34.54 -19.09
C ILE B 446 -12.15 -35.56 -18.23
N GLN B 447 -11.81 -35.19 -17.00
CA GLN B 447 -11.10 -36.10 -16.11
C GLN B 447 -11.97 -37.31 -15.78
N GLN B 448 -13.25 -37.09 -15.50
CA GLN B 448 -14.15 -38.20 -15.21
C GLN B 448 -14.30 -39.11 -16.42
N PHE B 449 -14.33 -38.53 -17.62
CA PHE B 449 -14.34 -39.34 -18.82
C PHE B 449 -13.08 -40.18 -18.93
N ARG B 450 -11.92 -39.58 -18.62
CA ARG B 450 -10.67 -40.31 -18.72
C ARG B 450 -10.57 -41.43 -17.70
N ASP B 451 -11.24 -41.29 -16.56
CA ASP B 451 -11.19 -42.28 -15.49
C ASP B 451 -12.23 -43.37 -15.64
N GLY B 452 -13.04 -43.33 -16.69
CA GLY B 452 -14.11 -44.29 -16.85
C GLY B 452 -15.33 -44.02 -16.02
N ASN B 453 -15.31 -42.98 -15.17
CA ASN B 453 -16.50 -42.61 -14.43
C ASN B 453 -17.60 -42.14 -15.37
N ALA B 454 -17.23 -41.49 -16.47
CA ALA B 454 -18.16 -41.03 -17.48
C ALA B 454 -17.87 -41.76 -18.78
N ASN B 455 -18.69 -42.77 -19.10
CA ASN B 455 -18.52 -43.49 -20.36
C ASN B 455 -19.12 -42.75 -21.55
N LEU B 456 -19.96 -41.74 -21.29
CA LEU B 456 -20.56 -40.93 -22.35
C LEU B 456 -20.24 -39.47 -22.08
N MET B 457 -19.91 -38.73 -23.14
CA MET B 457 -19.56 -37.32 -23.03
C MET B 457 -20.38 -36.52 -24.03
N ILE B 458 -21.03 -35.47 -23.54
CA ILE B 458 -21.75 -34.51 -24.39
C ILE B 458 -20.90 -33.25 -24.46
N CYS B 459 -20.61 -32.80 -25.68
CA CYS B 459 -19.71 -31.67 -25.83
C CYS B 459 -19.94 -31.01 -27.18
N SER B 460 -19.59 -29.73 -27.25
CA SER B 460 -19.50 -29.03 -28.53
C SER B 460 -18.13 -29.32 -29.14
N SER B 461 -17.72 -28.49 -30.08
CA SER B 461 -16.44 -28.67 -30.77
C SER B 461 -15.26 -28.45 -29.82
N VAL B 462 -15.54 -28.10 -28.56
CA VAL B 462 -14.47 -27.87 -27.58
C VAL B 462 -13.62 -29.12 -27.37
N LEU B 463 -14.21 -30.30 -27.55
CA LEU B 463 -13.49 -31.55 -27.40
C LEU B 463 -13.02 -32.11 -28.73
N GLU B 464 -13.22 -31.38 -29.81
CA GLU B 464 -12.87 -31.89 -31.14
C GLU B 464 -11.37 -32.14 -31.26
N GLU B 465 -10.56 -31.22 -30.77
CA GLU B 465 -9.14 -31.20 -31.10
C GLU B 465 -8.29 -31.09 -29.85
N GLY B 466 -7.06 -31.57 -29.95
CA GLY B 466 -6.05 -31.34 -28.95
C GLY B 466 -6.16 -32.18 -27.70
N ILE B 467 -7.27 -32.04 -26.98
CA ILE B 467 -7.42 -32.67 -25.67
C ILE B 467 -7.25 -34.17 -25.82
N ASP B 468 -6.30 -34.74 -25.09
CA ASP B 468 -5.98 -36.15 -25.22
C ASP B 468 -7.16 -37.00 -24.75
N VAL B 469 -7.76 -37.73 -25.68
CA VAL B 469 -8.87 -38.62 -25.41
C VAL B 469 -8.50 -40.01 -25.90
N GLN B 470 -8.66 -41.01 -25.04
CA GLN B 470 -8.37 -42.38 -25.42
C GLN B 470 -9.28 -42.84 -26.56
N ALA B 471 -8.84 -43.90 -27.23
CA ALA B 471 -9.50 -44.36 -28.46
C ALA B 471 -10.95 -44.74 -28.21
N CYS B 472 -11.88 -43.96 -28.76
CA CYS B 472 -13.30 -44.25 -28.62
C CYS B 472 -13.79 -45.06 -29.80
N ASN B 473 -14.92 -45.75 -29.59
CA ASN B 473 -15.47 -46.65 -30.58
C ASN B 473 -16.78 -46.16 -31.19
N HIS B 474 -17.41 -45.16 -30.62
CA HIS B 474 -18.68 -44.65 -31.14
C HIS B 474 -18.69 -43.14 -31.05
N VAL B 475 -19.14 -42.49 -32.12
CA VAL B 475 -19.31 -41.04 -32.16
C VAL B 475 -20.63 -40.74 -32.84
N PHE B 476 -21.42 -39.86 -32.25
CA PHE B 476 -22.74 -39.51 -32.75
C PHE B 476 -22.82 -38.00 -32.93
N ILE B 477 -23.38 -37.57 -34.05
CA ILE B 477 -23.48 -36.16 -34.38
C ILE B 477 -24.96 -35.82 -34.54
N LEU B 478 -25.44 -34.88 -33.72
CA LEU B 478 -26.84 -34.51 -33.75
C LEU B 478 -27.09 -33.30 -34.64
N ASP B 479 -26.45 -32.18 -34.32
CA ASP B 479 -26.59 -30.98 -35.13
C ASP B 479 -25.90 -31.17 -36.48
N PRO B 480 -26.34 -30.46 -37.52
CA PRO B 480 -25.81 -30.71 -38.87
C PRO B 480 -24.31 -30.48 -38.95
N VAL B 481 -23.66 -31.33 -39.74
CA VAL B 481 -22.23 -31.16 -40.00
C VAL B 481 -22.01 -29.84 -40.71
N LYS B 482 -21.06 -29.05 -40.20
CA LYS B 482 -20.90 -27.67 -40.63
C LYS B 482 -19.59 -27.44 -41.38
N THR B 483 -18.45 -27.80 -40.79
CA THR B 483 -17.16 -27.44 -41.34
C THR B 483 -16.36 -28.69 -41.66
N PHE B 484 -15.53 -28.58 -42.71
CA PHE B 484 -14.67 -29.68 -43.11
C PHE B 484 -13.75 -30.11 -41.97
N ASN B 485 -13.14 -29.14 -41.30
CA ASN B 485 -12.16 -29.46 -40.26
C ASN B 485 -12.78 -30.26 -39.13
N MET B 486 -13.96 -29.84 -38.66
CA MET B 486 -14.58 -30.53 -37.55
C MET B 486 -15.01 -31.93 -37.96
N TYR B 487 -15.52 -32.08 -39.18
CA TYR B 487 -15.89 -33.41 -39.66
C TYR B 487 -14.67 -34.34 -39.69
N VAL B 488 -13.58 -33.88 -40.30
CA VAL B 488 -12.43 -34.78 -40.45
C VAL B 488 -11.81 -35.08 -39.10
N GLN B 489 -11.74 -34.10 -38.20
CA GLN B 489 -11.18 -34.35 -36.88
C GLN B 489 -12.08 -35.30 -36.08
N SER B 490 -13.39 -35.12 -36.17
CA SER B 490 -14.29 -36.02 -35.46
C SER B 490 -14.15 -37.44 -35.97
N LYS B 491 -14.10 -37.62 -37.28
CA LYS B 491 -13.91 -38.97 -37.80
C LYS B 491 -12.54 -39.52 -37.46
N GLY B 492 -11.54 -38.64 -37.27
CA GLY B 492 -10.26 -39.09 -36.79
C GLY B 492 -10.25 -39.46 -35.32
N ARG B 493 -11.20 -38.94 -34.55
CA ARG B 493 -11.28 -39.28 -33.13
C ARG B 493 -11.58 -40.76 -32.96
N ALA B 494 -12.40 -41.33 -33.83
CA ALA B 494 -12.76 -42.74 -33.73
C ALA B 494 -11.56 -43.58 -34.16
N ARG B 495 -10.69 -43.88 -33.20
CA ARG B 495 -9.37 -44.44 -33.47
C ARG B 495 -9.30 -45.95 -33.30
N THR B 496 -10.08 -46.51 -32.38
CA THR B 496 -9.98 -47.94 -32.10
C THR B 496 -10.56 -48.76 -33.24
N THR B 497 -10.37 -50.08 -33.14
CA THR B 497 -10.85 -50.98 -34.18
C THR B 497 -12.37 -50.98 -34.23
N GLU B 498 -12.89 -51.22 -35.43
CA GLU B 498 -14.33 -51.25 -35.75
C GLU B 498 -15.10 -50.14 -35.05
N ALA B 499 -14.51 -48.95 -34.98
CA ALA B 499 -15.22 -47.80 -34.44
C ALA B 499 -16.33 -47.37 -35.41
N LYS B 500 -17.45 -46.93 -34.86
CA LYS B 500 -18.61 -46.55 -35.65
C LYS B 500 -18.75 -45.04 -35.65
N PHE B 501 -18.75 -44.44 -36.84
CA PHE B 501 -19.09 -43.03 -37.00
C PHE B 501 -20.55 -42.95 -37.42
N VAL B 502 -21.36 -42.28 -36.61
CA VAL B 502 -22.79 -42.20 -36.83
C VAL B 502 -23.23 -40.74 -36.76
N LEU B 503 -24.18 -40.37 -37.61
CA LEU B 503 -24.77 -39.05 -37.59
C LEU B 503 -26.23 -39.15 -37.99
N PHE B 504 -27.01 -38.15 -37.58
CA PHE B 504 -28.44 -38.10 -37.82
C PHE B 504 -28.80 -36.81 -38.53
N THR B 505 -29.74 -36.91 -39.46
CA THR B 505 -30.23 -35.72 -40.16
C THR B 505 -31.65 -35.97 -40.65
N ALA B 506 -32.32 -34.89 -41.00
CA ALA B 506 -33.71 -34.96 -41.45
C ALA B 506 -33.79 -35.60 -42.84
N ASP B 507 -34.99 -36.08 -43.17
CA ASP B 507 -35.19 -36.79 -44.43
C ASP B 507 -34.95 -35.87 -45.63
N LYS B 508 -35.49 -34.66 -45.60
CA LYS B 508 -35.44 -33.75 -46.74
C LYS B 508 -34.07 -33.14 -46.95
N GLU B 509 -33.15 -33.29 -46.00
CA GLU B 509 -31.79 -32.80 -46.14
C GLU B 509 -30.80 -33.93 -46.41
N ARG B 510 -31.30 -35.13 -46.72
CA ARG B 510 -30.41 -36.27 -46.93
C ARG B 510 -29.51 -36.05 -48.14
N GLU B 511 -30.07 -35.53 -49.23
CA GLU B 511 -29.27 -35.27 -50.42
C GLU B 511 -28.22 -34.20 -50.17
N LYS B 512 -28.58 -33.14 -49.44
CA LYS B 512 -27.61 -32.10 -49.12
C LYS B 512 -26.49 -32.66 -48.26
N THR B 513 -26.82 -33.48 -47.27
CA THR B 513 -25.78 -34.09 -46.44
C THR B 513 -24.89 -35.00 -47.28
N ILE B 514 -25.48 -35.74 -48.23
CA ILE B 514 -24.69 -36.60 -49.11
C ILE B 514 -23.73 -35.76 -49.93
N GLN B 515 -24.20 -34.63 -50.46
CA GLN B 515 -23.33 -33.74 -51.20
C GLN B 515 -22.19 -33.24 -50.33
N GLN B 516 -22.49 -32.86 -49.09
CA GLN B 516 -21.44 -32.35 -48.20
C GLN B 516 -20.40 -33.42 -47.91
N ILE B 517 -20.84 -34.65 -47.59
CA ILE B 517 -19.88 -35.68 -47.22
C ILE B 517 -19.04 -36.08 -48.42
N TYR B 518 -19.64 -36.18 -49.60
CA TYR B 518 -18.86 -36.51 -50.79
C TYR B 518 -17.90 -35.40 -51.14
N GLN B 519 -18.31 -34.15 -50.96
CA GLN B 519 -17.42 -33.02 -51.18
C GLN B 519 -16.22 -33.09 -50.24
N TYR B 520 -16.47 -33.42 -48.97
CA TYR B 520 -15.37 -33.50 -48.01
C TYR B 520 -14.44 -34.65 -48.33
N ARG B 521 -14.99 -35.79 -48.75
CA ARG B 521 -14.14 -36.91 -49.13
C ARG B 521 -13.29 -36.56 -50.34
N LYS B 522 -13.86 -35.85 -51.31
CA LYS B 522 -13.06 -35.35 -52.42
C LYS B 522 -11.97 -34.40 -51.93
N ALA B 523 -12.32 -33.51 -50.99
CA ALA B 523 -11.37 -32.55 -50.46
C ALA B 523 -10.22 -33.24 -49.75
N HIS B 524 -10.46 -34.40 -49.16
CA HIS B 524 -9.35 -35.10 -48.53
C HIS B 524 -8.53 -35.88 -49.57
N ASN B 525 -9.21 -36.52 -50.52
CA ASN B 525 -8.51 -37.38 -51.48
C ASN B 525 -7.63 -36.56 -52.42
N ASP B 526 -8.16 -35.44 -52.93
CA ASP B 526 -7.34 -34.61 -53.81
C ASP B 526 -6.15 -34.02 -53.06
N ILE B 527 -6.34 -33.65 -51.78
CA ILE B 527 -5.22 -33.18 -50.97
C ILE B 527 -4.15 -34.27 -50.85
N ALA B 528 -4.59 -35.50 -50.56
CA ALA B 528 -3.64 -36.59 -50.41
C ALA B 528 -2.85 -36.84 -51.68
N GLU B 529 -3.55 -36.91 -52.82
CA GLU B 529 -2.84 -37.15 -54.07
C GLU B 529 -1.98 -35.96 -54.47
N TYR B 530 -2.44 -34.74 -54.18
CA TYR B 530 -1.66 -33.55 -54.48
C TYR B 530 -0.36 -33.54 -53.70
N LEU B 531 -0.39 -33.89 -52.43
CA LEU B 531 0.84 -34.08 -51.67
C LEU B 531 1.68 -35.19 -52.28
N LYS B 532 1.04 -36.29 -52.69
CA LYS B 532 1.77 -37.39 -53.28
C LYS B 532 2.46 -37.01 -54.58
N ASP B 533 1.95 -35.98 -55.28
CA ASP B 533 2.45 -35.64 -56.61
C ASP B 533 2.98 -34.22 -56.69
N ARG B 534 3.28 -33.59 -55.56
CA ARG B 534 3.65 -32.18 -55.56
C ARG B 534 5.05 -31.99 -56.13
N VAL B 535 5.32 -30.75 -56.56
CA VAL B 535 6.62 -30.40 -57.12
C VAL B 535 7.67 -30.37 -56.02
N LEU B 536 8.86 -30.85 -56.33
CA LEU B 536 9.95 -30.94 -55.36
C LEU B 536 10.64 -29.59 -55.25
N GLU B 537 10.23 -28.80 -54.26
CA GLU B 537 10.89 -27.56 -53.90
C GLU B 537 11.47 -27.70 -52.50
N LYS B 538 12.49 -26.88 -52.22
CA LYS B 538 13.29 -27.13 -51.02
C LYS B 538 12.63 -26.55 -49.77
N THR B 539 12.49 -25.23 -49.69
CA THR B 539 11.95 -24.59 -48.49
C THR B 539 11.10 -23.38 -48.84
N GLU B 540 10.49 -23.36 -50.03
CA GLU B 540 9.86 -22.17 -50.57
C GLU B 540 10.86 -21.01 -50.52
N PRO B 541 11.97 -21.08 -51.25
CA PRO B 541 13.00 -20.04 -51.15
C PRO B 541 12.70 -18.77 -51.90
N GLU B 542 11.47 -18.58 -52.38
CA GLU B 542 11.10 -17.39 -53.14
C GLU B 542 10.79 -16.27 -52.15
N LEU B 543 11.84 -15.55 -51.76
CA LEU B 543 11.68 -14.51 -50.75
C LEU B 543 10.76 -13.39 -51.22
N TYR B 544 10.73 -13.12 -52.52
CA TYR B 544 9.92 -12.03 -53.03
C TYR B 544 8.45 -12.21 -52.70
N GLU B 545 7.90 -13.39 -53.01
CA GLU B 545 6.51 -13.64 -52.67
C GLU B 545 6.32 -13.80 -51.16
N ILE B 546 7.38 -14.20 -50.45
CA ILE B 546 7.29 -14.25 -48.99
C ILE B 546 7.03 -12.87 -48.42
N LYS B 547 7.76 -11.86 -48.90
CA LYS B 547 7.49 -10.49 -48.47
C LYS B 547 6.15 -9.99 -49.00
N GLY B 548 5.80 -10.33 -50.25
CA GLY B 548 4.52 -9.94 -50.78
C GLY B 548 3.34 -10.59 -50.07
N HIS B 549 3.58 -11.65 -49.30
CA HIS B 549 2.52 -12.29 -48.54
C HIS B 549 1.97 -11.38 -47.44
N PHE B 550 2.79 -10.46 -46.93
CA PHE B 550 2.42 -9.67 -45.77
C PHE B 550 2.33 -8.17 -46.02
N GLN B 551 2.82 -7.67 -47.17
CA GLN B 551 2.93 -6.23 -47.36
C GLN B 551 1.58 -5.53 -47.39
N ASP B 552 0.48 -6.28 -47.59
CA ASP B 552 -0.82 -5.65 -47.79
C ASP B 552 -1.28 -4.82 -46.59
N ASP B 553 -0.85 -5.17 -45.37
CA ASP B 553 -1.34 -4.49 -44.19
C ASP B 553 -0.51 -3.25 -43.91
N ILE B 554 -0.68 -2.67 -42.73
CA ILE B 554 0.16 -1.58 -42.27
C ILE B 554 1.47 -2.15 -41.77
N ASP B 555 2.58 -1.61 -42.25
CA ASP B 555 3.89 -2.13 -41.88
C ASP B 555 4.17 -1.86 -40.42
N PRO B 556 4.51 -2.86 -39.61
CA PRO B 556 4.76 -2.63 -38.19
C PRO B 556 5.94 -1.69 -37.98
N PHE B 557 5.86 -0.91 -36.91
CA PHE B 557 6.90 0.04 -36.53
C PHE B 557 7.69 -0.50 -35.35
N THR B 558 9.01 -0.40 -35.44
CA THR B 558 9.90 -0.80 -34.36
C THR B 558 10.80 0.37 -33.99
N ASN B 559 11.02 0.55 -32.69
CA ASN B 559 11.89 1.59 -32.19
C ASN B 559 13.23 0.98 -31.80
N GLU B 560 14.09 1.79 -31.19
CA GLU B 560 15.37 1.30 -30.70
C GLU B 560 15.17 0.31 -29.57
N ASN B 561 16.26 -0.29 -29.13
CA ASN B 561 16.32 -1.39 -28.16
C ASN B 561 15.70 -2.67 -28.71
N GLY B 562 15.26 -2.68 -29.98
CA GLY B 562 14.70 -3.86 -30.58
C GLY B 562 13.22 -4.05 -30.37
N ALA B 563 12.57 -3.20 -29.57
CA ALA B 563 11.14 -3.35 -29.33
C ALA B 563 10.36 -3.04 -30.60
N VAL B 564 9.38 -3.89 -30.90
CA VAL B 564 8.61 -3.79 -32.13
C VAL B 564 7.13 -3.86 -31.79
N LEU B 565 6.33 -3.02 -32.43
CA LEU B 565 4.91 -2.89 -32.16
C LEU B 565 4.12 -3.50 -33.30
N LEU B 566 3.42 -4.59 -33.02
CA LEU B 566 2.62 -5.26 -34.03
C LEU B 566 1.32 -4.50 -34.25
N PRO B 567 0.99 -4.13 -35.48
CA PRO B 567 -0.25 -3.37 -35.71
C PRO B 567 -1.51 -4.11 -35.30
N ASN B 568 -1.53 -5.44 -35.44
CA ASN B 568 -2.71 -6.20 -35.06
C ASN B 568 -2.94 -6.18 -33.56
N ASN B 569 -1.92 -5.86 -32.77
CA ASN B 569 -2.04 -5.78 -31.32
C ASN B 569 -2.31 -4.36 -30.83
N ALA B 570 -2.54 -3.41 -31.74
CA ALA B 570 -2.73 -2.03 -31.33
C ALA B 570 -3.99 -1.89 -30.48
N LEU B 571 -5.08 -2.52 -30.89
CA LEU B 571 -6.31 -2.48 -30.08
C LEU B 571 -6.06 -3.06 -28.70
N ALA B 572 -5.39 -4.21 -28.63
CA ALA B 572 -5.13 -4.83 -27.34
C ALA B 572 -4.29 -3.93 -26.46
N ILE B 573 -3.22 -3.35 -27.01
CA ILE B 573 -2.34 -2.51 -26.21
C ILE B 573 -3.09 -1.29 -25.69
N LEU B 574 -3.83 -0.62 -26.57
CA LEU B 574 -4.54 0.59 -26.17
C LEU B 574 -5.60 0.29 -25.12
N HIS B 575 -6.38 -0.77 -25.33
CA HIS B 575 -7.42 -1.11 -24.36
C HIS B 575 -6.81 -1.52 -23.03
N ARG B 576 -5.71 -2.27 -23.06
CA ARG B 576 -5.06 -2.68 -21.82
C ARG B 576 -4.54 -1.48 -21.05
N TYR B 577 -3.90 -0.53 -21.74
CA TYR B 577 -3.45 0.68 -21.08
C TYR B 577 -4.62 1.45 -20.50
N CYS B 578 -5.72 1.55 -21.24
CA CYS B 578 -6.90 2.22 -20.72
C CYS B 578 -7.42 1.53 -19.48
N GLN B 579 -7.35 0.21 -19.43
CA GLN B 579 -7.73 -0.52 -18.22
C GLN B 579 -6.78 -0.24 -17.07
N THR B 580 -5.51 0.04 -17.37
CA THR B 580 -4.56 0.33 -16.29
C THR B 580 -4.95 1.59 -15.53
N ILE B 581 -5.61 2.54 -16.18
CA ILE B 581 -6.03 3.76 -15.49
C ILE B 581 -7.16 3.43 -14.52
N PRO B 582 -7.03 3.75 -13.24
CA PRO B 582 -8.12 3.49 -12.30
C PRO B 582 -9.39 4.23 -12.68
N THR B 583 -10.53 3.59 -12.42
CA THR B 583 -11.82 4.19 -12.69
C THR B 583 -12.87 3.45 -11.87
N ASP B 584 -14.07 4.03 -11.81
CA ASP B 584 -15.19 3.38 -11.14
C ASP B 584 -15.77 2.31 -12.06
N ALA B 585 -16.90 1.73 -11.68
CA ALA B 585 -17.49 0.63 -12.43
C ALA B 585 -17.87 1.08 -13.84
N PHE B 586 -18.81 2.03 -13.95
CA PHE B 586 -19.25 2.49 -15.26
C PHE B 586 -18.20 3.37 -15.93
N GLY B 587 -17.24 3.90 -15.18
CA GLY B 587 -16.23 4.76 -15.74
C GLY B 587 -15.51 4.09 -16.89
N PHE B 588 -15.80 4.53 -18.11
CA PHE B 588 -15.40 3.77 -19.29
C PHE B 588 -13.90 3.92 -19.53
N VAL B 589 -13.24 2.79 -19.74
CA VAL B 589 -11.86 2.80 -20.20
C VAL B 589 -11.79 2.72 -21.72
N ILE B 590 -12.82 2.18 -22.38
CA ILE B 590 -12.77 1.98 -23.83
C ILE B 590 -12.66 3.32 -24.53
N PRO B 591 -11.69 3.54 -25.39
CA PRO B 591 -11.67 4.76 -26.20
C PRO B 591 -12.87 4.79 -27.14
N TRP B 592 -13.75 5.77 -26.96
CA TRP B 592 -15.02 5.79 -27.68
C TRP B 592 -14.75 6.00 -29.17
N PHE B 593 -14.86 4.94 -29.95
CA PHE B 593 -14.64 5.03 -31.38
C PHE B 593 -15.78 5.80 -32.05
N HIS B 594 -15.54 6.22 -33.28
CA HIS B 594 -16.54 6.98 -34.02
C HIS B 594 -16.27 6.82 -35.50
N VAL B 595 -17.34 6.86 -36.30
CA VAL B 595 -17.23 6.79 -37.74
C VAL B 595 -17.45 8.19 -38.31
N LEU B 596 -16.52 8.63 -39.17
CA LEU B 596 -16.59 9.96 -39.72
C LEU B 596 -17.71 10.06 -40.75
N GLN B 597 -17.86 11.26 -41.30
CA GLN B 597 -18.83 11.53 -42.36
C GLN B 597 -18.11 12.09 -43.58
N GLU B 598 -18.67 11.81 -44.76
CA GLU B 598 -17.99 12.13 -46.01
C GLU B 598 -17.74 13.63 -46.11
N ASP B 599 -18.72 14.46 -45.75
CA ASP B 599 -18.50 15.90 -45.71
C ASP B 599 -17.41 16.26 -44.71
N GLU B 600 -17.45 15.67 -43.52
CA GLU B 600 -16.36 15.86 -42.58
C GLU B 600 -15.07 15.23 -43.10
N ARG B 601 -15.18 14.12 -43.82
CA ARG B 601 -13.99 13.43 -44.33
C ARG B 601 -13.19 14.34 -45.26
N ASP B 602 -13.86 14.92 -46.27
CA ASP B 602 -13.12 15.82 -47.15
C ASP B 602 -12.98 17.22 -46.57
N ARG B 603 -13.67 17.53 -45.47
CA ARG B 603 -13.39 18.75 -44.74
C ARG B 603 -12.07 18.64 -43.98
N ILE B 604 -11.68 17.43 -43.60
CA ILE B 604 -10.46 17.22 -42.84
C ILE B 604 -9.36 16.56 -43.66
N PHE B 605 -9.72 15.70 -44.61
CA PHE B 605 -8.75 15.06 -45.48
C PHE B 605 -8.92 15.55 -46.91
N GLY B 606 -8.06 15.06 -47.80
CA GLY B 606 -8.07 15.47 -49.18
C GLY B 606 -9.14 14.78 -50.00
N VAL B 607 -8.97 14.85 -51.32
CA VAL B 607 -9.95 14.24 -52.22
C VAL B 607 -9.99 12.73 -52.05
N SER B 608 -8.88 12.12 -51.61
CA SER B 608 -8.84 10.68 -51.43
C SER B 608 -9.78 10.18 -50.34
N ALA B 609 -10.24 11.06 -49.46
CA ALA B 609 -11.11 10.64 -48.36
C ALA B 609 -12.45 10.11 -48.83
N LYS B 610 -12.86 10.44 -50.06
CA LYS B 610 -14.15 9.97 -50.55
C LYS B 610 -14.11 8.50 -50.95
N GLY B 611 -12.95 8.03 -51.43
CA GLY B 611 -12.86 6.65 -51.89
C GLY B 611 -12.99 5.63 -50.77
N LYS B 612 -12.38 5.92 -49.62
CA LYS B 612 -12.29 4.96 -48.54
C LYS B 612 -12.74 5.61 -47.23
N HIS B 613 -12.75 4.80 -46.18
CA HIS B 613 -13.31 5.23 -44.90
C HIS B 613 -12.22 5.74 -43.95
N VAL B 614 -12.60 6.74 -43.16
CA VAL B 614 -11.76 7.28 -42.10
C VAL B 614 -12.60 7.33 -40.83
N ILE B 615 -11.95 7.13 -39.68
CA ILE B 615 -12.61 7.14 -38.39
C ILE B 615 -11.78 7.98 -37.42
N SER B 616 -12.32 8.14 -36.22
CA SER B 616 -11.68 8.94 -35.18
C SER B 616 -11.59 8.14 -33.89
N ILE B 617 -10.53 8.39 -33.13
CA ILE B 617 -10.35 7.81 -31.80
C ILE B 617 -10.34 8.93 -30.78
N ASN B 618 -11.19 8.81 -29.77
CA ASN B 618 -11.22 9.72 -28.64
C ASN B 618 -10.49 9.07 -27.46
N MET B 619 -10.37 9.84 -26.38
CA MET B 619 -9.66 9.40 -25.20
C MET B 619 -10.42 9.84 -23.97
N PRO B 620 -10.73 8.93 -23.04
CA PRO B 620 -11.35 9.36 -21.79
C PRO B 620 -10.51 10.41 -21.08
N VAL B 621 -11.20 11.35 -20.45
CA VAL B 621 -10.58 12.59 -20.00
C VAL B 621 -9.50 12.36 -18.96
N ASN B 622 -9.48 11.18 -18.33
CA ASN B 622 -8.46 10.91 -17.31
C ASN B 622 -7.06 10.97 -17.91
N CYS B 623 -6.88 10.42 -19.11
CA CYS B 623 -5.58 10.47 -19.75
C CYS B 623 -5.31 11.87 -20.31
N MET B 624 -4.07 12.10 -20.69
CA MET B 624 -3.63 13.41 -21.17
C MET B 624 -3.78 13.57 -22.68
N LEU B 625 -4.26 12.54 -23.38
CA LEU B 625 -4.43 12.62 -24.83
C LEU B 625 -5.79 13.25 -25.16
N ARG B 626 -6.01 14.43 -24.59
CA ARG B 626 -7.26 15.14 -24.83
C ARG B 626 -7.41 15.53 -26.29
N ASP B 627 -6.30 15.73 -26.98
CA ASP B 627 -6.32 15.95 -28.41
C ASP B 627 -6.77 14.68 -29.13
N THR B 628 -7.74 14.82 -30.02
CA THR B 628 -8.26 13.67 -30.75
C THR B 628 -7.35 13.33 -31.92
N ILE B 629 -7.40 12.06 -32.33
CA ILE B 629 -6.53 11.53 -33.38
C ILE B 629 -7.39 10.87 -34.45
N TYR B 630 -7.02 11.07 -35.71
CA TYR B 630 -7.77 10.55 -36.84
C TYR B 630 -6.94 9.51 -37.57
N SER B 631 -7.57 8.43 -37.98
CA SER B 631 -6.88 7.34 -38.66
C SER B 631 -6.52 7.71 -40.09
N ASP B 632 -5.63 6.91 -40.67
CA ASP B 632 -5.36 7.03 -42.09
C ASP B 632 -6.57 6.53 -42.90
N PRO B 633 -6.75 7.02 -44.12
CA PRO B 633 -7.86 6.54 -44.94
C PRO B 633 -7.69 5.07 -45.31
N MET B 634 -8.66 4.26 -44.91
CA MET B 634 -8.65 2.83 -45.18
C MET B 634 -9.98 2.41 -45.78
N ASP B 635 -9.93 1.37 -46.61
CA ASP B 635 -11.10 0.94 -47.35
C ASP B 635 -12.16 0.34 -46.43
N ASN B 636 -11.83 -0.74 -45.74
CA ASN B 636 -12.74 -1.32 -44.77
C ASN B 636 -12.54 -0.66 -43.41
N VAL B 637 -13.64 -0.55 -42.66
CA VAL B 637 -13.58 0.08 -41.35
C VAL B 637 -12.69 -0.72 -40.39
N LYS B 638 -12.49 -2.01 -40.68
CA LYS B 638 -11.65 -2.84 -39.82
C LYS B 638 -10.21 -2.34 -39.82
N THR B 639 -9.59 -2.27 -40.99
CA THR B 639 -8.23 -1.74 -41.07
C THR B 639 -8.19 -0.27 -40.67
N ALA B 640 -9.29 0.45 -40.83
CA ALA B 640 -9.36 1.82 -40.32
C ALA B 640 -9.18 1.85 -38.82
N LYS B 641 -9.87 0.96 -38.10
CA LYS B 641 -9.69 0.87 -36.66
C LYS B 641 -8.27 0.47 -36.31
N ILE B 642 -7.71 -0.48 -37.06
CA ILE B 642 -6.35 -0.93 -36.77
C ILE B 642 -5.37 0.23 -36.93
N SER B 643 -5.50 1.00 -38.01
CA SER B 643 -4.62 2.15 -38.23
C SER B 643 -4.80 3.21 -37.14
N ALA B 644 -6.06 3.48 -36.77
CA ALA B 644 -6.31 4.48 -35.74
C ALA B 644 -5.62 4.09 -34.44
N ALA B 645 -5.82 2.84 -34.01
CA ALA B 645 -5.20 2.39 -32.77
C ALA B 645 -3.67 2.40 -32.88
N PHE B 646 -3.13 2.02 -34.04
CA PHE B 646 -1.68 1.99 -34.20
C PHE B 646 -1.10 3.39 -34.06
N LYS B 647 -1.69 4.36 -34.74
CA LYS B 647 -1.20 5.73 -34.62
C LYS B 647 -1.36 6.26 -33.21
N ALA B 648 -2.49 5.97 -32.56
CA ALA B 648 -2.71 6.43 -31.20
C ALA B 648 -1.66 5.87 -30.26
N CYS B 649 -1.37 4.58 -30.36
CA CYS B 649 -0.39 3.98 -29.47
C CYS B 649 1.02 4.46 -29.80
N LYS B 650 1.30 4.76 -31.07
CA LYS B 650 2.59 5.37 -31.40
C LYS B 650 2.75 6.72 -30.72
N VAL B 651 1.70 7.55 -30.77
CA VAL B 651 1.75 8.85 -30.10
C VAL B 651 1.92 8.65 -28.59
N LEU B 652 1.21 7.68 -28.02
CA LEU B 652 1.32 7.41 -26.59
C LEU B 652 2.75 7.04 -26.22
N TYR B 653 3.40 6.18 -27.01
CA TYR B 653 4.79 5.84 -26.73
C TYR B 653 5.68 7.05 -26.87
N SER B 654 5.40 7.90 -27.87
CA SER B 654 6.19 9.12 -28.04
C SER B 654 6.12 9.99 -26.80
N LEU B 655 4.92 10.11 -26.20
CA LEU B 655 4.79 10.86 -24.96
C LEU B 655 5.48 10.19 -23.79
N GLY B 656 5.91 8.94 -23.93
CA GLY B 656 6.53 8.22 -22.83
C GLY B 656 5.56 7.50 -21.92
N GLU B 657 4.26 7.58 -22.18
CA GLU B 657 3.30 6.79 -21.42
C GLU B 657 3.58 5.30 -21.57
N LEU B 658 3.90 4.87 -22.78
CA LEU B 658 4.35 3.50 -23.01
C LEU B 658 5.84 3.42 -22.66
N ASN B 659 6.22 2.34 -21.99
CA ASN B 659 7.63 2.10 -21.72
C ASN B 659 8.35 1.75 -23.02
N GLU B 660 9.66 1.56 -22.94
CA GLU B 660 10.41 1.19 -24.14
C GLU B 660 10.02 -0.19 -24.65
N ARG B 661 9.67 -1.10 -23.75
CA ARG B 661 9.21 -2.43 -24.16
C ARG B 661 7.78 -2.42 -24.69
N PHE B 662 7.19 -1.23 -24.88
CA PHE B 662 5.83 -1.09 -25.39
C PHE B 662 4.82 -1.77 -24.46
N VAL B 663 4.80 -1.31 -23.22
CA VAL B 663 3.81 -1.75 -22.24
C VAL B 663 3.54 -0.55 -21.33
N PRO B 664 2.33 -0.38 -20.81
CA PRO B 664 2.07 0.75 -19.92
C PRO B 664 2.98 0.71 -18.70
N LYS B 665 3.42 1.89 -18.26
CA LYS B 665 4.35 1.98 -17.15
C LYS B 665 3.60 2.04 -15.82
N THR B 666 4.09 1.28 -14.85
CA THR B 666 3.52 1.26 -13.51
C THR B 666 4.13 2.40 -12.70
N LEU B 667 3.80 2.44 -11.40
CA LEU B 667 4.45 3.40 -10.51
C LEU B 667 5.92 3.09 -10.30
N LYS B 668 6.32 1.83 -10.51
CA LYS B 668 7.71 1.45 -10.31
C LYS B 668 8.63 2.20 -11.28
N GLU B 669 8.23 2.29 -12.55
CA GLU B 669 9.03 3.06 -13.50
C GLU B 669 9.08 4.53 -13.12
N ARG B 670 7.96 5.08 -12.65
CA ARG B 670 7.93 6.48 -12.24
C ARG B 670 8.92 6.74 -11.12
N VAL B 671 8.86 5.92 -10.06
CA VAL B 671 9.76 6.14 -8.93
C VAL B 671 11.21 5.88 -9.33
N ALA B 672 11.45 4.90 -10.22
CA ALA B 672 12.80 4.65 -10.68
C ALA B 672 13.35 5.86 -11.44
N SER B 673 12.51 6.49 -12.25
CA SER B 673 12.95 7.69 -12.97
C SER B 673 13.19 8.85 -12.01
N ILE B 674 12.36 8.98 -10.98
CA ILE B 674 12.47 10.14 -10.10
C ILE B 674 13.60 9.97 -9.08
N ALA B 675 13.99 8.72 -8.79
CA ALA B 675 14.95 8.46 -7.72
C ALA B 675 16.24 9.24 -7.90
N ASP B 676 16.79 9.24 -9.10
CA ASP B 676 18.05 9.92 -9.35
C ASP B 676 17.91 11.43 -9.40
N VAL B 677 16.75 11.97 -9.01
CA VAL B 677 16.57 13.41 -8.93
C VAL B 677 16.19 13.81 -7.51
N HIS B 678 15.16 13.18 -6.97
CA HIS B 678 14.64 13.57 -5.66
C HIS B 678 15.11 12.69 -4.51
N PHE B 679 15.61 11.49 -4.79
CA PHE B 679 16.08 10.59 -3.75
C PHE B 679 17.52 10.19 -3.99
N GLU B 680 18.32 11.12 -4.54
CA GLU B 680 19.72 10.84 -4.79
C GLU B 680 20.48 10.59 -3.49
N HIS B 681 20.19 11.37 -2.45
CA HIS B 681 20.98 11.31 -1.23
C HIS B 681 20.90 9.97 -0.51
N TRP B 682 19.90 9.13 -0.83
CA TRP B 682 19.81 7.84 -0.17
C TRP B 682 21.02 6.96 -0.46
N ASN B 683 21.66 7.15 -1.62
CA ASN B 683 22.76 6.28 -1.99
C ASN B 683 23.94 6.42 -1.05
N LYS B 684 24.21 7.63 -0.56
CA LYS B 684 25.33 7.82 0.35
C LYS B 684 25.12 7.07 1.66
N TYR B 685 23.89 6.68 1.97
CA TYR B 685 23.58 5.89 3.16
C TYR B 685 23.40 4.42 2.86
N GLY B 686 23.74 3.99 1.64
CA GLY B 686 23.65 2.59 1.28
C GLY B 686 22.27 2.07 1.02
N ASP B 687 21.28 2.94 0.89
CA ASP B 687 19.89 2.54 0.64
C ASP B 687 19.38 3.25 -0.61
N SER B 688 18.22 2.79 -1.08
CA SER B 688 17.58 3.39 -2.24
C SER B 688 16.08 3.24 -2.12
N VAL B 689 15.35 4.18 -2.71
CA VAL B 689 13.89 4.15 -2.65
C VAL B 689 13.35 2.96 -3.43
N THR B 690 13.96 2.63 -4.58
CA THR B 690 13.49 1.51 -5.37
C THR B 690 13.69 0.18 -4.67
N ALA B 691 14.57 0.14 -3.67
CA ALA B 691 14.84 -1.08 -2.91
C ALA B 691 13.65 -1.34 -2.00
N THR B 692 12.67 -2.06 -2.54
CA THR B 692 11.46 -2.38 -1.80
C THR B 692 11.71 -3.34 -0.64
N VAL B 693 12.87 -4.00 -0.59
CA VAL B 693 13.22 -4.86 0.53
C VAL B 693 13.48 -4.06 1.80
N ASN B 694 13.62 -2.74 1.70
CA ASN B 694 13.78 -1.88 2.88
C ASN B 694 12.53 -1.85 3.75
N LYS B 695 11.40 -2.35 3.24
CA LYS B 695 10.14 -2.45 3.94
C LYS B 695 10.14 -3.55 5.02
N ALA B 696 11.30 -4.15 5.31
CA ALA B 696 11.39 -5.27 6.24
C ALA B 696 11.75 -4.84 7.65
N ASP B 697 12.83 -4.06 7.79
CA ASP B 697 13.38 -3.73 9.11
C ASP B 697 13.41 -2.21 9.30
N LYS B 698 12.31 -1.54 8.95
CA LYS B 698 12.23 -0.10 9.15
C LYS B 698 12.19 0.30 10.62
N SER B 699 11.90 -0.64 11.52
CA SER B 699 11.83 -0.32 12.94
C SER B 699 13.19 -0.18 13.59
N LYS B 700 14.26 -0.58 12.91
CA LYS B 700 15.60 -0.48 13.48
C LYS B 700 15.99 0.99 13.66
N ASP B 701 16.69 1.27 14.76
CA ASP B 701 17.07 2.62 15.12
C ASP B 701 18.57 2.69 15.41
N ARG B 702 19.18 3.78 15.02
CA ARG B 702 20.64 3.89 14.96
C ARG B 702 21.16 4.83 16.05
N THR B 703 22.48 4.87 16.15
CA THR B 703 23.20 5.68 17.13
C THR B 703 23.80 6.91 16.48
N TYR B 704 24.17 7.88 17.32
CA TYR B 704 24.77 9.12 16.83
C TYR B 704 25.78 9.62 17.85
N LYS B 705 26.72 10.42 17.36
CA LYS B 705 27.68 11.10 18.22
C LYS B 705 27.04 12.35 18.81
N THR B 706 27.71 12.91 19.83
CA THR B 706 27.27 14.15 20.45
C THR B 706 28.45 15.09 20.60
N GLU B 707 28.16 16.38 20.53
CA GLU B 707 29.18 17.41 20.73
C GLU B 707 28.53 18.60 21.41
N CYS B 708 29.26 19.18 22.37
CA CYS B 708 28.78 20.36 23.06
C CYS B 708 28.73 21.55 22.11
N PRO B 709 27.94 22.57 22.44
CA PRO B 709 27.89 23.76 21.59
C PRO B 709 29.26 24.40 21.44
N LEU B 710 29.37 25.26 20.41
CA LEU B 710 30.66 25.82 20.05
C LEU B 710 31.26 26.64 21.19
N GLU B 711 30.43 27.41 21.90
CA GLU B 711 30.93 28.21 23.01
C GLU B 711 31.55 27.33 24.09
N PHE B 712 30.88 26.23 24.44
CA PHE B 712 31.40 25.32 25.45
C PHE B 712 32.57 24.49 24.97
N TYR B 713 32.86 24.48 23.68
CA TYR B 713 33.91 23.64 23.13
C TYR B 713 35.26 24.32 23.35
N ASP B 714 36.14 23.64 24.09
CA ASP B 714 37.50 24.10 24.35
C ASP B 714 37.51 25.57 24.82
N ALA B 715 36.82 25.80 25.93
CA ALA B 715 36.71 27.14 26.49
C ALA B 715 37.26 27.22 27.91
N LEU B 716 38.06 26.26 28.32
CA LEU B 716 38.70 26.34 29.62
C LEU B 716 39.62 27.55 29.67
N PRO B 717 39.45 28.45 30.62
CA PRO B 717 40.31 29.64 30.67
C PRO B 717 41.77 29.28 30.86
N ARG B 718 42.64 30.08 30.25
CA ARG B 718 44.08 29.89 30.35
C ARG B 718 44.67 30.94 31.28
N VAL B 719 45.69 30.53 32.04
CA VAL B 719 46.36 31.46 32.94
C VAL B 719 46.98 32.59 32.14
N GLY B 720 46.81 33.81 32.62
CA GLY B 720 47.29 34.98 31.93
C GLY B 720 46.37 35.52 30.86
N GLU B 721 45.18 34.96 30.72
CA GLU B 721 44.21 35.40 29.72
C GLU B 721 43.05 36.14 30.37
N ILE B 722 42.26 36.79 29.53
CA ILE B 722 41.00 37.37 29.97
C ILE B 722 39.95 36.27 30.07
N CYS B 723 39.08 36.36 31.07
CA CYS B 723 38.04 35.37 31.28
C CYS B 723 36.71 36.06 31.54
N TYR B 724 35.64 35.36 31.18
CA TYR B 724 34.27 35.88 31.31
C TYR B 724 33.58 35.14 32.45
N ALA B 725 33.14 35.90 33.45
CA ALA B 725 32.38 35.35 34.56
C ALA B 725 30.91 35.70 34.36
N TYR B 726 30.04 34.69 34.38
CA TYR B 726 28.63 34.88 34.11
C TYR B 726 27.83 34.47 35.34
N GLU B 727 27.18 35.45 35.97
CA GLU B 727 26.49 35.22 37.22
C GLU B 727 25.16 34.51 37.00
N ILE B 728 24.75 33.74 38.00
CA ILE B 728 23.43 33.10 38.03
C ILE B 728 22.58 33.83 39.06
N PHE B 729 21.27 33.80 38.86
CA PHE B 729 20.32 34.40 39.79
C PHE B 729 19.16 33.44 40.00
N LEU B 730 18.51 33.59 41.17
CA LEU B 730 17.44 32.66 41.56
C LEU B 730 16.33 33.47 42.20
N GLU B 731 15.18 33.56 41.52
CA GLU B 731 14.05 34.31 42.02
C GLU B 731 12.90 33.36 42.34
N PRO B 732 12.50 33.25 43.60
CA PRO B 732 11.45 32.27 43.96
C PRO B 732 10.09 32.77 43.51
N GLN B 733 9.54 32.13 42.48
CA GLN B 733 8.23 32.51 41.98
C GLN B 733 7.14 32.22 42.99
N PHE B 734 7.28 31.13 43.74
CA PHE B 734 6.31 30.80 44.77
C PHE B 734 6.43 31.75 45.95
N GLU B 735 5.29 32.04 46.58
CA GLU B 735 5.28 32.70 47.87
C GLU B 735 5.42 31.64 48.96
N SER B 736 6.24 31.93 49.96
CA SER B 736 6.58 30.93 50.96
C SER B 736 5.68 31.05 52.19
N CYS B 737 5.38 29.89 52.77
CA CYS B 737 4.69 29.79 54.05
C CYS B 737 5.72 29.61 55.16
N GLU B 738 5.22 29.58 56.39
CA GLU B 738 6.11 29.58 57.56
C GLU B 738 7.09 28.41 57.54
N TYR B 739 6.68 27.28 56.96
CA TYR B 739 7.52 26.09 56.93
C TYR B 739 8.53 26.10 55.78
N THR B 740 8.50 27.12 54.93
CA THR B 740 9.41 27.19 53.79
C THR B 740 10.17 28.50 53.69
N GLU B 741 10.03 29.41 54.65
CA GLU B 741 10.71 30.70 54.56
C GLU B 741 12.22 30.58 54.51
N HIS B 742 12.77 29.46 54.99
CA HIS B 742 14.21 29.26 54.96
C HIS B 742 14.74 29.34 53.53
N MET B 743 14.16 28.55 52.62
CA MET B 743 14.62 28.56 51.24
C MET B 743 14.33 29.90 50.58
N TYR B 744 13.16 30.48 50.85
CA TYR B 744 12.77 31.73 50.21
C TYR B 744 13.75 32.84 50.58
N LEU B 745 14.15 32.92 51.84
CA LEU B 745 15.08 33.95 52.26
C LEU B 745 16.50 33.64 51.81
N ASN B 746 16.90 32.36 51.87
CA ASN B 746 18.31 32.02 51.64
C ASN B 746 18.72 32.23 50.20
N LEU B 747 17.89 31.80 49.24
CA LEU B 747 18.30 31.87 47.85
C LEU B 747 18.24 33.29 47.29
N GLN B 748 17.65 34.23 48.02
CA GLN B 748 17.56 35.61 47.58
C GLN B 748 18.72 36.47 48.09
N THR B 749 19.69 35.87 48.78
CA THR B 749 20.81 36.64 49.29
C THR B 749 21.64 37.19 48.13
N PRO B 750 22.28 38.36 48.30
CA PRO B 750 23.13 38.89 47.22
C PRO B 750 24.31 38.02 46.90
N ARG B 751 24.73 37.14 47.82
CA ARG B 751 25.87 36.27 47.56
C ARG B 751 25.44 35.14 46.65
N ASN B 752 25.92 35.17 45.40
CA ASN B 752 25.60 34.13 44.43
C ASN B 752 26.87 33.59 43.79
N TYR B 753 26.72 32.62 42.90
CA TYR B 753 27.86 32.00 42.22
C TYR B 753 27.70 32.16 40.72
N ALA B 754 28.80 31.95 40.00
CA ALA B 754 28.84 32.23 38.58
C ALA B 754 29.54 31.10 37.85
N ILE B 755 29.32 31.07 36.53
CA ILE B 755 29.98 30.11 35.64
C ILE B 755 31.09 30.85 34.92
N LEU B 756 32.27 30.23 34.84
CA LEU B 756 33.47 30.89 34.36
C LEU B 756 33.86 30.31 33.00
N LEU B 757 34.03 31.18 32.02
CA LEU B 757 34.28 30.78 30.65
C LEU B 757 35.39 31.61 30.04
N ARG B 758 35.89 31.15 28.89
CA ARG B 758 36.86 31.91 28.11
C ARG B 758 36.33 32.36 26.75
N ASN B 759 35.21 31.82 26.29
CA ASN B 759 34.49 32.34 25.14
C ASN B 759 33.27 33.11 25.60
N LYS B 760 32.75 33.98 24.74
CA LYS B 760 31.60 34.77 25.10
C LYS B 760 30.32 33.94 24.95
N LEU B 761 29.37 34.20 25.84
CA LEU B 761 28.08 33.52 25.83
C LEU B 761 26.98 34.47 25.38
N PRO B 762 26.14 34.05 24.45
CA PRO B 762 25.05 34.91 23.98
C PRO B 762 23.97 35.04 25.05
N ARG B 763 22.96 35.85 24.75
CA ARG B 763 21.85 36.04 25.67
C ARG B 763 21.06 34.75 25.82
N LEU B 764 20.64 34.45 27.05
CA LEU B 764 19.92 33.24 27.35
C LEU B 764 18.55 33.57 27.93
N ALA B 765 17.57 32.73 27.60
CA ALA B 765 16.21 32.94 28.07
C ALA B 765 16.09 32.60 29.55
N GLU B 766 15.20 33.30 30.24
CA GLU B 766 14.93 33.01 31.63
C GLU B 766 14.31 31.64 31.77
N MET B 767 14.68 30.91 32.82
CA MET B 767 14.37 29.49 32.91
C MET B 767 13.54 29.18 34.15
N PRO B 768 12.45 28.44 34.00
CA PRO B 768 11.65 28.03 35.17
C PRO B 768 12.05 26.68 35.72
N LEU B 769 11.94 26.56 37.04
CA LEU B 769 12.27 25.33 37.76
C LEU B 769 11.12 24.97 38.69
N PHE B 770 11.07 23.69 39.06
CA PHE B 770 10.02 23.16 39.92
C PHE B 770 10.66 22.58 41.18
N SER B 771 10.73 23.37 42.24
CA SER B 771 11.27 22.90 43.50
C SER B 771 10.26 22.00 44.21
N ASN B 772 10.72 21.33 45.26
CA ASN B 772 9.82 20.59 46.14
C ASN B 772 8.93 21.50 46.96
N GLN B 773 9.20 22.80 46.98
CA GLN B 773 8.46 23.74 47.81
C GLN B 773 7.84 24.88 47.02
N GLY B 774 8.05 24.94 45.70
CA GLY B 774 7.45 25.99 44.91
C GLY B 774 8.09 26.10 43.55
N LYS B 775 7.67 27.13 42.83
CA LYS B 775 8.16 27.39 41.48
C LYS B 775 9.29 28.40 41.52
N LEU B 776 10.20 28.28 40.56
CA LEU B 776 11.46 29.00 40.59
C LEU B 776 11.75 29.56 39.20
N HIS B 777 12.52 30.64 39.16
CA HIS B 777 13.01 31.21 37.91
C HIS B 777 14.50 31.45 38.01
N VAL B 778 15.17 31.33 36.86
CA VAL B 778 16.60 31.47 36.76
C VAL B 778 16.94 32.38 35.58
N ARG B 779 17.79 33.36 35.82
CA ARG B 779 18.26 34.25 34.77
C ARG B 779 19.78 34.35 34.84
N VAL B 780 20.41 34.55 33.69
CA VAL B 780 21.86 34.66 33.59
C VAL B 780 22.21 36.08 33.16
N ALA B 781 23.20 36.66 33.83
CA ALA B 781 23.58 38.04 33.56
C ALA B 781 24.03 38.21 32.11
N ASN B 782 23.58 39.29 31.48
CA ASN B 782 23.96 39.55 30.10
C ASN B 782 25.40 40.04 30.00
N ALA B 783 25.81 40.94 30.90
CA ALA B 783 27.15 41.51 30.86
C ALA B 783 28.05 40.72 31.78
N PRO B 784 29.03 39.99 31.26
CA PRO B 784 29.91 39.19 32.12
C PRO B 784 30.86 40.05 32.92
N LEU B 785 31.37 39.47 34.00
CA LEU B 785 32.37 40.11 34.83
C LEU B 785 33.76 39.65 34.40
N GLU B 786 34.68 40.60 34.30
CA GLU B 786 35.98 40.37 33.66
C GLU B 786 37.06 40.19 34.71
N VAL B 787 37.75 39.04 34.65
CA VAL B 787 38.93 38.79 35.48
C VAL B 787 40.02 38.18 34.59
N ILE B 788 41.26 38.29 35.04
CA ILE B 788 42.40 37.68 34.39
C ILE B 788 43.09 36.77 35.40
N ILE B 789 43.37 35.53 34.99
CA ILE B 789 44.01 34.57 35.88
C ILE B 789 45.51 34.76 35.82
N GLN B 790 46.05 35.60 36.71
CA GLN B 790 47.48 35.86 36.73
C GLN B 790 48.27 34.69 37.29
N ASN B 791 47.65 33.84 38.11
CA ASN B 791 48.34 32.75 38.80
C ASN B 791 47.83 31.43 38.26
N SER B 792 48.74 30.59 37.77
CA SER B 792 48.37 29.24 37.37
C SER B 792 47.85 28.43 38.56
N GLU B 793 48.41 28.68 39.74
CA GLU B 793 47.92 27.99 40.93
C GLU B 793 46.50 28.41 41.26
N GLN B 794 46.11 29.64 40.95
CA GLN B 794 44.71 30.02 41.08
C GLN B 794 43.82 29.16 40.20
N LEU B 795 44.26 28.92 38.96
CA LEU B 795 43.49 28.05 38.07
C LEU B 795 43.45 26.62 38.60
N GLU B 796 44.57 26.14 39.15
CA GLU B 796 44.59 24.79 39.69
C GLU B 796 43.65 24.66 40.89
N LEU B 797 43.64 25.66 41.76
CA LEU B 797 42.68 25.66 42.87
C LEU B 797 41.26 25.72 42.36
N LEU B 798 41.02 26.50 41.31
CA LEU B 798 39.69 26.59 40.73
C LEU B 798 39.24 25.23 40.22
N HIS B 799 40.13 24.54 39.50
CA HIS B 799 39.80 23.22 38.98
C HIS B 799 39.56 22.23 40.11
N GLN B 800 40.38 22.29 41.16
CA GLN B 800 40.17 21.39 42.29
C GLN B 800 38.83 21.64 42.96
N PHE B 801 38.47 22.91 43.16
CA PHE B 801 37.19 23.22 43.79
C PHE B 801 36.03 22.76 42.93
N HIS B 802 36.11 23.02 41.62
CA HIS B 802 35.04 22.61 40.72
C HIS B 802 34.90 21.09 40.71
N GLY B 803 36.01 20.37 40.69
CA GLY B 803 35.95 18.92 40.72
C GLY B 803 35.38 18.39 42.03
N MET B 804 35.84 18.94 43.15
CA MET B 804 35.39 18.45 44.45
C MET B 804 33.92 18.74 44.69
N VAL B 805 33.39 19.82 44.08
CA VAL B 805 31.96 20.08 44.18
C VAL B 805 31.16 18.87 43.73
N PHE B 806 31.36 18.44 42.47
CA PHE B 806 30.66 17.26 41.98
C PHE B 806 31.10 16.00 42.70
N ARG B 807 32.35 15.92 43.13
CA ARG B 807 32.86 14.70 43.76
C ARG B 807 32.16 14.43 45.08
N ASP B 808 31.92 15.48 45.87
CA ASP B 808 31.43 15.31 47.23
C ASP B 808 30.00 15.82 47.44
N ILE B 809 29.75 17.09 47.10
CA ILE B 809 28.50 17.73 47.52
C ILE B 809 27.30 17.07 46.87
N LEU B 810 27.33 16.92 45.55
CA LEU B 810 26.18 16.39 44.83
C LEU B 810 26.23 14.89 44.63
N LYS B 811 27.26 14.21 45.14
CA LYS B 811 27.37 12.76 45.05
C LYS B 811 27.25 12.28 43.60
N ILE B 812 27.89 13.01 42.69
CA ILE B 812 27.92 12.65 41.29
C ILE B 812 29.17 11.87 40.92
N TRP B 813 30.12 11.73 41.85
CA TRP B 813 31.40 11.11 41.53
C TRP B 813 31.23 9.66 41.13
N HIS B 814 32.18 9.17 40.35
CA HIS B 814 32.25 7.79 39.90
C HIS B 814 33.69 7.33 40.06
N PRO B 815 33.90 6.01 40.20
CA PRO B 815 35.27 5.52 40.39
C PRO B 815 36.22 5.90 39.28
N PHE B 816 35.73 5.96 38.04
CA PHE B 816 36.57 6.26 36.89
C PHE B 816 36.64 7.76 36.58
N PHE B 817 35.92 8.59 37.33
CA PHE B 817 35.90 10.01 37.03
C PHE B 817 37.27 10.64 37.26
N VAL B 818 37.66 11.51 36.33
CA VAL B 818 38.98 12.14 36.36
C VAL B 818 38.83 13.57 35.84
N LEU B 819 39.47 14.52 36.54
CA LEU B 819 39.49 15.89 36.05
C LEU B 819 40.20 15.95 34.72
N ASP B 820 39.62 16.70 33.77
CA ASP B 820 40.14 16.74 32.41
C ASP B 820 41.24 17.77 32.29
N ARG B 821 42.42 17.31 31.87
CA ARG B 821 43.53 18.19 31.55
C ARG B 821 43.61 18.51 30.06
N ARG B 822 43.06 17.63 29.22
CA ARG B 822 43.13 17.81 27.77
C ARG B 822 42.35 19.04 27.33
N SER B 823 41.16 19.25 27.89
CA SER B 823 40.36 20.47 27.70
C SER B 823 40.03 20.70 26.22
N LYS B 824 39.24 19.79 25.67
CA LYS B 824 38.70 19.97 24.32
C LYS B 824 37.17 19.96 24.30
N GLU B 825 36.54 18.98 24.93
CA GLU B 825 35.10 18.79 24.85
C GLU B 825 34.47 19.20 26.17
N ASN B 826 33.61 20.22 26.12
CA ASN B 826 32.79 20.65 27.24
C ASN B 826 33.65 20.91 28.48
N SER B 827 34.65 21.78 28.31
CA SER B 827 35.58 22.11 29.38
C SER B 827 35.36 23.56 29.80
N TYR B 828 35.05 23.75 31.07
CA TYR B 828 34.84 25.06 31.67
C TYR B 828 34.66 24.86 33.17
N LEU B 829 34.63 25.96 33.91
CA LEU B 829 34.57 25.92 35.36
C LEU B 829 33.43 26.80 35.85
N VAL B 830 32.96 26.49 37.06
CA VAL B 830 31.94 27.27 37.75
C VAL B 830 32.52 27.69 39.09
N VAL B 831 32.38 28.98 39.42
CA VAL B 831 33.13 29.56 40.53
C VAL B 831 32.21 30.40 41.40
N PRO B 832 32.34 30.34 42.73
CA PRO B 832 31.50 31.18 43.58
C PRO B 832 31.98 32.62 43.64
N LEU B 833 31.04 33.51 43.96
CA LEU B 833 31.31 34.93 44.06
C LEU B 833 30.96 35.44 45.45
N ILE B 834 31.84 36.29 45.99
CA ILE B 834 31.62 36.93 47.28
C ILE B 834 31.49 38.43 47.05
N LEU B 835 30.79 39.09 47.97
CA LEU B 835 30.63 40.54 47.88
C LEU B 835 31.98 41.21 47.98
N GLY B 836 32.46 41.78 46.88
CA GLY B 836 33.78 42.37 46.86
C GLY B 836 33.78 43.85 47.15
N ALA B 837 34.26 44.65 46.18
CA ALA B 837 34.31 46.10 46.34
C ALA B 837 32.93 46.70 45.99
N GLY B 838 31.98 46.43 46.87
CA GLY B 838 30.63 46.90 46.66
C GLY B 838 29.95 46.18 45.51
N GLU B 839 29.78 46.89 44.40
CA GLU B 839 29.15 46.30 43.21
C GLU B 839 29.94 45.13 42.65
N GLN B 840 31.25 45.06 42.93
CA GLN B 840 32.07 43.98 42.42
C GLN B 840 31.86 42.70 43.22
N LYS B 841 31.90 41.58 42.52
CA LYS B 841 31.74 40.25 43.12
C LYS B 841 32.99 39.44 42.80
N CYS B 842 33.99 39.52 43.68
CA CYS B 842 35.22 38.78 43.48
C CYS B 842 35.00 37.31 43.87
N PHE B 843 36.08 36.54 43.86
CA PHE B 843 36.00 35.11 44.07
C PHE B 843 36.19 34.75 45.54
N ASP B 844 35.47 33.71 45.97
CA ASP B 844 35.57 33.20 47.34
C ASP B 844 36.83 32.34 47.48
N TRP B 845 37.98 33.03 47.47
CA TRP B 845 39.25 32.32 47.64
C TRP B 845 39.31 31.58 48.96
N GLU B 846 38.60 32.08 49.97
CA GLU B 846 38.59 31.40 51.27
C GLU B 846 38.03 29.99 51.14
N LEU B 847 36.88 29.86 50.49
CA LEU B 847 36.21 28.56 50.42
C LEU B 847 37.07 27.54 49.70
N MET B 848 37.66 27.93 48.58
CA MET B 848 38.46 26.99 47.79
C MET B 848 39.78 26.67 48.49
N THR B 849 40.39 27.66 49.13
CA THR B 849 41.61 27.39 49.90
C THR B 849 41.34 26.48 51.09
N ASN B 850 40.12 26.51 51.63
CA ASN B 850 39.80 25.68 52.79
C ASN B 850 39.10 24.39 52.37
N PHE B 851 38.00 24.49 51.64
CA PHE B 851 37.21 23.31 51.28
C PHE B 851 37.74 22.67 50.00
N ARG B 852 39.03 22.37 50.00
CA ARG B 852 39.59 21.53 48.95
C ARG B 852 38.95 20.16 48.96
N ARG B 853 38.81 19.57 50.14
CA ARG B 853 38.06 18.34 50.34
C ARG B 853 37.20 18.47 51.58
N LEU B 854 35.95 18.04 51.48
CA LEU B 854 35.07 18.11 52.63
C LEU B 854 35.54 17.15 53.71
N PRO B 855 35.71 17.63 54.94
CA PRO B 855 36.14 16.73 56.02
C PRO B 855 35.07 15.69 56.33
N GLN B 856 35.51 14.61 56.97
CA GLN B 856 34.64 13.48 57.28
C GLN B 856 34.03 13.67 58.66
N SER B 857 32.72 13.53 58.75
CA SER B 857 32.02 13.61 60.02
C SER B 857 32.45 12.43 60.89
N HIS B 858 33.03 12.73 62.05
CA HIS B 858 33.53 11.70 62.95
C HIS B 858 32.63 11.60 64.19
N GLY B 859 32.60 10.41 64.77
CA GLY B 859 31.79 10.16 65.96
C GLY B 859 32.48 10.58 67.24
N SER B 860 32.51 11.88 67.50
CA SER B 860 33.14 12.39 68.71
C SER B 860 32.45 11.84 69.95
N ASN B 861 33.25 11.36 70.90
CA ASN B 861 32.71 10.84 72.15
C ASN B 861 32.83 11.88 73.26
N VAL B 862 32.33 11.50 74.44
CA VAL B 862 32.32 12.42 75.57
C VAL B 862 33.74 12.81 75.96
N GLN B 863 34.66 11.84 75.96
CA GLN B 863 36.03 12.10 76.41
C GLN B 863 36.67 13.21 75.59
N GLN B 864 36.61 13.09 74.26
CA GLN B 864 37.15 14.15 73.42
C GLN B 864 36.26 15.39 73.43
N ARG B 865 35.00 15.22 73.83
CA ARG B 865 34.09 16.36 73.87
C ARG B 865 34.33 17.25 75.08
N GLU B 866 34.97 16.74 76.13
CA GLU B 866 35.24 17.59 77.29
C GLU B 866 36.14 18.77 76.93
N GLN B 867 37.27 18.49 76.28
CA GLN B 867 38.22 19.55 75.97
C GLN B 867 37.89 20.27 74.67
N GLN B 868 36.90 19.80 73.92
CA GLN B 868 36.50 20.51 72.71
C GLN B 868 35.88 21.85 73.07
N PRO B 869 36.12 22.89 72.26
CA PRO B 869 35.60 24.22 72.60
C PRO B 869 34.08 24.29 72.48
N ALA B 870 33.51 25.25 73.18
CA ALA B 870 32.06 25.43 73.16
C ALA B 870 31.61 25.88 71.78
N PRO B 871 30.35 25.65 71.43
CA PRO B 871 29.85 26.05 70.11
C PRO B 871 29.48 27.52 70.05
N ARG B 872 30.04 28.21 69.09
CA ARG B 872 29.72 29.61 68.90
C ARG B 872 28.50 29.74 68.00
N PRO B 873 27.51 30.54 68.39
CA PRO B 873 26.35 30.74 67.50
C PRO B 873 26.74 31.24 66.12
N GLU B 874 27.74 32.12 66.04
CA GLU B 874 28.23 32.56 64.74
C GLU B 874 28.87 31.41 63.98
N ASP B 875 29.59 30.52 64.68
CA ASP B 875 30.23 29.39 64.02
C ASP B 875 29.21 28.46 63.39
N PHE B 876 27.99 28.41 63.92
CA PHE B 876 26.97 27.49 63.43
C PHE B 876 25.84 28.15 62.68
N GLU B 877 25.75 29.48 62.69
CA GLU B 877 24.59 30.16 62.11
C GLU B 877 24.59 30.01 60.59
N GLY B 878 23.58 29.32 60.06
CA GLY B 878 23.47 29.14 58.63
C GLY B 878 24.59 28.33 58.02
N LYS B 879 25.04 27.28 58.71
CA LYS B 879 26.13 26.43 58.24
C LYS B 879 25.61 25.01 58.04
N ILE B 880 26.39 24.21 57.32
CA ILE B 880 26.02 22.83 56.98
C ILE B 880 26.42 21.92 58.12
N VAL B 881 25.50 21.07 58.54
CA VAL B 881 25.70 20.16 59.66
C VAL B 881 25.26 18.76 59.23
N THR B 882 25.50 17.78 60.11
CA THR B 882 25.07 16.42 59.86
C THR B 882 25.01 15.67 61.19
N GLN B 883 24.22 14.61 61.22
CA GLN B 883 23.98 13.85 62.44
C GLN B 883 24.83 12.58 62.42
N TRP B 884 26.09 12.70 62.81
CA TRP B 884 26.97 11.53 62.84
C TRP B 884 26.57 10.52 63.89
N TYR B 885 25.90 10.96 64.96
CA TYR B 885 25.48 10.03 66.00
C TYR B 885 24.45 9.05 65.47
N ALA B 886 23.49 9.52 64.69
CA ALA B 886 22.42 8.67 64.20
C ALA B 886 22.83 7.95 62.93
N ASN B 887 21.97 7.03 62.49
CA ASN B 887 22.20 6.32 61.23
C ASN B 887 22.17 7.26 60.03
N TYR B 888 21.54 8.43 60.16
CA TYR B 888 21.39 9.39 59.07
C TYR B 888 22.76 10.02 58.81
N ASP B 889 23.31 9.69 57.64
CA ASP B 889 24.62 10.21 57.23
C ASP B 889 24.53 11.38 56.26
N LYS B 890 23.32 11.79 55.90
CA LYS B 890 23.15 12.87 54.94
C LYS B 890 23.49 14.21 55.59
N PRO B 891 23.71 15.26 54.82
CA PRO B 891 23.98 16.58 55.41
C PRO B 891 22.69 17.28 55.81
N MET B 892 22.86 18.26 56.69
CA MET B 892 21.75 19.00 57.27
C MET B 892 22.06 20.49 57.20
N LEU B 893 21.02 21.30 57.07
CA LEU B 893 21.14 22.75 57.06
C LEU B 893 20.38 23.33 58.24
N VAL B 894 21.04 24.20 58.99
CA VAL B 894 20.46 24.89 60.13
C VAL B 894 19.72 26.13 59.63
N THR B 895 18.65 26.50 60.32
CA THR B 895 17.85 27.66 59.97
C THR B 895 18.06 28.82 60.94
N LYS B 896 17.94 28.56 62.23
CA LYS B 896 18.11 29.59 63.24
C LYS B 896 18.68 28.96 64.51
N VAL B 897 19.24 29.81 65.36
CA VAL B 897 19.89 29.38 66.60
C VAL B 897 18.96 29.69 67.76
N HIS B 898 18.80 28.72 68.66
CA HIS B 898 17.93 28.85 69.82
C HIS B 898 18.82 29.11 71.04
N ARG B 899 19.21 30.37 71.22
CA ARG B 899 20.09 30.71 72.33
C ARG B 899 19.40 30.51 73.67
N GLU B 900 18.16 30.99 73.79
CA GLU B 900 17.46 30.91 75.06
C GLU B 900 17.17 29.46 75.46
N LEU B 901 16.78 28.63 74.51
CA LEU B 901 16.47 27.25 74.82
C LEU B 901 17.75 26.45 75.07
N THR B 902 17.60 25.38 75.85
CA THR B 902 18.74 24.62 76.35
C THR B 902 18.30 23.19 76.56
N PRO B 903 19.24 22.23 76.61
CA PRO B 903 18.87 20.85 76.95
C PRO B 903 18.10 20.72 78.24
N LEU B 904 17.47 19.56 78.45
CA LEU B 904 16.51 19.30 79.52
C LEU B 904 15.24 20.12 79.39
N SER B 905 15.07 20.84 78.29
CA SER B 905 13.80 21.46 77.98
C SER B 905 12.91 20.46 77.26
N TYR B 906 11.64 20.45 77.65
CA TYR B 906 10.70 19.48 77.09
C TYR B 906 10.47 19.72 75.61
N MET B 907 10.27 18.63 74.87
CA MET B 907 9.83 18.75 73.48
C MET B 907 8.39 19.26 73.47
N GLU B 908 8.13 20.28 72.65
CA GLU B 908 6.84 20.96 72.72
C GLU B 908 5.70 20.06 72.29
N LYS B 909 5.88 19.29 71.23
CA LYS B 909 4.80 18.52 70.63
C LYS B 909 4.85 17.06 71.09
N ASN B 910 3.74 16.59 71.66
CA ASN B 910 3.49 15.19 72.02
C ASN B 910 4.42 14.68 73.10
N GLN B 911 5.38 15.47 73.56
CA GLN B 911 6.32 15.06 74.61
C GLN B 911 6.52 16.20 75.59
N GLN B 912 5.42 16.81 76.03
CA GLN B 912 5.50 17.98 76.89
C GLN B 912 6.15 17.68 78.23
N ASP B 913 6.28 16.40 78.59
CA ASP B 913 7.02 16.03 79.80
C ASP B 913 8.41 15.49 79.49
N LYS B 914 8.63 14.96 78.29
CA LYS B 914 9.91 14.39 77.90
C LYS B 914 10.78 15.48 77.30
N THR B 915 12.00 15.61 77.82
CA THR B 915 12.92 16.64 77.37
C THR B 915 13.84 16.11 76.27
N TYR B 916 14.49 17.03 75.57
CA TYR B 916 15.33 16.67 74.44
C TYR B 916 16.53 15.84 74.89
N TYR B 917 17.15 16.22 76.00
CA TYR B 917 18.34 15.51 76.47
C TYR B 917 18.00 14.07 76.85
N GLU B 918 17.01 13.88 77.71
CA GLU B 918 16.68 12.53 78.15
C GLU B 918 16.21 11.67 76.99
N PHE B 919 15.49 12.26 76.03
CA PHE B 919 15.14 11.53 74.83
C PHE B 919 16.37 11.14 74.04
N THR B 920 17.37 12.03 73.97
CA THR B 920 18.60 11.72 73.24
C THR B 920 19.32 10.54 73.86
N MET B 921 19.44 10.52 75.19
CA MET B 921 19.97 9.35 75.86
C MET B 921 19.14 8.10 75.57
N SER B 922 17.83 8.18 75.79
CA SER B 922 16.97 7.02 75.56
C SER B 922 17.07 6.50 74.14
N LYS B 923 17.40 7.38 73.19
CA LYS B 923 17.50 6.98 71.79
C LYS B 923 18.86 6.37 71.45
N TYR B 924 19.94 7.11 71.69
CA TYR B 924 21.27 6.67 71.27
C TYR B 924 22.30 6.84 72.38
N GLY B 925 21.98 6.41 73.60
CA GLY B 925 22.95 6.51 74.67
C GLY B 925 24.13 5.58 74.49
N ASN B 926 23.88 4.40 73.93
CA ASN B 926 24.96 3.45 73.67
C ASN B 926 26.02 4.03 72.74
N ARG B 927 25.65 5.03 71.93
CA ARG B 927 26.57 5.62 70.99
C ARG B 927 27.11 6.98 71.43
N ILE B 928 26.26 7.83 72.02
CA ILE B 928 26.69 9.18 72.38
C ILE B 928 27.30 9.17 73.77
N GLY B 929 26.82 8.27 74.63
CA GLY B 929 27.29 8.23 76.00
C GLY B 929 26.65 9.29 76.86
N ASP B 930 27.04 10.56 76.66
CA ASP B 930 26.52 11.66 77.44
C ASP B 930 26.76 12.96 76.68
N VAL B 931 26.08 14.02 77.12
CA VAL B 931 26.19 15.34 76.52
C VAL B 931 26.94 16.25 77.49
N VAL B 932 28.02 16.84 77.03
CA VAL B 932 28.77 17.80 77.81
C VAL B 932 28.21 19.19 77.50
N HIS B 933 28.50 20.14 78.39
CA HIS B 933 27.99 21.51 78.28
C HIS B 933 26.47 21.52 78.23
N LYS B 934 25.87 21.05 79.33
CA LYS B 934 24.43 20.82 79.37
C LYS B 934 23.63 22.11 79.40
N ASP B 935 24.26 23.24 79.71
CA ASP B 935 23.55 24.52 79.79
C ASP B 935 23.56 25.31 78.49
N LYS B 936 24.16 24.76 77.43
CA LYS B 936 24.33 25.51 76.20
C LYS B 936 23.01 25.60 75.43
N PHE B 937 23.08 26.20 74.25
CA PHE B 937 21.89 26.48 73.45
C PHE B 937 21.60 25.34 72.48
N MET B 938 20.65 25.57 71.60
CA MET B 938 20.31 24.65 70.51
C MET B 938 20.10 25.46 69.23
N ILE B 939 19.63 24.76 68.19
CA ILE B 939 19.44 25.36 66.87
C ILE B 939 18.24 24.71 66.19
N GLU B 940 17.82 25.31 65.10
CA GLU B 940 16.70 24.81 64.29
C GLU B 940 17.20 24.49 62.89
N VAL B 941 16.93 23.27 62.43
CA VAL B 941 17.44 22.79 61.15
C VAL B 941 16.28 22.34 60.27
N ARG B 942 16.50 22.37 58.96
CA ARG B 942 15.53 21.90 57.99
C ARG B 942 16.24 21.07 56.93
N ASP B 943 15.53 20.06 56.43
CA ASP B 943 16.12 19.11 55.51
C ASP B 943 16.42 19.74 54.15
N LEU B 944 17.37 19.13 53.44
CA LEU B 944 17.70 19.49 52.07
C LEU B 944 17.26 18.37 51.16
N THR B 945 16.41 18.69 50.19
CA THR B 945 15.84 17.66 49.32
C THR B 945 16.90 17.01 48.46
N GLU B 946 16.91 15.68 48.44
CA GLU B 946 17.89 14.90 47.72
C GLU B 946 17.62 14.86 46.22
N GLN B 947 16.43 15.25 45.78
CA GLN B 947 16.10 15.23 44.36
C GLN B 947 17.00 16.20 43.60
N LEU B 948 17.35 15.83 42.36
CA LEU B 948 18.19 16.66 41.52
C LEU B 948 17.51 17.09 40.22
N THR B 949 16.60 16.29 39.68
CA THR B 949 15.91 16.62 38.44
C THR B 949 14.59 17.28 38.78
N PHE B 950 14.54 18.62 38.66
CA PHE B 950 13.37 19.40 39.03
C PHE B 950 12.52 19.79 37.84
N TYR B 951 12.72 19.14 36.69
CA TYR B 951 11.98 19.55 35.49
C TYR B 951 10.49 19.29 35.64
N VAL B 952 10.11 18.08 36.04
CA VAL B 952 8.71 17.71 36.11
C VAL B 952 8.10 18.22 37.41
N HIS B 953 6.91 18.79 37.30
CA HIS B 953 6.17 19.24 38.48
C HIS B 953 5.65 18.01 39.22
N ASN B 954 6.24 17.72 40.37
CA ASN B 954 5.81 16.58 41.19
C ASN B 954 4.49 16.94 41.89
N ARG B 955 3.42 16.89 41.10
CA ARG B 955 2.09 17.23 41.59
C ARG B 955 1.66 16.24 42.68
N GLY B 956 1.17 16.76 43.79
CA GLY B 956 0.74 15.91 44.88
C GLY B 956 0.32 16.75 46.06
N LYS B 957 -0.31 16.08 47.03
CA LYS B 957 -0.78 16.73 48.25
C LYS B 957 0.38 16.83 49.23
N PHE B 958 1.18 17.89 49.05
CA PHE B 958 2.37 18.08 49.89
C PHE B 958 2.02 18.29 51.35
N ASN B 959 0.86 18.91 51.63
CA ASN B 959 0.41 19.17 52.99
C ASN B 959 1.47 19.96 53.76
N ALA B 960 1.63 21.22 53.32
CA ALA B 960 2.72 22.06 53.81
C ALA B 960 2.77 22.12 55.33
N LYS B 961 1.62 22.10 56.00
CA LYS B 961 1.63 22.10 57.46
C LYS B 961 2.04 20.74 58.03
N SER B 962 1.79 19.66 57.30
CA SER B 962 2.06 18.32 57.82
C SER B 962 3.40 17.76 57.35
N LYS B 963 3.93 18.23 56.22
CA LYS B 963 5.21 17.74 55.75
C LYS B 963 6.33 18.06 56.74
N ALA B 964 6.34 19.30 57.25
CA ALA B 964 7.30 19.72 58.26
C ALA B 964 6.64 19.94 59.61
N LYS B 965 5.55 19.21 59.89
CA LYS B 965 4.89 19.30 61.19
C LYS B 965 5.88 19.04 62.33
N MET B 966 6.72 18.03 62.17
CA MET B 966 7.78 17.76 63.15
C MET B 966 8.80 18.89 63.09
N LYS B 967 9.26 19.34 64.24
CA LYS B 967 10.27 20.39 64.34
C LYS B 967 11.55 19.79 64.92
N VAL B 968 12.68 20.10 64.30
CA VAL B 968 13.95 19.45 64.60
C VAL B 968 14.84 20.45 65.30
N ILE B 969 15.17 20.17 66.56
CA ILE B 969 16.04 21.00 67.39
C ILE B 969 17.17 20.11 67.89
N LEU B 970 18.41 20.57 67.70
CA LEU B 970 19.59 19.78 68.03
C LEU B 970 20.56 20.57 68.91
N ILE B 971 21.26 19.84 69.77
CA ILE B 971 22.38 20.37 70.54
C ILE B 971 23.58 20.50 69.62
N PRO B 972 24.21 21.68 69.54
CA PRO B 972 25.34 21.85 68.61
C PRO B 972 26.49 20.91 68.85
N GLU B 973 26.77 20.53 70.10
CA GLU B 973 27.92 19.70 70.39
C GLU B 973 27.80 18.28 69.84
N LEU B 974 26.62 17.87 69.39
CA LEU B 974 26.38 16.51 68.95
C LEU B 974 26.45 16.35 67.43
N CYS B 975 26.64 17.44 66.69
CA CYS B 975 26.62 17.38 65.23
C CYS B 975 27.90 17.97 64.66
N PHE B 976 28.31 17.42 63.52
CA PHE B 976 29.45 17.94 62.78
C PHE B 976 29.12 19.30 62.19
N ASN B 977 30.15 20.15 62.08
CA ASN B 977 29.99 21.52 61.60
C ASN B 977 30.82 21.71 60.33
N PHE B 978 30.13 21.72 59.19
CA PHE B 978 30.73 22.18 57.93
C PHE B 978 30.45 23.67 57.81
N ASN B 979 31.39 24.47 58.32
CA ASN B 979 31.24 25.92 58.28
C ASN B 979 31.26 26.39 56.83
N PHE B 980 30.10 26.74 56.30
CA PHE B 980 29.94 27.00 54.88
C PHE B 980 28.78 27.95 54.69
N PRO B 981 28.80 28.79 53.66
CA PRO B 981 27.66 29.66 53.40
C PRO B 981 26.47 28.88 52.86
N GLY B 982 25.68 28.32 53.77
CA GLY B 982 24.55 27.47 53.46
C GLY B 982 23.68 27.88 52.29
N ASP B 983 23.53 29.18 52.07
CA ASP B 983 22.78 29.64 50.90
C ASP B 983 23.45 29.16 49.60
N LEU B 984 24.78 29.24 49.54
CA LEU B 984 25.48 28.72 48.38
C LEU B 984 25.21 27.23 48.22
N TRP B 985 25.23 26.48 49.32
CA TRP B 985 24.94 25.05 49.25
C TRP B 985 23.55 24.80 48.69
N LEU B 986 22.53 25.43 49.26
CA LEU B 986 21.17 25.15 48.80
C LEU B 986 20.93 25.68 47.40
N LYS B 987 21.73 26.63 46.93
CA LYS B 987 21.69 26.97 45.50
C LYS B 987 22.38 25.92 44.67
N LEU B 988 23.37 25.22 45.24
CA LEU B 988 24.24 24.37 44.45
C LEU B 988 23.55 23.10 43.97
N ILE B 989 22.56 22.59 44.71
CA ILE B 989 21.91 21.35 44.25
C ILE B 989 21.15 21.59 42.96
N PHE B 990 20.66 22.81 42.73
CA PHE B 990 19.96 23.09 41.49
C PHE B 990 20.90 23.25 40.30
N LEU B 991 22.21 23.20 40.52
CA LEU B 991 23.16 23.45 39.43
C LEU B 991 23.02 22.47 38.27
N PRO B 992 22.97 21.15 38.46
CA PRO B 992 22.98 20.25 37.29
C PRO B 992 21.81 20.47 36.33
N SER B 993 20.61 20.73 36.85
CA SER B 993 19.49 20.97 35.95
C SER B 993 19.71 22.23 35.12
N ILE B 994 20.19 23.29 35.76
CA ILE B 994 20.50 24.52 35.04
C ILE B 994 21.55 24.25 33.99
N LEU B 995 22.58 23.50 34.35
CA LEU B 995 23.68 23.23 33.43
C LEU B 995 23.18 22.49 32.20
N ASN B 996 22.39 21.43 32.41
CA ASN B 996 21.88 20.67 31.27
C ASN B 996 20.95 21.51 30.40
N ARG B 997 20.03 22.25 31.02
CA ARG B 997 19.08 23.00 30.22
C ARG B 997 19.76 24.13 29.46
N MET B 998 20.76 24.78 30.05
CA MET B 998 21.49 25.80 29.32
C MET B 998 22.38 25.16 28.25
N TYR B 999 22.86 23.94 28.48
CA TYR B 999 23.61 23.24 27.45
C TYR B 999 22.76 23.03 26.21
N PHE B 1000 21.50 22.66 26.41
CA PHE B 1000 20.62 22.51 25.25
C PHE B 1000 20.16 23.86 24.70
N LEU B 1001 20.00 24.85 25.57
CA LEU B 1001 19.61 26.18 25.11
C LEU B 1001 20.66 26.80 24.21
N LEU B 1002 21.94 26.50 24.46
CA LEU B 1002 22.99 27.01 23.58
C LEU B 1002 22.85 26.44 22.17
N HIS B 1003 22.58 25.14 22.07
CA HIS B 1003 22.28 24.55 20.76
C HIS B 1003 21.09 25.24 20.12
N ALA B 1004 20.05 25.51 20.91
CA ALA B 1004 18.88 26.18 20.37
C ALA B 1004 19.22 27.55 19.82
N GLU B 1005 20.02 28.32 20.56
CA GLU B 1005 20.41 29.65 20.10
C GLU B 1005 21.27 29.57 18.85
N ALA B 1006 22.17 28.59 18.78
CA ALA B 1006 22.97 28.42 17.58
C ALA B 1006 22.09 28.13 16.37
N LEU B 1007 21.09 27.26 16.55
CA LEU B 1007 20.17 26.97 15.44
C LEU B 1007 19.39 28.22 15.04
N ARG B 1008 18.96 29.00 16.02
CA ARG B 1008 18.22 30.23 15.71
C ARG B 1008 19.09 31.17 14.89
N LYS B 1009 20.36 31.32 15.28
CA LYS B 1009 21.27 32.17 14.51
C LYS B 1009 21.45 31.62 13.10
N ARG B 1010 21.59 30.30 12.97
CA ARG B 1010 21.80 29.71 11.65
C ARG B 1010 20.60 29.97 10.74
N PHE B 1011 19.40 29.78 11.25
CA PHE B 1011 18.22 29.96 10.42
C PHE B 1011 17.82 31.42 10.26
N ASN B 1012 18.35 32.32 11.08
CA ASN B 1012 18.15 33.74 10.78
C ASN B 1012 19.15 34.22 9.74
N THR B 1013 20.36 33.67 9.76
CA THR B 1013 21.36 34.05 8.75
C THR B 1013 21.03 33.47 7.39
N TYR B 1014 20.66 32.19 7.32
CA TYR B 1014 20.44 31.55 6.03
C TYR B 1014 19.27 32.16 5.28
N LEU B 1015 18.17 32.45 5.97
CA LEU B 1015 17.04 33.11 5.36
C LEU B 1015 17.24 34.60 5.19
N ASN B 1016 18.36 35.13 5.69
CA ASN B 1016 18.74 36.54 5.50
C ASN B 1016 17.69 37.48 6.09
N LEU B 1017 17.53 37.40 7.41
CA LEU B 1017 16.79 38.41 8.18
C LEU B 1017 17.69 38.91 9.29
N HIS B 1018 18.01 40.20 9.23
CA HIS B 1018 18.80 40.90 10.24
C HIS B 1018 18.14 42.23 10.57
N LEU B 1019 16.83 42.19 10.77
CA LEU B 1019 16.03 43.37 11.05
C LEU B 1019 15.94 43.59 12.56
N LEU B 1020 15.16 44.59 12.99
CA LEU B 1020 15.24 45.04 14.38
C LEU B 1020 14.91 43.98 15.42
N PRO B 1021 13.84 43.18 15.30
CA PRO B 1021 13.54 42.21 16.38
C PRO B 1021 14.49 41.02 16.42
N PHE B 1022 15.60 41.09 15.71
CA PHE B 1022 16.59 40.01 15.77
C PHE B 1022 17.14 39.85 17.18
N ASN B 1023 17.38 40.94 17.89
CA ASN B 1023 18.11 40.92 19.14
C ASN B 1023 17.19 40.56 20.31
N GLY B 1024 17.75 40.62 21.51
CA GLY B 1024 16.99 40.36 22.71
C GLY B 1024 16.59 38.89 22.85
N THR B 1025 15.79 38.65 23.88
CA THR B 1025 15.29 37.30 24.16
C THR B 1025 14.01 37.41 24.96
N ASP B 1026 13.29 36.28 25.04
CA ASP B 1026 12.01 36.21 25.73
C ASP B 1026 12.06 35.10 26.75
N TYR B 1027 11.32 35.28 27.84
CA TYR B 1027 11.26 34.25 28.88
C TYR B 1027 10.66 32.97 28.33
N MET B 1028 11.21 31.84 28.76
CA MET B 1028 10.78 30.55 28.24
C MET B 1028 9.40 30.20 28.76
N PRO B 1029 8.49 29.74 27.91
CA PRO B 1029 7.16 29.34 28.38
C PRO B 1029 7.12 27.87 28.74
N ARG B 1030 6.01 27.47 29.35
CA ARG B 1030 5.76 26.08 29.69
C ARG B 1030 4.32 25.73 29.35
N PRO B 1031 4.07 24.50 28.92
CA PRO B 1031 2.70 24.10 28.58
C PRO B 1031 1.99 23.42 29.75
N LEU B 1032 0.67 23.53 29.72
CA LEU B 1032 -0.20 22.87 30.69
C LEU B 1032 -0.90 21.65 30.12
N GLU B 1033 -1.34 21.72 28.88
CA GLU B 1033 -2.02 20.61 28.22
C GLU B 1033 -1.02 19.62 27.65
N ILE B 1034 -0.10 19.15 28.49
CA ILE B 1034 0.96 18.26 28.05
C ILE B 1034 0.98 17.03 28.94
N ASP B 1035 -0.20 16.70 29.49
CA ASP B 1035 -0.41 15.48 30.26
C ASP B 1035 0.36 15.49 31.58
N TYR B 1036 1.67 15.22 31.52
CA TYR B 1036 2.44 15.05 32.75
C TYR B 1036 2.49 16.33 33.57
N SER B 1037 2.65 17.49 32.92
CA SER B 1037 2.72 18.75 33.64
C SER B 1037 1.30 19.26 33.92
N LEU B 1038 0.57 18.47 34.71
CA LEU B 1038 -0.77 18.87 35.14
C LEU B 1038 -0.71 20.14 35.97
N LYS B 1039 0.24 20.21 36.90
CA LYS B 1039 0.32 21.32 37.84
C LYS B 1039 1.46 22.26 37.49
N GLY B 1168 -22.01 34.87 10.04
CA GLY B 1168 -21.44 35.91 10.88
C GLY B 1168 -20.19 36.53 10.29
N LYS B 1169 -19.05 36.28 10.93
CA LYS B 1169 -17.78 36.83 10.47
C LYS B 1169 -16.68 35.87 10.87
N VAL B 1170 -15.85 35.47 9.89
CA VAL B 1170 -14.75 34.57 10.17
C VAL B 1170 -13.57 35.34 10.76
N LYS B 1171 -12.97 34.78 11.79
CA LYS B 1171 -11.74 35.35 12.33
C LYS B 1171 -10.57 35.01 11.42
N PRO B 1172 -9.85 36.01 10.90
CA PRO B 1172 -8.74 35.71 9.99
C PRO B 1172 -7.63 34.94 10.69
N LEU B 1173 -6.97 34.06 9.93
CA LEU B 1173 -5.85 33.29 10.44
C LEU B 1173 -4.60 34.17 10.48
N LEU B 1174 -3.80 34.00 11.53
CA LEU B 1174 -2.61 34.82 11.69
C LEU B 1174 -1.47 34.42 10.76
N ILE B 1175 -1.37 33.14 10.41
CA ILE B 1175 -0.28 32.70 9.55
C ILE B 1175 -0.41 33.29 8.15
N LEU B 1176 -1.62 33.22 7.59
CA LEU B 1176 -1.85 33.84 6.28
C LEU B 1176 -1.66 35.34 6.36
N GLN B 1177 -2.14 35.96 7.44
CA GLN B 1177 -2.00 37.40 7.60
C GLN B 1177 -0.54 37.82 7.63
N LYS B 1178 0.31 37.04 8.32
CA LYS B 1178 1.72 37.37 8.37
C LYS B 1178 2.43 37.04 7.06
N THR B 1179 1.94 36.03 6.32
CA THR B 1179 2.54 35.72 5.04
C THR B 1179 2.20 36.76 3.99
N VAL B 1180 1.05 37.42 4.12
CA VAL B 1180 0.70 38.47 3.17
C VAL B 1180 1.15 39.84 3.64
N SER B 1181 1.31 40.05 4.94
CA SER B 1181 1.74 41.33 5.49
C SER B 1181 2.93 41.08 6.41
N LYS B 1182 4.05 41.75 6.12
CA LYS B 1182 5.26 41.58 6.90
C LYS B 1182 5.20 42.30 8.24
N GLU B 1183 4.21 43.16 8.46
CA GLU B 1183 4.12 43.89 9.71
C GLU B 1183 3.87 42.97 10.90
N HIS B 1184 3.22 41.85 10.67
CA HIS B 1184 2.91 40.90 11.73
C HIS B 1184 3.97 39.82 11.89
N ILE B 1185 5.09 39.91 11.18
CA ILE B 1185 6.15 38.95 11.37
C ILE B 1185 6.68 39.05 12.80
N THR B 1186 7.11 37.91 13.34
CA THR B 1186 7.64 37.86 14.69
C THR B 1186 8.91 37.02 14.71
N PRO B 1187 9.91 37.44 15.48
CA PRO B 1187 11.16 36.67 15.53
C PRO B 1187 11.02 35.41 16.36
N ALA B 1188 11.65 34.34 15.88
CA ALA B 1188 11.62 33.07 16.60
C ALA B 1188 12.55 33.13 17.80
N GLU B 1189 12.02 32.76 18.96
CA GLU B 1189 12.76 32.81 20.21
C GLU B 1189 13.34 31.45 20.54
N GLN B 1190 14.36 31.46 21.40
CA GLN B 1190 15.06 30.23 21.77
C GLN B 1190 14.12 29.17 22.30
N GLY B 1191 13.07 29.58 23.00
CA GLY B 1191 12.19 28.60 23.64
C GLY B 1191 11.55 27.66 22.64
N GLU B 1192 11.06 28.19 21.52
CA GLU B 1192 10.41 27.35 20.53
C GLU B 1192 11.39 26.36 19.93
N PHE B 1193 12.61 26.81 19.60
CA PHE B 1193 13.62 25.90 19.07
C PHE B 1193 13.95 24.81 20.06
N LEU B 1194 14.15 25.19 21.32
CA LEU B 1194 14.49 24.20 22.34
C LEU B 1194 13.36 23.18 22.50
N ALA B 1195 12.11 23.65 22.54
CA ALA B 1195 10.98 22.74 22.64
C ALA B 1195 10.94 21.81 21.44
N ALA B 1196 11.24 22.34 20.24
CA ALA B 1196 11.34 21.49 19.07
C ALA B 1196 12.45 20.46 19.22
N ILE B 1197 13.46 20.77 20.04
CA ILE B 1197 14.57 19.85 20.22
C ILE B 1197 14.30 18.84 21.33
N THR B 1198 13.63 19.25 22.41
CA THR B 1198 13.39 18.36 23.53
C THR B 1198 12.44 17.23 23.14
N ALA B 1199 12.95 16.00 23.15
CA ALA B 1199 12.10 14.85 22.87
C ALA B 1199 11.19 14.56 24.07
N SER B 1200 10.06 13.92 23.77
CA SER B 1200 9.13 13.54 24.83
C SER B 1200 9.74 12.52 25.77
N SER B 1201 10.69 11.72 25.28
CA SER B 1201 11.37 10.76 26.15
C SER B 1201 12.12 11.48 27.27
N ALA B 1202 12.86 12.53 26.94
CA ALA B 1202 13.48 13.37 27.96
C ALA B 1202 12.38 14.25 28.53
N ALA B 1203 11.67 13.70 29.51
CA ALA B 1203 10.44 14.33 29.96
C ALA B 1203 10.73 15.58 30.78
N ASP B 1204 10.80 16.71 30.10
CA ASP B 1204 10.76 18.01 30.76
C ASP B 1204 9.32 18.51 30.73
N VAL B 1205 9.13 19.80 31.01
CA VAL B 1205 7.78 20.34 31.00
C VAL B 1205 7.21 20.41 29.58
N PHE B 1206 8.05 20.60 28.56
CA PHE B 1206 7.56 20.70 27.18
C PHE B 1206 8.19 19.62 26.31
N ASP B 1207 7.83 19.65 25.03
CA ASP B 1207 8.37 18.75 24.00
C ASP B 1207 7.89 19.29 22.65
N MET B 1208 8.23 18.59 21.57
CA MET B 1208 7.94 19.11 20.23
C MET B 1208 6.61 18.65 19.67
N GLU B 1209 5.92 17.72 20.33
CA GLU B 1209 4.78 17.07 19.69
C GLU B 1209 3.64 18.02 19.38
N ARG B 1210 3.63 19.22 19.97
CA ARG B 1210 2.63 20.20 19.56
C ARG B 1210 3.00 20.87 18.25
N LEU B 1211 4.29 21.08 18.01
CA LEU B 1211 4.74 21.64 16.75
C LEU B 1211 4.79 20.62 15.62
N GLU B 1212 4.83 19.33 15.97
CA GLU B 1212 5.02 18.28 14.99
C GLU B 1212 3.85 18.22 14.01
N ILE B 1213 2.62 18.42 14.50
CA ILE B 1213 1.46 18.36 13.63
C ILE B 1213 1.50 19.50 12.61
N LEU B 1214 1.81 20.71 13.06
CA LEU B 1214 1.90 21.84 12.14
C LEU B 1214 3.01 21.61 11.12
N GLY B 1215 4.14 21.09 11.57
CA GLY B 1215 5.21 20.78 10.64
C GLY B 1215 4.79 19.77 9.59
N ASN B 1216 4.11 18.71 10.01
CA ASN B 1216 3.66 17.69 9.07
C ASN B 1216 2.69 18.27 8.06
N SER B 1217 1.73 19.06 8.51
CA SER B 1217 0.74 19.63 7.59
C SER B 1217 1.42 20.57 6.60
N PHE B 1218 2.33 21.42 7.07
CA PHE B 1218 3.00 22.33 6.14
C PHE B 1218 3.86 21.56 5.16
N LEU B 1219 4.55 20.52 5.62
CA LEU B 1219 5.37 19.73 4.71
C LEU B 1219 4.52 19.05 3.65
N LYS B 1220 3.35 18.53 4.04
CA LYS B 1220 2.47 17.92 3.06
C LYS B 1220 2.02 18.97 2.03
N LEU B 1221 1.64 20.16 2.49
CA LEU B 1221 1.20 21.18 1.54
C LEU B 1221 2.33 21.55 0.60
N SER B 1222 3.54 21.74 1.13
CA SER B 1222 4.66 22.18 0.31
C SER B 1222 5.03 21.11 -0.72
N ALA B 1223 5.09 19.86 -0.30
CA ALA B 1223 5.39 18.78 -1.24
C ALA B 1223 4.32 18.69 -2.32
N THR B 1224 3.04 18.79 -1.92
CA THR B 1224 1.97 18.73 -2.91
C THR B 1224 2.08 19.86 -3.93
N LEU B 1225 2.24 21.09 -3.46
CA LEU B 1225 2.32 22.22 -4.38
C LEU B 1225 3.54 22.10 -5.29
N TYR B 1226 4.69 21.75 -4.74
CA TYR B 1226 5.90 21.65 -5.54
C TYR B 1226 5.76 20.58 -6.61
N LEU B 1227 5.26 19.40 -6.22
CA LEU B 1227 5.11 18.32 -7.19
C LEU B 1227 4.09 18.68 -8.26
N ALA B 1228 2.98 19.33 -7.87
CA ALA B 1228 1.98 19.71 -8.85
C ALA B 1228 2.53 20.72 -9.84
N SER B 1229 3.25 21.72 -9.35
CA SER B 1229 3.83 22.72 -10.25
C SER B 1229 5.03 22.20 -11.02
N LYS B 1230 5.58 21.04 -10.63
CA LYS B 1230 6.73 20.46 -11.30
C LYS B 1230 6.37 19.35 -12.26
N TYR B 1231 5.41 18.49 -11.90
CA TYR B 1231 5.02 17.34 -12.70
C TYR B 1231 3.53 17.42 -13.05
N SER B 1232 3.10 18.60 -13.51
CA SER B 1232 1.69 18.80 -13.80
C SER B 1232 1.17 17.90 -14.92
N ASP B 1233 2.07 17.31 -15.71
CA ASP B 1233 1.69 16.43 -16.80
C ASP B 1233 1.57 14.97 -16.36
N TRP B 1234 1.32 14.72 -15.08
CA TRP B 1234 1.17 13.37 -14.55
C TRP B 1234 -0.23 13.19 -13.98
N ASN B 1235 -0.66 11.94 -13.93
CA ASN B 1235 -1.95 11.61 -13.35
C ASN B 1235 -1.88 11.63 -11.83
N GLU B 1236 -3.04 11.47 -11.20
CA GLU B 1236 -3.13 11.64 -9.75
C GLU B 1236 -2.40 10.52 -9.00
N GLY B 1237 -2.45 9.29 -9.52
CA GLY B 1237 -1.94 8.16 -8.76
C GLY B 1237 -0.46 8.25 -8.48
N THR B 1238 0.33 8.51 -9.52
CA THR B 1238 1.77 8.60 -9.34
C THR B 1238 2.14 9.80 -8.48
N LEU B 1239 1.40 10.91 -8.63
CA LEU B 1239 1.64 12.07 -7.78
C LEU B 1239 1.40 11.74 -6.32
N THR B 1240 0.32 11.03 -6.02
CA THR B 1240 0.04 10.64 -4.64
C THR B 1240 1.11 9.73 -4.10
N GLU B 1241 1.53 8.74 -4.89
CA GLU B 1241 2.56 7.82 -4.43
C GLU B 1241 3.86 8.56 -4.13
N VAL B 1242 4.29 9.43 -5.05
CA VAL B 1242 5.55 10.15 -4.84
C VAL B 1242 5.44 11.09 -3.64
N LYS B 1243 4.31 11.80 -3.51
CA LYS B 1243 4.17 12.73 -2.39
C LYS B 1243 4.20 11.99 -1.06
N SER B 1244 3.54 10.82 -0.99
CA SER B 1244 3.62 10.03 0.23
C SER B 1244 5.05 9.55 0.47
N LYS B 1245 5.76 9.20 -0.60
CA LYS B 1245 7.14 8.76 -0.44
C LYS B 1245 8.03 9.87 0.09
N LEU B 1246 7.75 11.12 -0.30
CA LEU B 1246 8.61 12.24 0.06
C LEU B 1246 8.63 12.47 1.56
N VAL B 1247 7.46 12.46 2.20
CA VAL B 1247 7.35 12.82 3.61
C VAL B 1247 7.48 11.57 4.47
N SER B 1248 7.94 10.48 3.88
CA SER B 1248 8.15 9.25 4.63
C SER B 1248 9.28 9.43 5.64
N ASN B 1249 9.25 8.60 6.69
CA ASN B 1249 10.21 8.73 7.77
C ASN B 1249 11.63 8.50 7.28
N ARG B 1250 11.82 7.52 6.40
CA ARG B 1250 13.16 7.24 5.88
C ARG B 1250 13.75 8.46 5.20
N ASN B 1251 12.98 9.11 4.34
CA ASN B 1251 13.51 10.26 3.60
C ASN B 1251 13.78 11.44 4.52
N LEU B 1252 12.90 11.69 5.47
CA LEU B 1252 13.14 12.78 6.41
C LEU B 1252 14.41 12.54 7.22
N LEU B 1253 14.58 11.30 7.71
CA LEU B 1253 15.78 10.97 8.47
C LEU B 1253 17.03 11.14 7.63
N PHE B 1254 17.00 10.66 6.38
CA PHE B 1254 18.17 10.77 5.52
C PHE B 1254 18.49 12.21 5.21
N CYS B 1255 17.47 13.04 4.95
CA CYS B 1255 17.71 14.44 4.64
C CYS B 1255 18.14 15.23 5.86
N LEU B 1256 17.82 14.77 7.07
CA LEU B 1256 18.22 15.49 8.26
C LEU B 1256 19.57 15.08 8.80
N ILE B 1257 20.00 13.83 8.59
CA ILE B 1257 21.27 13.38 9.15
C ILE B 1257 22.42 14.18 8.58
N ASP B 1258 22.42 14.39 7.26
CA ASP B 1258 23.48 15.18 6.66
C ASP B 1258 23.34 16.67 6.94
N ALA B 1259 22.24 17.08 7.56
CA ALA B 1259 22.08 18.48 7.95
C ALA B 1259 22.80 18.82 9.25
N ASP B 1260 23.50 17.86 9.85
CA ASP B 1260 24.34 18.06 11.02
C ASP B 1260 23.53 18.46 12.26
N ILE B 1261 22.23 18.19 12.26
CA ILE B 1261 21.35 18.50 13.38
C ILE B 1261 21.36 17.45 14.48
N PRO B 1262 21.27 16.13 14.18
CA PRO B 1262 20.91 15.18 15.24
C PRO B 1262 21.84 15.16 16.43
N LYS B 1263 23.12 15.47 16.25
CA LYS B 1263 24.04 15.44 17.39
C LYS B 1263 23.79 16.58 18.37
N THR B 1264 22.73 17.37 18.19
CA THR B 1264 22.36 18.46 19.07
C THR B 1264 20.89 18.36 19.46
N LEU B 1265 20.46 17.16 19.86
CA LEU B 1265 19.09 16.90 20.21
C LEU B 1265 18.96 16.57 21.69
N ASN B 1266 17.78 16.87 22.25
CA ASN B 1266 17.46 16.56 23.64
C ASN B 1266 16.48 15.38 23.63
N THR B 1267 17.00 14.19 23.93
CA THR B 1267 16.21 12.97 23.91
C THR B 1267 16.25 12.16 25.20
N ILE B 1268 17.33 12.21 25.96
CA ILE B 1268 17.54 11.31 27.09
C ILE B 1268 17.07 11.99 28.37
N GLN B 1269 16.29 11.25 29.16
CA GLN B 1269 15.93 11.71 30.48
C GLN B 1269 17.19 11.94 31.32
N PHE B 1270 17.23 13.08 31.99
CA PHE B 1270 18.46 13.52 32.66
C PHE B 1270 18.47 12.99 34.09
N THR B 1271 19.12 11.85 34.29
CA THR B 1271 19.43 11.36 35.62
C THR B 1271 20.92 11.53 35.85
N PRO B 1272 21.35 12.44 36.71
CA PRO B 1272 22.77 12.83 36.70
C PRO B 1272 23.69 11.78 37.29
N ARG B 1273 23.31 11.13 38.39
CA ARG B 1273 24.23 10.25 39.08
C ARG B 1273 24.64 9.04 38.24
N TYR B 1274 23.88 8.72 37.20
CA TYR B 1274 24.16 7.53 36.41
C TYR B 1274 24.13 7.72 34.91
N THR B 1275 23.46 8.75 34.40
CA THR B 1275 23.32 8.95 32.96
C THR B 1275 23.78 10.34 32.55
N TRP B 1276 24.81 10.85 33.21
CA TRP B 1276 25.33 12.17 32.86
C TRP B 1276 26.81 12.24 33.17
N LEU B 1277 27.52 13.06 32.39
CA LEU B 1277 28.93 13.32 32.61
C LEU B 1277 29.12 14.75 33.08
N PRO B 1278 29.90 14.98 34.13
CA PRO B 1278 30.12 16.35 34.59
C PRO B 1278 30.95 17.12 33.59
N PRO B 1279 30.85 18.45 33.60
CA PRO B 1279 31.62 19.25 32.63
C PRO B 1279 33.13 19.13 32.81
N GLY B 1280 33.64 19.41 34.00
CA GLY B 1280 35.06 19.41 34.22
C GLY B 1280 35.68 18.05 34.40
N ILE B 1281 34.93 16.98 34.22
CA ILE B 1281 35.39 15.62 34.50
C ILE B 1281 35.24 14.77 33.24
N SER B 1282 36.24 13.94 32.99
CA SER B 1282 36.23 13.02 31.86
C SER B 1282 36.84 11.69 32.29
N LEU B 1283 36.85 10.74 31.38
CA LEU B 1283 37.57 9.49 31.58
C LEU B 1283 39.07 9.75 31.47
N PRO B 1284 39.89 8.82 31.93
CA PRO B 1284 41.34 8.93 31.69
C PRO B 1284 41.62 9.02 30.19
N HIS B 1285 42.58 9.88 29.85
CA HIS B 1285 42.83 10.18 28.44
C HIS B 1285 43.26 8.93 27.69
N ASN B 1286 44.13 8.12 28.29
CA ASN B 1286 44.61 6.92 27.62
C ASN B 1286 43.46 5.94 27.36
N VAL B 1287 42.61 5.73 28.36
CA VAL B 1287 41.49 4.81 28.15
C VAL B 1287 40.47 5.44 27.20
N LEU B 1288 40.35 6.77 27.20
CA LEU B 1288 39.51 7.43 26.20
C LEU B 1288 39.99 7.14 24.79
N ALA B 1289 41.31 7.23 24.57
CA ALA B 1289 41.86 6.91 23.27
C ALA B 1289 41.65 5.44 22.92
N LEU B 1290 41.87 4.55 23.89
CA LEU B 1290 41.67 3.13 23.65
C LEU B 1290 40.24 2.82 23.24
N TRP B 1291 39.28 3.45 23.92
CA TRP B 1291 37.88 3.32 23.55
C TRP B 1291 37.64 3.88 22.14
N ARG B 1292 38.26 5.01 21.83
CA ARG B 1292 38.11 5.64 20.52
C ARG B 1292 39.05 5.04 19.47
N GLU B 1293 39.74 3.94 19.77
CA GLU B 1293 40.64 3.31 18.82
C GLU B 1293 40.33 1.84 18.57
N ASN B 1294 39.59 1.18 19.46
CA ASN B 1294 39.30 -0.25 19.35
C ASN B 1294 37.79 -0.45 19.30
N PRO B 1295 37.17 -0.20 18.14
CA PRO B 1295 35.74 -0.52 18.01
C PRO B 1295 35.44 -1.99 18.20
N GLU B 1296 36.35 -2.87 17.78
CA GLU B 1296 36.19 -4.29 18.04
C GLU B 1296 36.18 -4.59 19.52
N PHE B 1297 36.85 -3.75 20.32
CA PHE B 1297 36.90 -3.92 21.77
C PHE B 1297 35.99 -2.95 22.50
N ALA B 1298 35.49 -1.91 21.82
CA ALA B 1298 34.59 -0.96 22.47
C ALA B 1298 33.30 -1.64 22.91
N LYS B 1299 32.78 -2.55 22.10
CA LYS B 1299 31.47 -3.15 22.34
C LYS B 1299 31.45 -4.14 23.51
N ILE B 1300 32.61 -4.52 24.04
CA ILE B 1300 32.67 -5.48 25.13
C ILE B 1300 32.92 -4.81 26.48
N ILE B 1301 33.35 -3.55 26.48
CA ILE B 1301 33.59 -2.83 27.73
C ILE B 1301 32.27 -2.66 28.46
N GLY B 1302 32.23 -3.05 29.73
CA GLY B 1302 31.03 -2.99 30.51
C GLY B 1302 31.15 -2.06 31.70
N PRO B 1303 30.01 -1.59 32.22
CA PRO B 1303 30.05 -0.66 33.36
C PRO B 1303 30.71 -1.25 34.58
N HIS B 1304 30.60 -2.57 34.79
CA HIS B 1304 31.29 -3.20 35.91
C HIS B 1304 32.80 -3.04 35.76
N ASN B 1305 33.31 -3.20 34.54
CA ASN B 1305 34.74 -3.00 34.31
C ASN B 1305 35.14 -1.56 34.59
N LEU B 1306 34.31 -0.60 34.17
CA LEU B 1306 34.61 0.80 34.44
C LEU B 1306 34.66 1.06 35.94
N ARG B 1307 33.68 0.54 36.68
CA ARG B 1307 33.68 0.71 38.12
C ARG B 1307 34.76 -0.11 38.81
N ASP B 1308 35.37 -1.07 38.11
CA ASP B 1308 36.43 -1.87 38.71
C ASP B 1308 37.62 -1.02 39.09
N LEU B 1309 38.00 -0.08 38.23
CA LEU B 1309 39.13 0.79 38.52
C LEU B 1309 38.84 1.65 39.74
N ALA B 1310 39.83 1.79 40.61
CA ALA B 1310 39.73 2.59 41.82
C ALA B 1310 40.77 3.72 41.69
N LEU B 1311 40.31 4.89 41.28
CA LEU B 1311 41.19 6.03 41.05
C LEU B 1311 41.07 7.00 42.23
N GLY B 1312 42.15 7.16 42.97
CA GLY B 1312 42.20 8.08 44.08
C GLY B 1312 42.32 9.52 43.58
N ASP B 1313 42.55 10.42 44.53
CA ASP B 1313 42.67 11.84 44.19
C ASP B 1313 43.87 12.08 43.28
N GLU B 1314 44.94 11.31 43.46
CA GLU B 1314 46.12 11.46 42.60
C GLU B 1314 45.76 11.22 41.14
N GLU B 1315 45.12 10.08 40.86
CA GLU B 1315 44.79 9.75 39.47
C GLU B 1315 43.84 10.77 38.86
N SER B 1316 42.84 11.21 39.62
CA SER B 1316 41.85 12.13 39.10
C SER B 1316 42.31 13.58 39.11
N LEU B 1317 43.46 13.87 39.70
CA LEU B 1317 43.92 15.26 39.83
C LEU B 1317 45.21 15.54 39.08
N VAL B 1318 46.26 14.77 39.31
CA VAL B 1318 47.59 15.12 38.83
C VAL B 1318 47.95 14.47 37.50
N LYS B 1319 47.26 13.40 37.10
CA LYS B 1319 47.68 12.64 35.94
C LYS B 1319 46.68 12.71 34.78
N GLY B 1320 45.42 12.39 35.03
CA GLY B 1320 44.48 12.24 33.94
C GLY B 1320 44.56 10.92 33.23
N ASN B 1321 45.40 9.99 33.69
CA ASN B 1321 45.52 8.66 33.10
C ASN B 1321 45.82 7.67 34.20
N CYS B 1322 45.17 6.51 34.13
CA CYS B 1322 45.31 5.51 35.19
C CYS B 1322 46.70 4.88 35.16
N SER B 1323 47.03 4.21 36.26
CA SER B 1323 48.31 3.52 36.37
C SER B 1323 48.40 2.37 35.37
N ASP B 1324 49.61 2.12 34.90
CA ASP B 1324 49.80 1.09 33.87
C ASP B 1324 49.46 -0.31 34.38
N ILE B 1325 49.81 -0.64 35.63
CA ILE B 1325 49.34 -1.93 36.17
C ILE B 1325 47.83 -1.92 36.26
N ASN B 1326 47.25 -0.81 36.73
CA ASN B 1326 45.80 -0.70 36.77
C ASN B 1326 45.21 -0.74 35.36
N TYR B 1327 45.90 -0.15 34.40
CA TYR B 1327 45.49 -0.26 33.00
C TYR B 1327 45.41 -1.71 32.57
N ASN B 1328 46.46 -2.48 32.84
CA ASN B 1328 46.48 -3.88 32.44
C ASN B 1328 45.41 -4.68 33.15
N ARG B 1329 45.21 -4.43 34.44
CA ARG B 1329 44.17 -5.16 35.18
C ARG B 1329 42.79 -4.82 34.64
N PHE B 1330 42.55 -3.54 34.31
CA PHE B 1330 41.26 -3.14 33.79
C PHE B 1330 41.00 -3.78 32.42
N VAL B 1331 42.00 -3.77 31.54
CA VAL B 1331 41.78 -4.38 30.23
C VAL B 1331 41.62 -5.90 30.35
N GLU B 1332 42.33 -6.52 31.29
CA GLU B 1332 42.13 -7.95 31.54
C GLU B 1332 40.71 -8.22 32.00
N GLY B 1333 40.20 -7.39 32.92
CA GLY B 1333 38.83 -7.56 33.37
C GLY B 1333 37.83 -7.37 32.24
N CYS B 1334 38.08 -6.40 31.37
CA CYS B 1334 37.20 -6.19 30.21
C CYS B 1334 37.22 -7.40 29.29
N ARG B 1335 38.41 -7.98 29.08
CA ARG B 1335 38.52 -9.13 28.19
C ARG B 1335 37.92 -10.39 28.82
N ALA B 1336 37.90 -10.46 30.14
CA ALA B 1336 37.34 -11.62 30.82
C ALA B 1336 35.84 -11.76 30.64
N ASN B 1337 35.15 -10.73 30.16
CA ASN B 1337 33.71 -10.81 29.95
C ASN B 1337 33.34 -11.79 28.84
N GLY B 1338 34.28 -12.14 27.97
CA GLY B 1338 33.96 -13.00 26.84
C GLY B 1338 33.53 -14.39 27.26
N GLN B 1339 34.22 -14.97 28.23
CA GLN B 1339 33.92 -16.32 28.70
C GLN B 1339 32.82 -16.36 29.75
N SER B 1340 32.29 -15.21 30.15
CA SER B 1340 31.23 -15.13 31.13
C SER B 1340 29.92 -14.71 30.46
N PHE B 1341 28.88 -14.58 31.27
CA PHE B 1341 27.59 -14.11 30.77
C PHE B 1341 27.65 -12.66 30.28
N TYR B 1342 28.68 -11.91 30.69
CA TYR B 1342 28.81 -10.53 30.26
C TYR B 1342 29.07 -10.39 28.78
N ALA B 1343 29.43 -11.48 28.10
CA ALA B 1343 29.76 -11.41 26.68
C ALA B 1343 28.55 -11.00 25.86
N GLY B 1344 28.75 -10.03 24.97
CA GLY B 1344 27.71 -9.62 24.04
C GLY B 1344 26.63 -8.75 24.62
N ALA B 1345 26.74 -8.34 25.88
CA ALA B 1345 25.71 -7.52 26.50
C ALA B 1345 25.65 -6.16 25.84
N ASP B 1346 24.44 -5.63 25.71
CA ASP B 1346 24.21 -4.33 25.07
C ASP B 1346 24.64 -3.22 26.03
N PHE B 1347 25.96 -3.11 26.19
CA PHE B 1347 26.52 -2.11 27.09
C PHE B 1347 26.23 -0.69 26.65
N SER B 1348 25.81 -0.50 25.38
CA SER B 1348 25.56 0.84 24.88
C SER B 1348 24.53 1.58 25.71
N SER B 1349 23.58 0.87 26.30
CA SER B 1349 22.59 1.52 27.15
C SER B 1349 23.20 2.09 28.42
N GLU B 1350 24.43 1.69 28.77
CA GLU B 1350 25.05 2.14 30.00
C GLU B 1350 26.34 2.92 29.81
N VAL B 1351 27.03 2.75 28.69
CA VAL B 1351 28.38 3.32 28.51
C VAL B 1351 28.46 4.30 27.35
N ASN B 1352 27.40 4.48 26.57
CA ASN B 1352 27.49 5.41 25.44
C ASN B 1352 27.73 6.83 25.91
N PHE B 1353 27.11 7.23 27.03
CA PHE B 1353 27.29 8.58 27.53
C PHE B 1353 28.70 8.82 28.07
N CYS B 1354 29.50 7.77 28.23
CA CYS B 1354 30.87 7.96 28.69
C CYS B 1354 31.78 8.48 27.59
N VAL B 1355 31.36 8.35 26.33
CA VAL B 1355 32.14 8.82 25.19
C VAL B 1355 31.31 9.73 24.29
N GLY B 1356 30.25 10.33 24.82
CA GLY B 1356 29.42 11.23 24.04
C GLY B 1356 28.66 10.57 22.91
N LEU B 1357 28.16 9.37 23.11
CA LEU B 1357 27.37 8.65 22.13
C LEU B 1357 25.98 8.39 22.70
N VAL B 1358 25.03 8.13 21.81
CA VAL B 1358 23.65 7.87 22.21
C VAL B 1358 22.93 7.20 21.07
N THR B 1359 21.83 6.52 21.37
CA THR B 1359 20.98 5.88 20.38
C THR B 1359 19.61 6.54 20.41
N ILE B 1360 19.10 6.88 19.23
CA ILE B 1360 17.83 7.61 19.13
C ILE B 1360 16.93 6.95 18.10
N PRO B 1361 15.67 6.71 18.41
CA PRO B 1361 14.75 6.16 17.41
C PRO B 1361 14.56 7.09 16.23
N ASN B 1362 14.39 6.49 15.05
CA ASN B 1362 14.25 7.28 13.83
C ASN B 1362 13.00 8.14 13.86
N LYS B 1363 11.94 7.65 14.50
CA LYS B 1363 10.73 8.45 14.64
C LYS B 1363 11.01 9.79 15.30
N VAL B 1364 11.97 9.84 16.22
CA VAL B 1364 12.29 11.09 16.91
C VAL B 1364 12.82 12.12 15.92
N ILE B 1365 13.73 11.71 15.03
CA ILE B 1365 14.26 12.62 14.04
C ILE B 1365 13.19 13.02 13.04
N ALA B 1366 12.39 12.06 12.60
CA ALA B 1366 11.29 12.37 11.70
C ALA B 1366 10.36 13.40 12.32
N ASP B 1367 10.19 13.34 13.64
CA ASP B 1367 9.37 14.34 14.32
C ASP B 1367 10.08 15.68 14.42
N THR B 1368 11.38 15.68 14.74
CA THR B 1368 12.06 16.94 14.99
C THR B 1368 12.24 17.77 13.72
N LEU B 1369 12.34 17.13 12.56
CA LEU B 1369 12.38 17.90 11.32
C LEU B 1369 11.11 18.72 11.16
N GLU B 1370 9.96 18.07 11.27
CA GLU B 1370 8.69 18.78 11.19
C GLU B 1370 8.55 19.76 12.34
N ALA B 1371 9.15 19.46 13.49
CA ALA B 1371 9.08 20.39 14.61
C ALA B 1371 9.78 21.70 14.29
N LEU B 1372 10.98 21.62 13.71
CA LEU B 1372 11.67 22.83 13.28
C LEU B 1372 10.88 23.56 12.20
N LEU B 1373 10.32 22.80 11.26
CA LEU B 1373 9.56 23.43 10.19
C LEU B 1373 8.34 24.15 10.75
N GLY B 1374 7.73 23.60 11.80
CA GLY B 1374 6.54 24.22 12.36
C GLY B 1374 6.81 25.59 12.94
N VAL B 1375 7.89 25.72 13.73
CA VAL B 1375 8.21 27.02 14.30
C VAL B 1375 8.66 27.99 13.22
N ILE B 1376 9.44 27.50 12.25
CA ILE B 1376 9.89 28.41 11.20
C ILE B 1376 8.70 28.91 10.39
N VAL B 1377 7.64 28.11 10.27
CA VAL B 1377 6.41 28.58 9.65
C VAL B 1377 5.70 29.58 10.55
N LYS B 1378 5.55 29.23 11.83
CA LYS B 1378 4.71 30.01 12.73
C LYS B 1378 5.24 31.42 12.91
N ASN B 1379 6.55 31.56 13.05
CA ASN B 1379 7.09 32.89 13.35
C ASN B 1379 7.13 33.77 12.11
N TYR B 1380 7.25 33.20 10.91
CA TYR B 1380 7.46 33.98 9.71
C TYR B 1380 6.32 33.88 8.71
N GLY B 1381 5.98 32.69 8.27
CA GLY B 1381 4.97 32.53 7.24
C GLY B 1381 5.42 31.55 6.17
N LEU B 1382 4.50 31.30 5.24
CA LEU B 1382 4.70 30.25 4.25
C LEU B 1382 5.89 30.53 3.34
N GLN B 1383 5.95 31.75 2.79
CA GLN B 1383 6.90 32.04 1.72
C GLN B 1383 8.33 31.89 2.20
N HIS B 1384 8.66 32.45 3.36
CA HIS B 1384 10.01 32.30 3.89
C HIS B 1384 10.29 30.83 4.22
N ALA B 1385 9.30 30.14 4.79
CA ALA B 1385 9.49 28.74 5.14
C ALA B 1385 9.75 27.87 3.92
N PHE B 1386 9.35 28.33 2.74
CA PHE B 1386 9.57 27.52 1.54
C PHE B 1386 11.06 27.25 1.32
N LYS B 1387 11.93 28.22 1.60
CA LYS B 1387 13.35 28.02 1.40
C LYS B 1387 13.90 26.90 2.28
N MET B 1388 13.27 26.65 3.44
CA MET B 1388 13.76 25.64 4.35
C MET B 1388 13.77 24.26 3.71
N LEU B 1389 12.77 23.96 2.88
CA LEU B 1389 12.75 22.65 2.22
C LEU B 1389 13.98 22.46 1.35
N GLU B 1390 14.28 23.43 0.49
CA GLU B 1390 15.48 23.31 -0.33
C GLU B 1390 16.74 23.32 0.52
N TYR B 1391 16.69 23.96 1.70
CA TYR B 1391 17.84 23.91 2.59
C TYR B 1391 18.09 22.49 3.07
N PHE B 1392 17.02 21.75 3.36
CA PHE B 1392 17.14 20.35 3.74
C PHE B 1392 17.14 19.41 2.55
N LYS B 1393 17.51 19.91 1.36
CA LYS B 1393 17.45 19.20 0.09
C LYS B 1393 16.17 18.37 -0.04
N ILE B 1394 15.06 18.91 0.49
CA ILE B 1394 13.78 18.23 0.36
C ILE B 1394 13.36 18.17 -1.10
N CYS B 1395 13.39 19.31 -1.79
CA CYS B 1395 13.08 19.39 -3.21
C CYS B 1395 14.20 20.12 -3.92
N ARG B 1396 14.70 19.53 -5.01
CA ARG B 1396 15.71 20.21 -5.80
C ARG B 1396 15.04 21.32 -6.60
N ALA B 1397 14.97 22.51 -6.01
CA ALA B 1397 14.28 23.63 -6.65
C ALA B 1397 15.03 24.07 -7.89
N ASP B 1398 14.28 24.63 -8.84
CA ASP B 1398 14.83 25.06 -10.12
C ASP B 1398 15.21 26.53 -10.07
N ILE B 1399 16.44 26.83 -10.47
CA ILE B 1399 16.87 28.23 -10.55
C ILE B 1399 16.35 28.89 -11.82
N ASP B 1400 15.88 28.12 -12.79
CA ASP B 1400 15.32 28.71 -14.00
C ASP B 1400 14.01 29.44 -13.70
N LYS B 1401 13.33 29.06 -12.63
CA LYS B 1401 12.13 29.75 -12.16
C LYS B 1401 12.32 30.08 -10.69
N PRO B 1402 13.07 31.14 -10.38
CA PRO B 1402 13.34 31.47 -8.97
C PRO B 1402 12.08 31.71 -8.16
N LEU B 1403 11.04 32.30 -8.77
CA LEU B 1403 9.82 32.60 -8.04
C LEU B 1403 9.06 31.35 -7.62
N THR B 1404 9.35 30.21 -8.25
CA THR B 1404 8.66 28.97 -7.87
C THR B 1404 8.96 28.60 -6.42
N GLN B 1405 10.22 28.35 -6.11
CA GLN B 1405 10.62 27.97 -4.76
C GLN B 1405 10.30 29.03 -3.72
N LEU B 1406 9.87 30.22 -4.14
CA LEU B 1406 9.54 31.28 -3.21
C LEU B 1406 8.06 31.64 -3.22
N LEU B 1407 7.50 32.00 -4.38
CA LEU B 1407 6.13 32.51 -4.43
C LEU B 1407 5.26 31.88 -5.51
N ASN B 1408 5.82 31.41 -6.62
CA ASN B 1408 4.98 30.86 -7.69
C ASN B 1408 4.27 29.59 -7.28
N LEU B 1409 4.65 28.97 -6.16
CA LEU B 1409 3.90 27.84 -5.64
C LEU B 1409 2.45 28.22 -5.36
N GLU B 1410 2.21 29.48 -5.03
CA GLU B 1410 0.85 29.99 -4.89
C GLU B 1410 0.33 30.64 -6.16
N LEU B 1411 1.11 30.61 -7.24
CA LEU B 1411 0.70 31.23 -8.49
C LEU B 1411 0.71 30.28 -9.67
N GLY B 1412 1.26 29.07 -9.54
CA GLY B 1412 1.43 28.17 -10.65
C GLY B 1412 0.68 26.85 -10.48
N GLY B 1413 0.74 26.04 -11.52
CA GLY B 1413 0.11 24.73 -11.54
C GLY B 1413 -0.84 24.49 -12.69
N LYS B 1414 -0.96 25.39 -13.66
CA LYS B 1414 -1.93 25.26 -14.73
C LYS B 1414 -1.24 25.02 -16.06
N LYS B 1415 -2.05 24.77 -17.08
CA LYS B 1415 -1.55 24.48 -18.43
C LYS B 1415 -2.58 24.97 -19.43
N MET B 1416 -2.47 24.50 -20.67
CA MET B 1416 -3.37 24.94 -21.74
C MET B 1416 -4.83 24.64 -21.42
N ARG B 1417 -5.10 23.53 -20.74
CA ARG B 1417 -6.49 23.10 -20.52
C ARG B 1417 -7.29 24.06 -19.66
N ALA B 1418 -6.64 25.00 -18.98
CA ALA B 1418 -7.33 26.01 -18.20
C ALA B 1418 -7.12 27.40 -18.80
N ASN B 1419 -7.07 27.50 -20.13
CA ASN B 1419 -6.77 28.76 -20.79
C ASN B 1419 -7.84 29.17 -21.78
N VAL B 1420 -8.44 28.20 -22.47
CA VAL B 1420 -9.44 28.51 -23.50
C VAL B 1420 -10.69 29.08 -22.84
N ASN B 1421 -11.31 30.04 -23.51
CA ASN B 1421 -12.51 30.71 -23.01
C ASN B 1421 -13.65 30.47 -23.97
N THR B 1422 -14.79 30.01 -23.43
CA THR B 1422 -15.97 29.75 -24.24
C THR B 1422 -17.19 29.83 -23.34
N THR B 1423 -18.34 30.20 -23.92
CA THR B 1423 -19.60 30.21 -23.17
C THR B 1423 -20.30 28.85 -23.19
N GLU B 1424 -19.78 27.88 -23.93
CA GLU B 1424 -20.41 26.56 -24.01
C GLU B 1424 -20.47 25.89 -22.64
N ILE B 1425 -19.54 26.23 -21.75
CA ILE B 1425 -19.50 25.58 -20.45
C ILE B 1425 -20.75 25.90 -19.64
N ASP B 1426 -21.40 27.03 -19.93
CA ASP B 1426 -22.69 27.31 -19.32
C ASP B 1426 -23.71 26.24 -19.70
N GLY B 1427 -23.56 25.62 -20.86
CA GLY B 1427 -24.42 24.51 -21.22
C GLY B 1427 -24.25 23.33 -20.28
N PHE B 1428 -23.01 23.02 -19.90
CA PHE B 1428 -22.76 21.91 -18.98
C PHE B 1428 -23.33 22.20 -17.61
N LEU B 1429 -23.19 23.44 -17.13
CA LEU B 1429 -23.57 23.79 -15.76
C LEU B 1429 -24.92 24.48 -15.79
N ILE B 1430 -25.93 23.85 -15.20
CA ILE B 1430 -27.28 24.39 -15.16
C ILE B 1430 -27.58 24.91 -13.77
N ASN B 1431 -28.12 26.13 -13.70
CA ASN B 1431 -28.45 26.77 -12.43
C ASN B 1431 -27.22 26.88 -11.53
N HIS B 1432 -26.08 27.23 -12.13
CA HIS B 1432 -24.84 27.33 -11.37
C HIS B 1432 -24.93 28.41 -10.29
N TYR B 1433 -25.75 29.44 -10.52
CA TYR B 1433 -25.90 30.48 -9.51
C TYR B 1433 -26.47 29.92 -8.21
N TYR B 1434 -27.36 28.93 -8.30
CA TYR B 1434 -27.92 28.33 -7.10
C TYR B 1434 -26.83 27.66 -6.27
N LEU B 1435 -25.95 26.91 -6.94
CA LEU B 1435 -24.83 26.30 -6.23
C LEU B 1435 -23.88 27.35 -5.68
N GLU B 1436 -23.65 28.44 -6.43
CA GLU B 1436 -22.76 29.48 -5.95
C GLU B 1436 -23.31 30.16 -4.70
N LYS B 1437 -24.61 30.42 -4.68
CA LYS B 1437 -25.23 31.02 -3.50
C LYS B 1437 -25.22 30.06 -2.33
N ASN B 1438 -25.41 28.76 -2.58
CA ASN B 1438 -25.32 27.78 -1.50
C ASN B 1438 -23.89 27.71 -0.95
N LEU B 1439 -22.90 27.78 -1.83
CA LEU B 1439 -21.49 27.74 -1.43
C LEU B 1439 -21.02 29.06 -0.85
N GLY B 1440 -21.46 30.18 -1.41
CA GLY B 1440 -21.12 31.49 -0.90
C GLY B 1440 -20.06 32.24 -1.70
N TYR B 1441 -19.33 31.56 -2.57
CA TYR B 1441 -18.29 32.20 -3.36
C TYR B 1441 -18.76 32.40 -4.79
N THR B 1442 -18.21 33.43 -5.43
CA THR B 1442 -18.47 33.73 -6.83
C THR B 1442 -17.22 33.45 -7.65
N PHE B 1443 -17.40 32.80 -8.79
CA PHE B 1443 -16.30 32.36 -9.63
C PHE B 1443 -16.10 33.32 -10.78
N LYS B 1444 -14.90 33.89 -10.89
CA LYS B 1444 -14.57 34.68 -12.07
C LYS B 1444 -14.40 33.77 -13.29
N ASP B 1445 -13.91 32.56 -13.07
CA ASP B 1445 -13.78 31.56 -14.13
C ASP B 1445 -14.55 30.31 -13.71
N ARG B 1446 -15.58 29.97 -14.48
CA ARG B 1446 -16.34 28.76 -14.22
C ARG B 1446 -15.64 27.51 -14.71
N ARG B 1447 -14.60 27.65 -15.53
CA ARG B 1447 -13.89 26.50 -16.07
C ARG B 1447 -13.26 25.67 -14.97
N TYR B 1448 -12.71 26.33 -13.94
CA TYR B 1448 -12.12 25.59 -12.83
C TYR B 1448 -13.16 24.75 -12.10
N LEU B 1449 -14.34 25.30 -11.88
CA LEU B 1449 -15.40 24.54 -11.22
C LEU B 1449 -15.78 23.33 -12.06
N LEU B 1450 -15.89 23.51 -13.37
CA LEU B 1450 -16.20 22.40 -14.26
C LEU B 1450 -15.13 21.33 -14.18
N GLN B 1451 -13.86 21.74 -14.15
CA GLN B 1451 -12.77 20.78 -14.03
C GLN B 1451 -12.87 20.01 -12.72
N ALA B 1452 -13.14 20.71 -11.62
CA ALA B 1452 -13.32 20.04 -10.34
C ALA B 1452 -14.59 19.21 -10.32
N LEU B 1453 -15.60 19.59 -11.09
CA LEU B 1453 -16.83 18.82 -11.20
C LEU B 1453 -16.73 17.73 -12.25
N THR B 1454 -15.62 17.65 -12.98
CA THR B 1454 -15.47 16.68 -14.06
C THR B 1454 -15.11 15.33 -13.45
N HIS B 1455 -16.14 14.55 -13.13
CA HIS B 1455 -15.93 13.18 -12.72
C HIS B 1455 -15.34 12.39 -13.88
N PRO B 1456 -14.50 11.39 -13.59
CA PRO B 1456 -13.87 10.63 -14.70
C PRO B 1456 -14.85 9.99 -15.66
N SER B 1457 -16.03 9.59 -15.20
CA SER B 1457 -17.03 8.97 -16.07
C SER B 1457 -17.96 10.06 -16.61
N TYR B 1458 -17.47 10.77 -17.62
CA TYR B 1458 -18.28 11.81 -18.26
C TYR B 1458 -17.70 12.13 -19.64
N PRO B 1459 -17.95 11.30 -20.64
CA PRO B 1459 -17.32 11.50 -21.95
C PRO B 1459 -17.70 12.80 -22.64
N THR B 1460 -18.93 13.30 -22.42
CA THR B 1460 -19.43 14.42 -23.21
C THR B 1460 -18.59 15.69 -23.06
N ASN B 1461 -17.85 15.84 -21.97
CA ASN B 1461 -17.01 17.00 -21.76
C ASN B 1461 -15.70 16.80 -22.52
N ARG B 1462 -15.25 17.84 -23.22
CA ARG B 1462 -13.99 17.80 -23.94
C ARG B 1462 -13.21 19.11 -23.86
N ILE B 1463 -13.57 19.99 -22.92
CA ILE B 1463 -12.90 21.29 -22.81
C ILE B 1463 -11.86 21.25 -21.71
N THR B 1464 -12.10 20.47 -20.66
CA THR B 1464 -11.23 20.45 -19.50
C THR B 1464 -10.97 19.03 -19.06
N GLY B 1465 -9.91 18.87 -18.26
CA GLY B 1465 -9.54 17.58 -17.74
C GLY B 1465 -10.42 17.14 -16.59
N SER B 1466 -10.00 16.07 -15.93
CA SER B 1466 -10.79 15.47 -14.86
C SER B 1466 -10.61 16.31 -13.58
N TYR B 1467 -11.08 15.76 -12.46
CA TYR B 1467 -11.02 16.46 -11.18
C TYR B 1467 -9.91 15.96 -10.27
N GLN B 1468 -9.21 14.90 -10.66
CA GLN B 1468 -8.17 14.35 -9.78
C GLN B 1468 -7.03 15.34 -9.57
N GLU B 1469 -6.60 16.00 -10.64
CA GLU B 1469 -5.51 16.97 -10.51
C GLU B 1469 -5.88 18.12 -9.59
N LEU B 1470 -7.17 18.44 -9.48
CA LEU B 1470 -7.61 19.46 -8.54
C LEU B 1470 -7.76 18.92 -7.13
N GLU B 1471 -8.29 17.69 -6.99
CA GLU B 1471 -8.47 17.12 -5.68
C GLU B 1471 -7.14 16.90 -4.98
N PHE B 1472 -6.08 16.64 -5.75
CA PHE B 1472 -4.77 16.39 -5.17
C PHE B 1472 -4.28 17.59 -4.38
N ILE B 1473 -4.49 18.79 -4.91
CA ILE B 1473 -4.05 19.97 -4.19
C ILE B 1473 -5.12 20.43 -3.19
N GLY B 1474 -6.38 20.11 -3.45
CA GLY B 1474 -7.42 20.45 -2.50
C GLY B 1474 -7.23 19.74 -1.16
N ASN B 1475 -6.83 18.47 -1.21
CA ASN B 1475 -6.57 17.74 0.03
C ASN B 1475 -5.52 18.44 0.87
N ALA B 1476 -4.40 18.81 0.25
CA ALA B 1476 -3.32 19.46 0.99
C ALA B 1476 -3.77 20.80 1.56
N ILE B 1477 -4.44 21.60 0.73
CA ILE B 1477 -4.87 22.92 1.19
C ILE B 1477 -5.82 22.78 2.38
N LEU B 1478 -6.79 21.88 2.28
CA LEU B 1478 -7.77 21.72 3.34
C LEU B 1478 -7.12 21.24 4.63
N ASP B 1479 -6.28 20.21 4.54
CA ASP B 1479 -5.68 19.69 5.77
C ASP B 1479 -4.77 20.72 6.42
N PHE B 1480 -3.99 21.44 5.62
CA PHE B 1480 -3.11 22.45 6.21
C PHE B 1480 -3.92 23.57 6.87
N LEU B 1481 -4.98 24.04 6.21
CA LEU B 1481 -5.78 25.09 6.81
C LEU B 1481 -6.40 24.64 8.13
N ILE B 1482 -6.96 23.43 8.14
CA ILE B 1482 -7.63 22.97 9.35
C ILE B 1482 -6.61 22.74 10.46
N SER B 1483 -5.41 22.25 10.12
CA SER B 1483 -4.38 22.06 11.12
C SER B 1483 -3.90 23.39 11.68
N ALA B 1484 -3.73 24.39 10.82
CA ALA B 1484 -3.34 25.70 11.29
C ALA B 1484 -4.37 26.27 12.25
N TYR B 1485 -5.65 26.14 11.92
CA TYR B 1485 -6.68 26.66 12.81
C TYR B 1485 -6.70 25.93 14.15
N ILE B 1486 -6.64 24.59 14.12
CA ILE B 1486 -6.72 23.86 15.37
C ILE B 1486 -5.50 24.12 16.23
N PHE B 1487 -4.33 24.33 15.62
CA PHE B 1487 -3.15 24.65 16.41
C PHE B 1487 -3.25 26.05 17.01
N GLU B 1488 -3.72 27.03 16.22
CA GLU B 1488 -3.73 28.40 16.70
C GLU B 1488 -4.83 28.65 17.72
N ASN B 1489 -5.95 27.92 17.64
CA ASN B 1489 -7.11 28.19 18.48
C ASN B 1489 -7.29 27.16 19.58
N ASN B 1490 -7.31 25.88 19.22
CA ASN B 1490 -7.47 24.80 20.21
C ASN B 1490 -6.15 24.64 20.96
N THR B 1491 -5.95 25.52 21.93
CA THR B 1491 -4.70 25.54 22.68
C THR B 1491 -4.69 24.54 23.82
N LYS B 1492 -5.58 24.69 24.79
CA LYS B 1492 -5.55 23.92 26.03
C LYS B 1492 -6.06 22.50 25.81
N MET B 1493 -5.38 21.78 24.93
CA MET B 1493 -5.76 20.40 24.65
C MET B 1493 -4.59 19.71 23.96
N ASN B 1494 -4.21 18.53 24.45
CA ASN B 1494 -2.91 17.95 24.13
C ASN B 1494 -2.82 17.51 22.67
N PRO B 1495 -1.61 17.48 22.11
CA PRO B 1495 -1.45 17.00 20.72
C PRO B 1495 -1.89 15.56 20.51
N GLY B 1496 -1.76 14.72 21.54
CA GLY B 1496 -2.13 13.32 21.38
C GLY B 1496 -3.57 13.12 20.95
N ALA B 1497 -4.43 14.08 21.29
CA ALA B 1497 -5.79 14.11 20.77
C ALA B 1497 -5.97 15.11 19.65
N LEU B 1498 -5.03 16.05 19.46
CA LEU B 1498 -5.10 16.95 18.33
C LEU B 1498 -4.93 16.20 17.02
N THR B 1499 -4.04 15.22 17.00
CA THR B 1499 -3.90 14.39 15.80
C THR B 1499 -5.20 13.66 15.49
N ASP B 1500 -5.86 13.11 16.51
CA ASP B 1500 -7.15 12.46 16.31
C ASP B 1500 -8.19 13.45 15.80
N LEU B 1501 -8.22 14.66 16.38
CA LEU B 1501 -9.19 15.65 15.96
C LEU B 1501 -8.99 16.03 14.50
N ARG B 1502 -7.74 16.23 14.07
CA ARG B 1502 -7.50 16.58 12.68
C ARG B 1502 -7.83 15.43 11.75
N SER B 1503 -7.52 14.19 12.16
CA SER B 1503 -7.85 13.04 11.33
C SER B 1503 -9.36 12.91 11.16
N ALA B 1504 -10.11 13.10 12.24
CA ALA B 1504 -11.57 13.06 12.15
C ALA B 1504 -12.08 14.20 11.28
N LEU B 1505 -11.55 15.40 11.47
CA LEU B 1505 -12.02 16.56 10.74
C LEU B 1505 -11.70 16.50 9.26
N VAL B 1506 -10.71 15.68 8.88
CA VAL B 1506 -10.36 15.51 7.46
C VAL B 1506 -10.98 14.24 6.88
N ASN B 1507 -11.81 13.53 7.65
CA ASN B 1507 -12.37 12.27 7.18
C ASN B 1507 -13.28 12.48 5.98
N ASN B 1508 -13.23 11.50 5.07
CA ASN B 1508 -13.99 11.61 3.82
C ASN B 1508 -15.49 11.61 4.06
N THR B 1509 -15.96 10.75 4.97
CA THR B 1509 -17.40 10.68 5.24
C THR B 1509 -17.93 11.99 5.79
N THR B 1510 -17.13 12.68 6.60
CA THR B 1510 -17.53 14.01 7.06
C THR B 1510 -17.69 14.96 5.88
N LEU B 1511 -16.78 14.91 4.92
CA LEU B 1511 -16.91 15.73 3.73
C LEU B 1511 -18.16 15.37 2.95
N ALA B 1512 -18.49 14.09 2.89
CA ALA B 1512 -19.72 13.68 2.22
C ALA B 1512 -20.95 14.25 2.91
N CYS B 1513 -20.95 14.22 4.24
CA CYS B 1513 -22.07 14.78 4.99
C CYS B 1513 -22.18 16.28 4.74
N ILE B 1514 -21.04 16.97 4.69
CA ILE B 1514 -21.05 18.40 4.37
C ILE B 1514 -21.62 18.63 2.98
N CYS B 1515 -21.22 17.80 2.01
CA CYS B 1515 -21.69 17.95 0.65
C CYS B 1515 -23.20 17.79 0.57
N VAL B 1516 -23.74 16.74 1.17
CA VAL B 1516 -25.18 16.54 1.14
C VAL B 1516 -25.90 17.61 1.93
N ARG B 1517 -25.22 18.20 2.92
CA ARG B 1517 -25.86 19.23 3.74
C ARG B 1517 -26.23 20.44 2.90
N HIS B 1518 -25.34 20.84 1.99
CA HIS B 1518 -25.63 21.92 1.06
C HIS B 1518 -26.04 21.41 -0.32
N ARG B 1519 -26.31 20.11 -0.43
CA ARG B 1519 -26.91 19.51 -1.62
C ARG B 1519 -26.08 19.79 -2.88
N LEU B 1520 -24.76 19.70 -2.77
CA LEU B 1520 -23.91 19.82 -3.94
C LEU B 1520 -23.95 18.58 -4.82
N HIS B 1521 -24.55 17.49 -4.36
CA HIS B 1521 -24.67 16.29 -5.15
C HIS B 1521 -25.36 16.54 -6.48
N PHE B 1522 -26.30 17.49 -6.50
CA PHE B 1522 -27.08 17.75 -7.70
C PHE B 1522 -26.20 18.14 -8.88
N PHE B 1523 -25.13 18.88 -8.62
CA PHE B 1523 -24.30 19.44 -9.68
C PHE B 1523 -23.17 18.53 -10.12
N ILE B 1524 -23.07 17.31 -9.58
CA ILE B 1524 -21.98 16.42 -9.94
C ILE B 1524 -22.20 15.97 -11.38
N LEU B 1525 -21.42 16.52 -12.31
CA LEU B 1525 -21.51 16.14 -13.72
C LEU B 1525 -20.86 14.78 -13.90
N ALA B 1526 -21.59 13.75 -13.47
CA ALA B 1526 -21.13 12.37 -13.54
C ALA B 1526 -22.27 11.49 -14.02
N GLU B 1527 -21.90 10.34 -14.57
CA GLU B 1527 -22.87 9.31 -14.89
C GLU B 1527 -22.27 7.96 -14.54
N ASN B 1528 -23.08 7.11 -13.91
CA ASN B 1528 -22.69 5.77 -13.48
C ASN B 1528 -23.93 5.08 -12.96
N ALA B 1529 -23.97 3.76 -13.13
CA ALA B 1529 -25.14 2.99 -12.69
C ALA B 1529 -25.15 2.85 -11.17
N LYS B 1530 -24.12 2.21 -10.62
CA LYS B 1530 -24.09 1.97 -9.18
C LYS B 1530 -23.79 3.24 -8.39
N LEU B 1531 -23.00 4.15 -8.96
CA LEU B 1531 -22.66 5.37 -8.22
C LEU B 1531 -23.90 6.23 -8.01
N SER B 1532 -24.76 6.33 -9.03
CA SER B 1532 -26.00 7.10 -8.87
C SER B 1532 -26.88 6.47 -7.79
N GLU B 1533 -27.00 5.15 -7.79
CA GLU B 1533 -27.82 4.49 -6.78
C GLU B 1533 -27.25 4.71 -5.37
N ILE B 1534 -25.93 4.59 -5.23
CA ILE B 1534 -25.33 4.71 -3.90
C ILE B 1534 -25.42 6.15 -3.40
N ILE B 1535 -25.25 7.12 -4.30
CA ILE B 1535 -25.38 8.51 -3.86
C ILE B 1535 -26.82 8.82 -3.51
N SER B 1536 -27.78 8.25 -4.24
CA SER B 1536 -29.18 8.42 -3.87
C SER B 1536 -29.45 7.84 -2.48
N LYS B 1537 -28.93 6.63 -2.22
CA LYS B 1537 -29.11 6.02 -0.91
C LYS B 1537 -28.50 6.89 0.19
N PHE B 1538 -27.28 7.37 -0.03
CA PHE B 1538 -26.61 8.18 0.97
C PHE B 1538 -27.37 9.47 1.23
N VAL B 1539 -27.85 10.13 0.17
CA VAL B 1539 -28.49 11.43 0.35
C VAL B 1539 -29.85 11.26 1.03
N ASN B 1540 -30.61 10.23 0.67
CA ASN B 1540 -31.89 10.05 1.35
C ASN B 1540 -31.68 9.60 2.80
N PHE B 1541 -30.63 8.82 3.07
CA PHE B 1541 -30.31 8.49 4.45
C PHE B 1541 -29.97 9.72 5.26
N GLN B 1542 -29.17 10.62 4.68
CA GLN B 1542 -28.83 11.85 5.39
C GLN B 1542 -30.04 12.75 5.58
N GLU B 1543 -30.96 12.77 4.61
CA GLU B 1543 -32.21 13.48 4.79
C GLU B 1543 -33.00 12.89 5.95
N SER B 1544 -33.04 11.56 6.04
CA SER B 1544 -33.68 10.92 7.18
C SER B 1544 -33.01 11.33 8.49
N GLN B 1545 -31.68 11.42 8.49
CA GLN B 1545 -30.96 11.94 9.64
C GLN B 1545 -30.97 13.46 9.70
N GLY B 1546 -31.54 14.13 8.70
CA GLY B 1546 -31.65 15.58 8.73
C GLY B 1546 -30.35 16.34 8.61
N HIS B 1547 -29.44 15.89 7.74
CA HIS B 1547 -28.18 16.58 7.48
C HIS B 1547 -27.39 16.84 8.76
N ARG B 1548 -27.24 15.81 9.59
CA ARG B 1548 -26.45 15.90 10.81
C ARG B 1548 -25.53 14.70 10.90
N VAL B 1549 -24.30 14.93 11.37
CA VAL B 1549 -23.35 13.85 11.55
C VAL B 1549 -23.84 12.93 12.66
N THR B 1550 -23.86 11.62 12.38
CA THR B 1550 -24.44 10.63 13.27
C THR B 1550 -23.42 10.03 14.22
N ASN B 1551 -22.37 10.77 14.57
CA ASN B 1551 -21.37 10.30 15.51
C ASN B 1551 -21.99 10.08 16.89
N MET B 1601 -19.90 7.84 13.90
CA MET B 1601 -19.73 7.67 12.46
C MET B 1601 -21.07 7.80 11.75
N SER B 1602 -21.36 6.81 10.90
CA SER B 1602 -22.64 6.73 10.19
C SER B 1602 -23.06 5.28 10.14
N THR B 1603 -24.32 5.01 10.47
CA THR B 1603 -24.86 3.66 10.42
C THR B 1603 -25.36 3.27 9.04
N ASN B 1604 -25.23 4.15 8.04
CA ASN B 1604 -25.69 3.85 6.71
C ASN B 1604 -24.85 2.74 6.09
N VAL B 1605 -25.39 2.14 5.03
CA VAL B 1605 -24.76 0.98 4.40
C VAL B 1605 -23.37 1.33 3.88
N ASP B 1606 -23.25 2.45 3.17
CA ASP B 1606 -21.97 2.82 2.60
C ASP B 1606 -21.94 4.32 2.29
N VAL B 1607 -20.75 4.83 2.01
CA VAL B 1607 -20.56 6.25 1.74
C VAL B 1607 -19.84 6.41 0.40
N PRO B 1608 -20.20 7.41 -0.40
CA PRO B 1608 -19.51 7.63 -1.68
C PRO B 1608 -18.23 8.44 -1.49
N LYS B 1609 -17.09 7.82 -1.79
CA LYS B 1609 -15.82 8.52 -1.68
C LYS B 1609 -15.77 9.70 -2.64
N ALA B 1610 -16.33 9.52 -3.85
CA ALA B 1610 -16.29 10.58 -4.85
C ALA B 1610 -16.97 11.86 -4.37
N LEU B 1611 -17.93 11.75 -3.46
CA LEU B 1611 -18.65 12.92 -2.98
C LEU B 1611 -17.73 13.84 -2.17
N GLY B 1612 -17.10 13.29 -1.13
CA GLY B 1612 -16.12 14.07 -0.41
C GLY B 1612 -14.98 14.51 -1.32
N ASP B 1613 -14.61 13.66 -2.28
CA ASP B 1613 -13.55 14.03 -3.21
C ASP B 1613 -13.92 15.28 -3.99
N VAL B 1614 -15.14 15.35 -4.53
CA VAL B 1614 -15.50 16.50 -5.35
C VAL B 1614 -15.64 17.74 -4.48
N LEU B 1615 -16.15 17.59 -3.25
CA LEU B 1615 -16.21 18.76 -2.39
C LEU B 1615 -14.83 19.32 -2.11
N GLU B 1616 -13.92 18.46 -1.66
CA GLU B 1616 -12.59 18.95 -1.31
C GLU B 1616 -11.78 19.34 -2.55
N ALA B 1617 -12.22 18.91 -3.74
CA ALA B 1617 -11.60 19.40 -4.97
C ALA B 1617 -12.12 20.78 -5.34
N LEU B 1618 -13.43 21.01 -5.21
CA LEU B 1618 -13.94 22.35 -5.48
C LEU B 1618 -13.45 23.34 -4.45
N ILE B 1619 -12.99 22.86 -3.30
CA ILE B 1619 -12.25 23.75 -2.39
C ILE B 1619 -11.04 24.33 -3.09
N ALA B 1620 -10.23 23.48 -3.70
CA ALA B 1620 -9.07 23.95 -4.46
C ALA B 1620 -9.51 24.79 -5.64
N ALA B 1621 -10.66 24.46 -6.22
CA ALA B 1621 -11.19 25.28 -7.31
C ALA B 1621 -11.46 26.69 -6.85
N VAL B 1622 -12.08 26.83 -5.67
CA VAL B 1622 -12.34 28.15 -5.10
C VAL B 1622 -11.03 28.89 -4.90
N TYR B 1623 -10.03 28.20 -4.34
CA TYR B 1623 -8.75 28.86 -4.12
C TYR B 1623 -8.15 29.34 -5.44
N LEU B 1624 -8.15 28.47 -6.45
CA LEU B 1624 -7.53 28.84 -7.72
C LEU B 1624 -8.26 30.00 -8.38
N ASP B 1625 -9.59 30.02 -8.29
CA ASP B 1625 -10.34 31.15 -8.81
C ASP B 1625 -10.01 32.43 -8.05
N CYS B 1626 -9.75 32.32 -6.75
CA CYS B 1626 -9.42 33.49 -5.94
C CYS B 1626 -7.93 33.74 -5.82
N ARG B 1627 -7.11 32.70 -5.74
CA ARG B 1627 -5.66 32.82 -5.53
C ARG B 1627 -5.35 33.60 -4.26
N ASP B 1628 -6.15 33.39 -3.22
CA ASP B 1628 -5.99 34.07 -1.94
C ASP B 1628 -6.35 33.11 -0.82
N LEU B 1629 -5.37 32.72 -0.02
CA LEU B 1629 -5.62 31.76 1.05
C LEU B 1629 -6.62 32.30 2.06
N GLN B 1630 -6.71 33.62 2.20
CA GLN B 1630 -7.65 34.20 3.16
C GLN B 1630 -9.08 33.92 2.76
N ARG B 1631 -9.42 34.13 1.48
CA ARG B 1631 -10.76 33.80 1.00
C ARG B 1631 -11.05 32.32 1.15
N THR B 1632 -10.04 31.49 0.89
CA THR B 1632 -10.20 30.05 1.05
C THR B 1632 -10.55 29.71 2.49
N TRP B 1633 -9.87 30.33 3.45
CA TRP B 1633 -10.20 30.08 4.85
C TRP B 1633 -11.60 30.57 5.17
N GLU B 1634 -11.99 31.73 4.64
CA GLU B 1634 -13.35 32.22 4.87
C GLU B 1634 -14.38 31.19 4.43
N VAL B 1635 -14.24 30.67 3.21
CA VAL B 1635 -15.28 29.77 2.70
C VAL B 1635 -15.24 28.43 3.44
N ILE B 1636 -14.04 27.90 3.68
CA ILE B 1636 -13.94 26.63 4.41
C ILE B 1636 -14.56 26.75 5.79
N PHE B 1637 -14.28 27.85 6.50
CA PHE B 1637 -14.89 28.07 7.81
C PHE B 1637 -16.40 28.19 7.67
N ASN B 1638 -16.87 28.87 6.62
CA ASN B 1638 -18.31 29.08 6.51
C ASN B 1638 -19.06 27.77 6.33
N LEU B 1639 -18.49 26.81 5.59
CA LEU B 1639 -19.18 25.52 5.56
C LEU B 1639 -18.84 24.64 6.76
N PHE B 1640 -17.72 24.84 7.43
CA PHE B 1640 -17.31 23.94 8.49
C PHE B 1640 -17.70 24.40 9.89
N GLU B 1641 -18.34 25.56 10.01
CA GLU B 1641 -18.69 26.13 11.31
C GLU B 1641 -19.37 25.13 12.26
N PRO B 1642 -20.55 24.59 11.92
CA PRO B 1642 -21.23 23.71 12.89
C PRO B 1642 -20.44 22.46 13.20
N GLU B 1643 -19.79 21.86 12.21
CA GLU B 1643 -19.02 20.65 12.45
C GLU B 1643 -17.78 20.95 13.30
N LEU B 1644 -17.15 22.10 13.06
CA LEU B 1644 -16.02 22.50 13.90
C LEU B 1644 -16.44 22.70 15.34
N GLN B 1645 -17.54 23.42 15.57
CA GLN B 1645 -17.95 23.65 16.96
C GLN B 1645 -18.46 22.37 17.60
N GLU B 1646 -18.95 21.42 16.80
CA GLU B 1646 -19.37 20.14 17.36
C GLU B 1646 -18.17 19.27 17.73
N PHE B 1647 -17.16 19.23 16.88
CA PHE B 1647 -15.98 18.41 17.16
C PHE B 1647 -15.09 19.00 18.24
N THR B 1648 -14.99 20.33 18.31
CA THR B 1648 -14.10 20.95 19.29
C THR B 1648 -14.71 21.02 20.68
N ARG B 1649 -16.01 20.77 20.81
CA ARG B 1649 -16.68 20.77 22.11
C ARG B 1649 -16.74 19.36 22.71
N LYS B 1650 -17.35 18.43 22.00
CA LYS B 1650 -17.42 17.05 22.44
C LYS B 1650 -16.14 16.31 22.09
N VAL B 1651 -16.02 15.07 22.58
CA VAL B 1651 -14.96 14.18 22.15
C VAL B 1651 -15.17 13.93 20.66
N PRO B 1652 -14.21 14.29 19.80
CA PRO B 1652 -14.50 14.28 18.35
C PRO B 1652 -14.91 12.93 17.82
N ILE B 1653 -14.01 11.95 17.88
CA ILE B 1653 -14.33 10.56 17.58
C ILE B 1653 -13.14 9.68 17.97
N ASN B 1654 -13.39 8.49 18.51
CA ASN B 1654 -12.40 7.43 18.44
C ASN B 1654 -12.95 6.20 17.73
N HIS B 1655 -14.02 5.60 18.26
CA HIS B 1655 -14.77 4.51 17.64
C HIS B 1655 -13.94 3.24 17.44
N ILE B 1656 -14.61 2.09 17.38
CA ILE B 1656 -13.99 0.78 17.20
C ILE B 1656 -13.01 0.50 18.32
N ARG B 1657 -11.92 1.28 18.36
CA ARG B 1657 -10.86 1.04 19.33
C ARG B 1657 -11.37 1.23 20.76
N GLN B 1658 -12.16 2.28 21.00
CA GLN B 1658 -12.63 2.54 22.36
C GLN B 1658 -13.46 1.38 22.90
N LEU B 1659 -14.21 0.69 22.04
CA LEU B 1659 -14.89 -0.51 22.47
C LEU B 1659 -13.89 -1.59 22.88
N VAL B 1660 -12.83 -1.77 22.10
CA VAL B 1660 -11.86 -2.82 22.38
C VAL B 1660 -11.15 -2.55 23.70
N GLU B 1661 -10.74 -1.31 23.93
CA GLU B 1661 -10.07 -0.93 25.17
C GLU B 1661 -11.05 -0.44 26.24
N HIS B 1662 -12.34 -0.74 26.08
CA HIS B 1662 -13.34 -0.28 27.03
C HIS B 1662 -13.11 -0.93 28.39
N LYS B 1663 -13.61 -0.25 29.42
CA LYS B 1663 -13.39 -0.71 30.80
C LYS B 1663 -14.01 -2.08 31.02
N HIS B 1664 -15.22 -2.30 30.51
CA HIS B 1664 -15.89 -3.59 30.65
C HIS B 1664 -16.32 -4.21 29.33
N ALA B 1665 -16.38 -3.45 28.24
CA ALA B 1665 -16.72 -4.01 26.95
C ALA B 1665 -15.48 -4.67 26.34
N LYS B 1666 -15.61 -5.94 25.96
CA LYS B 1666 -14.50 -6.72 25.41
C LYS B 1666 -14.96 -7.31 24.07
N PRO B 1667 -14.96 -6.50 23.01
CA PRO B 1667 -15.42 -7.00 21.72
C PRO B 1667 -14.34 -7.71 20.94
N VAL B 1668 -14.69 -8.89 20.43
CA VAL B 1668 -13.85 -9.65 19.50
C VAL B 1668 -14.75 -10.12 18.36
N PHE B 1669 -14.14 -10.37 17.21
CA PHE B 1669 -14.92 -10.63 16.00
C PHE B 1669 -14.33 -11.79 15.24
N SER B 1670 -15.16 -12.38 14.38
CA SER B 1670 -14.76 -13.47 13.49
C SER B 1670 -14.52 -12.92 12.09
N SER B 1671 -14.27 -13.81 11.14
CA SER B 1671 -14.00 -13.40 9.76
C SER B 1671 -15.30 -13.04 9.07
N PRO B 1672 -15.46 -11.81 8.57
CA PRO B 1672 -16.67 -11.46 7.84
C PRO B 1672 -16.61 -11.91 6.39
N ILE B 1673 -17.77 -12.27 5.86
CA ILE B 1673 -17.89 -12.72 4.48
C ILE B 1673 -18.90 -11.84 3.76
N VAL B 1674 -18.47 -11.20 2.67
CA VAL B 1674 -19.35 -10.38 1.86
C VAL B 1674 -20.09 -11.28 0.88
N GLU B 1675 -21.40 -11.10 0.79
CA GLU B 1675 -22.22 -11.93 -0.09
C GLU B 1675 -23.06 -11.00 -0.95
N GLY B 1676 -22.66 -10.81 -2.19
CA GLY B 1676 -23.38 -9.92 -3.09
C GLY B 1676 -23.38 -8.49 -2.60
N GLU B 1677 -24.53 -8.02 -2.15
CA GLU B 1677 -24.67 -6.68 -1.59
C GLU B 1677 -24.80 -6.71 -0.07
N THR B 1678 -24.57 -7.86 0.56
CA THR B 1678 -24.73 -8.02 1.99
C THR B 1678 -23.46 -8.60 2.60
N VAL B 1679 -23.23 -8.26 3.86
CA VAL B 1679 -22.13 -8.85 4.64
C VAL B 1679 -22.58 -8.94 6.09
N MET B 1680 -22.33 -10.10 6.70
CA MET B 1680 -22.65 -10.33 8.10
C MET B 1680 -21.38 -10.70 8.85
N VAL B 1681 -21.31 -10.30 10.11
CA VAL B 1681 -20.19 -10.63 10.97
C VAL B 1681 -20.73 -10.87 12.37
N SER B 1682 -20.14 -11.84 13.07
CA SER B 1682 -20.53 -12.16 14.43
C SER B 1682 -19.77 -11.24 15.39
N CYS B 1683 -20.49 -10.37 16.07
CA CYS B 1683 -19.89 -9.43 17.01
C CYS B 1683 -19.95 -10.01 18.41
N GLN B 1684 -18.79 -10.41 18.93
CA GLN B 1684 -18.69 -11.04 20.25
C GLN B 1684 -18.10 -10.01 21.21
N PHE B 1685 -18.97 -9.35 21.97
CA PHE B 1685 -18.58 -8.28 22.87
C PHE B 1685 -19.16 -8.54 24.26
N THR B 1686 -18.85 -7.65 25.18
CA THR B 1686 -19.41 -7.67 26.52
C THR B 1686 -20.05 -6.33 26.82
N CYS B 1687 -21.17 -6.37 27.55
CA CYS B 1687 -21.91 -5.15 27.88
C CYS B 1687 -22.59 -5.32 29.23
N MET B 1688 -22.60 -4.25 30.01
CA MET B 1688 -23.14 -4.22 31.38
C MET B 1688 -22.84 -5.52 32.13
N GLU B 1689 -21.56 -5.88 32.16
CA GLU B 1689 -21.04 -7.08 32.82
C GLU B 1689 -21.63 -8.36 32.23
N LYS B 1690 -22.31 -8.29 31.09
CA LYS B 1690 -22.89 -9.42 30.41
C LYS B 1690 -22.23 -9.60 29.05
N THR B 1691 -22.71 -10.59 28.30
CA THR B 1691 -22.25 -10.84 26.94
C THR B 1691 -23.47 -10.95 26.04
N ILE B 1692 -23.59 -10.05 25.08
CA ILE B 1692 -24.74 -10.00 24.18
C ILE B 1692 -24.24 -10.18 22.76
N LYS B 1693 -25.13 -10.66 21.89
CA LYS B 1693 -24.80 -10.98 20.51
C LYS B 1693 -25.71 -10.16 19.60
N VAL B 1694 -25.10 -9.38 18.70
CA VAL B 1694 -25.85 -8.46 17.85
C VAL B 1694 -25.32 -8.50 16.43
N TYR B 1695 -26.16 -8.10 15.49
CA TYR B 1695 -25.79 -8.00 14.08
C TYR B 1695 -26.14 -6.61 13.56
N GLY B 1696 -25.63 -6.30 12.39
CA GLY B 1696 -25.92 -5.01 11.76
C GLY B 1696 -25.77 -5.10 10.25
N PHE B 1697 -26.53 -4.26 9.55
CA PHE B 1697 -26.42 -4.18 8.11
C PHE B 1697 -25.11 -3.54 7.71
N GLY B 1698 -24.40 -4.17 6.77
CA GLY B 1698 -23.09 -3.71 6.37
C GLY B 1698 -22.89 -3.84 4.88
N SER B 1699 -21.77 -3.29 4.41
CA SER B 1699 -21.38 -3.33 2.99
C SER B 1699 -20.29 -4.34 2.71
N ASN B 1700 -19.15 -4.23 3.41
CA ASN B 1700 -18.02 -5.12 3.22
C ASN B 1700 -17.54 -5.62 4.58
N LYS B 1701 -16.47 -6.41 4.57
CA LYS B 1701 -15.96 -7.04 5.78
C LYS B 1701 -15.64 -6.00 6.85
N ASP B 1702 -14.72 -5.08 6.54
CA ASP B 1702 -14.40 -4.02 7.49
C ASP B 1702 -15.61 -3.13 7.76
N GLN B 1703 -16.47 -2.94 6.76
CA GLN B 1703 -17.70 -2.18 7.02
C GLN B 1703 -18.68 -2.98 7.87
N ALA B 1704 -18.69 -4.31 7.74
CA ALA B 1704 -19.47 -5.13 8.65
C ALA B 1704 -18.97 -4.98 10.08
N LYS B 1705 -17.65 -4.99 10.27
CA LYS B 1705 -17.08 -4.74 11.59
C LYS B 1705 -17.46 -3.36 12.10
N LEU B 1706 -17.41 -2.36 11.22
CA LEU B 1706 -17.76 -1.00 11.62
C LEU B 1706 -19.23 -0.88 12.02
N SER B 1707 -20.12 -1.54 11.28
CA SER B 1707 -21.54 -1.52 11.62
C SER B 1707 -21.80 -2.25 12.93
N ALA B 1708 -21.13 -3.38 13.15
CA ALA B 1708 -21.27 -4.09 14.42
C ALA B 1708 -20.77 -3.23 15.57
N ALA B 1709 -19.65 -2.54 15.37
CA ALA B 1709 -19.12 -1.65 16.40
C ALA B 1709 -20.06 -0.48 16.65
N LYS B 1710 -20.70 0.04 15.59
CA LYS B 1710 -21.67 1.12 15.76
C LYS B 1710 -22.87 0.65 16.57
N HIS B 1711 -23.37 -0.54 16.28
CA HIS B 1711 -24.48 -1.09 17.06
C HIS B 1711 -24.07 -1.33 18.50
N ALA B 1712 -22.87 -1.83 18.73
CA ALA B 1712 -22.38 -2.02 20.10
C ALA B 1712 -22.25 -0.69 20.82
N LEU B 1713 -21.80 0.36 20.11
CA LEU B 1713 -21.73 1.69 20.71
C LEU B 1713 -23.10 2.19 21.08
N GLN B 1714 -24.10 1.99 20.21
CA GLN B 1714 -25.46 2.40 20.54
C GLN B 1714 -25.98 1.64 21.75
N GLN B 1715 -25.71 0.34 21.82
CA GLN B 1715 -26.15 -0.44 22.97
C GLN B 1715 -25.48 0.04 24.25
N LEU B 1716 -24.18 0.34 24.18
CA LEU B 1716 -23.48 0.84 25.37
C LEU B 1716 -24.01 2.19 25.80
N SER B 1717 -24.32 3.06 24.84
CA SER B 1717 -24.89 4.36 25.17
C SER B 1717 -26.26 4.21 25.82
N LYS B 1718 -27.09 3.29 25.31
CA LYS B 1718 -28.38 3.04 25.92
C LYS B 1718 -28.24 2.46 27.31
N CYS B 1719 -27.28 1.55 27.50
CA CYS B 1719 -27.02 0.99 28.82
C CYS B 1719 -26.57 2.06 29.81
N ASP B 1720 -25.66 2.93 29.38
CA ASP B 1720 -25.24 4.04 30.24
C ASP B 1720 -26.41 4.97 30.53
N ALA B 1721 -27.24 5.26 29.53
CA ALA B 1721 -28.42 6.08 29.72
C ALA B 1721 -29.49 5.33 30.48
MG MG D . -1.70 -34.10 -30.37
PB ADP E . -1.80 -36.29 -31.59
O1B ADP E . -1.52 -37.12 -32.83
O2B ADP E . -3.10 -35.52 -31.62
O3B ADP E . -0.62 -35.49 -31.11
PA ADP E . -0.70 -38.06 -29.81
O1A ADP E . 0.34 -38.12 -30.90
O2A ADP E . -0.36 -37.37 -28.52
O3A ADP E . -2.01 -37.40 -30.45
O5' ADP E . -1.15 -39.57 -29.50
C5' ADP E . -0.40 -40.66 -30.02
C4' ADP E . 0.37 -41.34 -28.90
O4' ADP E . 0.86 -42.61 -29.33
C3' ADP E . 1.57 -40.49 -28.49
O3' ADP E . 1.42 -40.00 -27.17
C2' ADP E . 2.76 -41.42 -28.56
O2' ADP E . 3.38 -41.51 -27.28
C1' ADP E . 2.23 -42.78 -28.97
N9 ADP E . 2.98 -43.23 -30.16
C8 ADP E . 2.48 -43.47 -31.38
N7 ADP E . 3.45 -43.87 -32.24
C5 ADP E . 4.61 -43.90 -31.55
C6 ADP E . 6.02 -44.22 -31.85
N6 ADP E . 6.41 -44.61 -33.07
N1 ADP E . 6.91 -44.11 -30.84
C2 ADP E . 6.55 -43.72 -29.62
N3 ADP E . 5.29 -43.40 -29.27
C4 ADP E . 4.29 -43.47 -30.19
MG MG F . -14.49 -42.91 -23.93
#